data_5BZJ
# 
_entry.id   5BZJ 
# 
_audit_conform.dict_name       mmcif_pdbx.dic 
_audit_conform.dict_version    5.398 
_audit_conform.dict_location   http://mmcif.pdb.org/dictionaries/ascii/mmcif_pdbx.dic 
# 
loop_
_database_2.database_id 
_database_2.database_code 
_database_2.pdbx_database_accession 
_database_2.pdbx_DOI 
PDB   5BZJ         pdb_00005bzj 10.2210/pdb5bzj/pdb 
WWPDB D_1000210169 ?            ?                   
# 
loop_
_pdbx_audit_revision_history.ordinal 
_pdbx_audit_revision_history.data_content_type 
_pdbx_audit_revision_history.major_revision 
_pdbx_audit_revision_history.minor_revision 
_pdbx_audit_revision_history.revision_date 
1 'Structure model' 1 0 2016-06-29 
2 'Structure model' 1 1 2024-11-13 
# 
_pdbx_audit_revision_details.ordinal             1 
_pdbx_audit_revision_details.revision_ordinal    1 
_pdbx_audit_revision_details.data_content_type   'Structure model' 
_pdbx_audit_revision_details.provider            repository 
_pdbx_audit_revision_details.type                'Initial release' 
_pdbx_audit_revision_details.description         ? 
_pdbx_audit_revision_details.details             ? 
# 
loop_
_pdbx_audit_revision_group.ordinal 
_pdbx_audit_revision_group.revision_ordinal 
_pdbx_audit_revision_group.data_content_type 
_pdbx_audit_revision_group.group 
1 2 'Structure model' 'Data collection'      
2 2 'Structure model' 'Database references'  
3 2 'Structure model' 'Derived calculations' 
4 2 'Structure model' 'Structure summary'    
# 
loop_
_pdbx_audit_revision_category.ordinal 
_pdbx_audit_revision_category.revision_ordinal 
_pdbx_audit_revision_category.data_content_type 
_pdbx_audit_revision_category.category 
1 2 'Structure model' chem_comp_atom              
2 2 'Structure model' chem_comp_bond              
3 2 'Structure model' citation                    
4 2 'Structure model' database_2                  
5 2 'Structure model' diffrn_radiation_wavelength 
6 2 'Structure model' pdbx_entry_details          
7 2 'Structure model' pdbx_modification_feature   
8 2 'Structure model' pdbx_struct_oper_list       
# 
loop_
_pdbx_audit_revision_item.ordinal 
_pdbx_audit_revision_item.revision_ordinal 
_pdbx_audit_revision_item.data_content_type 
_pdbx_audit_revision_item.item 
1 2 'Structure model' '_citation.journal_id_CSD'                  
2 2 'Structure model' '_database_2.pdbx_DOI'                      
3 2 'Structure model' '_database_2.pdbx_database_accession'       
4 2 'Structure model' '_pdbx_struct_oper_list.symmetry_operation' 
# 
_pdbx_database_status.status_code                     REL 
_pdbx_database_status.status_code_sf                  REL 
_pdbx_database_status.status_code_mr                  ? 
_pdbx_database_status.entry_id                        5BZJ 
_pdbx_database_status.recvd_initial_deposition_date   2015-06-11 
_pdbx_database_status.SG_entry                        N 
_pdbx_database_status.deposit_site                    RCSB 
_pdbx_database_status.process_site                    RCSB 
_pdbx_database_status.status_code_cs                  ? 
_pdbx_database_status.methods_development_category    ? 
_pdbx_database_status.pdb_format_compatible           Y 
_pdbx_database_status.status_code_nmr_data            ? 
# 
loop_
_pdbx_database_related.content_type 
_pdbx_database_related.db_id 
_pdbx_database_related.db_name 
_pdbx_database_related.details 
unspecified 5BZC PDB . 
unspecified 5BZE PDB . 
unspecified 5BZF PDB . 
unspecified 5BZG PDB . 
unspecified 5BZH PDB . 
unspecified 5BZI PDB . 
unspecified 5BZJ PDB . 
unspecified 5BZM PDB . 
unspecified 5BZN PDB . 
unspecified 5BZO PDB . 
unspecified 5BZP PDB . 
unspecified 5BZR PDB . 
unspecified 5BZS PDB . 
unspecified 5BZT PDB . 
# 
loop_
_audit_author.name 
_audit_author.pdbx_ordinal 
'Liu, L.K.'    1 
'Finzel, B.C.' 2 
# 
_citation.abstract                  ? 
_citation.abstract_id_CAS           ? 
_citation.book_id_ISBN              ? 
_citation.book_publisher            ? 
_citation.book_publisher_city       ? 
_citation.book_title                ? 
_citation.coordinate_linkage        ? 
_citation.country                   ? 
_citation.database_id_Medline       ? 
_citation.details                   ? 
_citation.id                        primary 
_citation.journal_abbrev            'To Be Published' 
_citation.journal_id_ASTM           ? 
_citation.journal_id_CSD            0353 
_citation.journal_id_ISSN           ? 
_citation.journal_full              ? 
_citation.journal_issue             ? 
_citation.journal_volume            ? 
_citation.language                  ? 
_citation.page_first                ? 
_citation.page_last                 ? 
_citation.title                     'Crystal structure of the murine cd44 hyaluronan binding domain complex with a small molecule' 
_citation.year                      ? 
_citation.database_id_CSD           ? 
_citation.pdbx_database_id_DOI      ? 
_citation.pdbx_database_id_PubMed   ? 
_citation.unpublished_flag          ? 
# 
loop_
_citation_author.citation_id 
_citation_author.name 
_citation_author.ordinal 
_citation_author.identifier_ORCID 
primary 'Liu, L.K.'    1 ? 
primary 'Finzel, B.C.' 2 ? 
# 
loop_
_entity.id 
_entity.type 
_entity.src_method 
_entity.pdbx_description 
_entity.formula_weight 
_entity.pdbx_number_of_molecules 
_entity.pdbx_ec 
_entity.pdbx_mutation 
_entity.pdbx_fragment 
_entity.details 
1 polymer     man 'CD44 antigen'                                                                 16855.803 1  ? 'H23M; Q24N' 
'HYALURONAN BINDING DOMAIN, unp residues 21-171' ? 
2 non-polymer syn 'DIMETHYL SULFOXIDE'                                                           78.133    1  ? ?            ? ? 
3 non-polymer syn 'SULFATE ION'                                                                  96.063    2  ? ?            ? ? 
4 non-polymer syn '2-[2-(1-methyl-1H-imidazol-2-yl)ethyl]-1,2,3,4-tetrahydroisoquinolin-8-amine' 256.346   1  ? ?            ? ? 
5 water       nat water                                                                          18.015    83 ? ?            ? ? 
# 
_entity_name_com.entity_id   1 
_entity_name_com.name        
;Extracellular matrix receptor III,ECMR-III,GP90 lymphocyte homing/adhesion receptor,HUTCH-I,Hermes antigen,Hyaluronate receptor,Lymphocyte antigen 24,Ly-24,Phagocytic glycoprotein 1,PGP-1,Phagocytic glycoprotein I,PGP-I
;
# 
_entity_poly.entity_id                      1 
_entity_poly.type                           'polypeptide(L)' 
_entity_poly.nstd_linkage                   no 
_entity_poly.nstd_monomer                   no 
_entity_poly.pdbx_seq_one_letter_code       
;MNQIDLNVTCRYAGVFHVEKNGRYSISRTEAADLCQAFNSTLPTMDQMKLALSKGFETCRYGFIEGNVVIPRIHPNAICA
ANHTGVYILVTSNTSHYDTYCFNASAPPEEDCTSVTDLPNSFDGPVTITIVNRDGTRYSKKGEYRTHQEDI
;
_entity_poly.pdbx_seq_one_letter_code_can   
;MNQIDLNVTCRYAGVFHVEKNGRYSISRTEAADLCQAFNSTLPTMDQMKLALSKGFETCRYGFIEGNVVIPRIHPNAICA
ANHTGVYILVTSNTSHYDTYCFNASAPPEEDCTSVTDLPNSFDGPVTITIVNRDGTRYSKKGEYRTHQEDI
;
_entity_poly.pdbx_strand_id                 A 
_entity_poly.pdbx_target_identifier         ? 
# 
loop_
_pdbx_entity_nonpoly.entity_id 
_pdbx_entity_nonpoly.name 
_pdbx_entity_nonpoly.comp_id 
2 'DIMETHYL SULFOXIDE'                                                           DMS 
3 'SULFATE ION'                                                                  SO4 
4 '2-[2-(1-methyl-1H-imidazol-2-yl)ethyl]-1,2,3,4-tetrahydroisoquinolin-8-amine' 4WN 
5 water                                                                          HOH 
# 
loop_
_entity_poly_seq.entity_id 
_entity_poly_seq.num 
_entity_poly_seq.mon_id 
_entity_poly_seq.hetero 
1 1   MET n 
1 2   ASN n 
1 3   GLN n 
1 4   ILE n 
1 5   ASP n 
1 6   LEU n 
1 7   ASN n 
1 8   VAL n 
1 9   THR n 
1 10  CYS n 
1 11  ARG n 
1 12  TYR n 
1 13  ALA n 
1 14  GLY n 
1 15  VAL n 
1 16  PHE n 
1 17  HIS n 
1 18  VAL n 
1 19  GLU n 
1 20  LYS n 
1 21  ASN n 
1 22  GLY n 
1 23  ARG n 
1 24  TYR n 
1 25  SER n 
1 26  ILE n 
1 27  SER n 
1 28  ARG n 
1 29  THR n 
1 30  GLU n 
1 31  ALA n 
1 32  ALA n 
1 33  ASP n 
1 34  LEU n 
1 35  CYS n 
1 36  GLN n 
1 37  ALA n 
1 38  PHE n 
1 39  ASN n 
1 40  SER n 
1 41  THR n 
1 42  LEU n 
1 43  PRO n 
1 44  THR n 
1 45  MET n 
1 46  ASP n 
1 47  GLN n 
1 48  MET n 
1 49  LYS n 
1 50  LEU n 
1 51  ALA n 
1 52  LEU n 
1 53  SER n 
1 54  LYS n 
1 55  GLY n 
1 56  PHE n 
1 57  GLU n 
1 58  THR n 
1 59  CYS n 
1 60  ARG n 
1 61  TYR n 
1 62  GLY n 
1 63  PHE n 
1 64  ILE n 
1 65  GLU n 
1 66  GLY n 
1 67  ASN n 
1 68  VAL n 
1 69  VAL n 
1 70  ILE n 
1 71  PRO n 
1 72  ARG n 
1 73  ILE n 
1 74  HIS n 
1 75  PRO n 
1 76  ASN n 
1 77  ALA n 
1 78  ILE n 
1 79  CYS n 
1 80  ALA n 
1 81  ALA n 
1 82  ASN n 
1 83  HIS n 
1 84  THR n 
1 85  GLY n 
1 86  VAL n 
1 87  TYR n 
1 88  ILE n 
1 89  LEU n 
1 90  VAL n 
1 91  THR n 
1 92  SER n 
1 93  ASN n 
1 94  THR n 
1 95  SER n 
1 96  HIS n 
1 97  TYR n 
1 98  ASP n 
1 99  THR n 
1 100 TYR n 
1 101 CYS n 
1 102 PHE n 
1 103 ASN n 
1 104 ALA n 
1 105 SER n 
1 106 ALA n 
1 107 PRO n 
1 108 PRO n 
1 109 GLU n 
1 110 GLU n 
1 111 ASP n 
1 112 CYS n 
1 113 THR n 
1 114 SER n 
1 115 VAL n 
1 116 THR n 
1 117 ASP n 
1 118 LEU n 
1 119 PRO n 
1 120 ASN n 
1 121 SER n 
1 122 PHE n 
1 123 ASP n 
1 124 GLY n 
1 125 PRO n 
1 126 VAL n 
1 127 THR n 
1 128 ILE n 
1 129 THR n 
1 130 ILE n 
1 131 VAL n 
1 132 ASN n 
1 133 ARG n 
1 134 ASP n 
1 135 GLY n 
1 136 THR n 
1 137 ARG n 
1 138 TYR n 
1 139 SER n 
1 140 LYS n 
1 141 LYS n 
1 142 GLY n 
1 143 GLU n 
1 144 TYR n 
1 145 ARG n 
1 146 THR n 
1 147 HIS n 
1 148 GLN n 
1 149 GLU n 
1 150 ASP n 
1 151 ILE n 
# 
_entity_src_gen.entity_id                          1 
_entity_src_gen.pdbx_src_id                        1 
_entity_src_gen.pdbx_alt_source_flag               sample 
_entity_src_gen.pdbx_seq_type                      'Biological sequence' 
_entity_src_gen.pdbx_beg_seq_num                   1 
_entity_src_gen.pdbx_end_seq_num                   151 
_entity_src_gen.gene_src_common_name               Mouse 
_entity_src_gen.gene_src_genus                     ? 
_entity_src_gen.pdbx_gene_src_gene                 'Cd44, Ly-24' 
_entity_src_gen.gene_src_species                   ? 
_entity_src_gen.gene_src_strain                    ? 
_entity_src_gen.gene_src_tissue                    ? 
_entity_src_gen.gene_src_tissue_fraction           ? 
_entity_src_gen.gene_src_details                   ? 
_entity_src_gen.pdbx_gene_src_fragment             ? 
_entity_src_gen.pdbx_gene_src_scientific_name      'Mus musculus' 
_entity_src_gen.pdbx_gene_src_ncbi_taxonomy_id     10090 
_entity_src_gen.pdbx_gene_src_variant              ? 
_entity_src_gen.pdbx_gene_src_cell_line            ? 
_entity_src_gen.pdbx_gene_src_atcc                 ? 
_entity_src_gen.pdbx_gene_src_organ                ? 
_entity_src_gen.pdbx_gene_src_organelle            ? 
_entity_src_gen.pdbx_gene_src_cell                 ? 
_entity_src_gen.pdbx_gene_src_cellular_location    ? 
_entity_src_gen.host_org_common_name               ? 
_entity_src_gen.pdbx_host_org_scientific_name      'Escherichia coli' 
_entity_src_gen.pdbx_host_org_ncbi_taxonomy_id     469008 
_entity_src_gen.host_org_genus                     ? 
_entity_src_gen.pdbx_host_org_gene                 ? 
_entity_src_gen.pdbx_host_org_organ                ? 
_entity_src_gen.host_org_species                   ? 
_entity_src_gen.pdbx_host_org_tissue               ? 
_entity_src_gen.pdbx_host_org_tissue_fraction      ? 
_entity_src_gen.pdbx_host_org_strain               'BL21(DE3)' 
_entity_src_gen.pdbx_host_org_variant              ? 
_entity_src_gen.pdbx_host_org_cell_line            ? 
_entity_src_gen.pdbx_host_org_atcc                 ? 
_entity_src_gen.pdbx_host_org_culture_collection   ? 
_entity_src_gen.pdbx_host_org_cell                 ? 
_entity_src_gen.pdbx_host_org_organelle            ? 
_entity_src_gen.pdbx_host_org_cellular_location    ? 
_entity_src_gen.pdbx_host_org_vector_type          plasmid 
_entity_src_gen.pdbx_host_org_vector               ? 
_entity_src_gen.host_org_details                   ? 
_entity_src_gen.expression_system_id               ? 
_entity_src_gen.plasmid_name                       pMCSG7 
_entity_src_gen.plasmid_details                    ? 
_entity_src_gen.pdbx_description                   ? 
# 
loop_
_chem_comp.id 
_chem_comp.type 
_chem_comp.mon_nstd_flag 
_chem_comp.name 
_chem_comp.pdbx_synonyms 
_chem_comp.formula 
_chem_comp.formula_weight 
4WN non-polymer         . '2-[2-(1-methyl-1H-imidazol-2-yl)ethyl]-1,2,3,4-tetrahydroisoquinolin-8-amine' ? 'C15 H20 N4'     
256.346 
ALA 'L-peptide linking' y ALANINE                                                                        ? 'C3 H7 N O2'     89.093 
ARG 'L-peptide linking' y ARGININE                                                                       ? 'C6 H15 N4 O2 1' 
175.209 
ASN 'L-peptide linking' y ASPARAGINE                                                                     ? 'C4 H8 N2 O3'    
132.118 
ASP 'L-peptide linking' y 'ASPARTIC ACID'                                                                ? 'C4 H7 N O4'     
133.103 
CYS 'L-peptide linking' y CYSTEINE                                                                       ? 'C3 H7 N O2 S'   
121.158 
DMS non-polymer         . 'DIMETHYL SULFOXIDE'                                                           ? 'C2 H6 O S'      78.133 
GLN 'L-peptide linking' y GLUTAMINE                                                                      ? 'C5 H10 N2 O3'   
146.144 
GLU 'L-peptide linking' y 'GLUTAMIC ACID'                                                                ? 'C5 H9 N O4'     
147.129 
GLY 'peptide linking'   y GLYCINE                                                                        ? 'C2 H5 N O2'     75.067 
HIS 'L-peptide linking' y HISTIDINE                                                                      ? 'C6 H10 N3 O2 1' 
156.162 
HOH non-polymer         . WATER                                                                          ? 'H2 O'           18.015 
ILE 'L-peptide linking' y ISOLEUCINE                                                                     ? 'C6 H13 N O2'    
131.173 
LEU 'L-peptide linking' y LEUCINE                                                                        ? 'C6 H13 N O2'    
131.173 
LYS 'L-peptide linking' y LYSINE                                                                         ? 'C6 H15 N2 O2 1' 
147.195 
MET 'L-peptide linking' y METHIONINE                                                                     ? 'C5 H11 N O2 S'  
149.211 
PHE 'L-peptide linking' y PHENYLALANINE                                                                  ? 'C9 H11 N O2'    
165.189 
PRO 'L-peptide linking' y PROLINE                                                                        ? 'C5 H9 N O2'     
115.130 
SER 'L-peptide linking' y SERINE                                                                         ? 'C3 H7 N O3'     
105.093 
SO4 non-polymer         . 'SULFATE ION'                                                                  ? 'O4 S -2'        96.063 
THR 'L-peptide linking' y THREONINE                                                                      ? 'C4 H9 N O3'     
119.119 
TYR 'L-peptide linking' y TYROSINE                                                                       ? 'C9 H11 N O3'    
181.189 
VAL 'L-peptide linking' y VALINE                                                                         ? 'C5 H11 N O2'    
117.146 
# 
loop_
_pdbx_poly_seq_scheme.asym_id 
_pdbx_poly_seq_scheme.entity_id 
_pdbx_poly_seq_scheme.seq_id 
_pdbx_poly_seq_scheme.mon_id 
_pdbx_poly_seq_scheme.ndb_seq_num 
_pdbx_poly_seq_scheme.pdb_seq_num 
_pdbx_poly_seq_scheme.auth_seq_num 
_pdbx_poly_seq_scheme.pdb_mon_id 
_pdbx_poly_seq_scheme.auth_mon_id 
_pdbx_poly_seq_scheme.pdb_strand_id 
_pdbx_poly_seq_scheme.pdb_ins_code 
_pdbx_poly_seq_scheme.hetero 
A 1 1   MET 1   23  ?   ?   ?   A . n 
A 1 2   ASN 2   24  24  ASN ASN A . n 
A 1 3   GLN 3   25  25  GLN GLN A . n 
A 1 4   ILE 4   26  26  ILE ILE A . n 
A 1 5   ASP 5   27  27  ASP ASP A . n 
A 1 6   LEU 6   28  28  LEU LEU A . n 
A 1 7   ASN 7   29  29  ASN ASN A . n 
A 1 8   VAL 8   30  30  VAL VAL A . n 
A 1 9   THR 9   31  31  THR THR A . n 
A 1 10  CYS 10  32  32  CYS CYS A . n 
A 1 11  ARG 11  33  33  ARG ARG A . n 
A 1 12  TYR 12  34  34  TYR TYR A . n 
A 1 13  ALA 13  35  35  ALA ALA A . n 
A 1 14  GLY 14  36  36  GLY GLY A . n 
A 1 15  VAL 15  37  37  VAL VAL A . n 
A 1 16  PHE 16  38  38  PHE PHE A . n 
A 1 17  HIS 17  39  39  HIS HIS A . n 
A 1 18  VAL 18  40  40  VAL VAL A . n 
A 1 19  GLU 19  41  41  GLU GLU A . n 
A 1 20  LYS 20  42  42  LYS LYS A . n 
A 1 21  ASN 21  43  43  ASN ASN A . n 
A 1 22  GLY 22  44  44  GLY GLY A . n 
A 1 23  ARG 23  45  45  ARG ARG A . n 
A 1 24  TYR 24  46  46  TYR TYR A . n 
A 1 25  SER 25  47  47  SER SER A . n 
A 1 26  ILE 26  48  48  ILE ILE A . n 
A 1 27  SER 27  49  49  SER SER A . n 
A 1 28  ARG 28  50  50  ARG ARG A . n 
A 1 29  THR 29  51  51  THR THR A . n 
A 1 30  GLU 30  52  52  GLU GLU A . n 
A 1 31  ALA 31  53  53  ALA ALA A . n 
A 1 32  ALA 32  54  54  ALA ALA A . n 
A 1 33  ASP 33  55  55  ASP ASP A . n 
A 1 34  LEU 34  56  56  LEU LEU A . n 
A 1 35  CYS 35  57  57  CYS CYS A . n 
A 1 36  GLN 36  58  58  GLN GLN A . n 
A 1 37  ALA 37  59  59  ALA ALA A . n 
A 1 38  PHE 38  60  60  PHE PHE A . n 
A 1 39  ASN 39  61  61  ASN ASN A . n 
A 1 40  SER 40  62  62  SER SER A . n 
A 1 41  THR 41  63  63  THR THR A . n 
A 1 42  LEU 42  64  64  LEU LEU A . n 
A 1 43  PRO 43  65  65  PRO PRO A . n 
A 1 44  THR 44  66  66  THR THR A . n 
A 1 45  MET 45  67  67  MET MET A . n 
A 1 46  ASP 46  68  68  ASP ASP A . n 
A 1 47  GLN 47  69  69  GLN GLN A . n 
A 1 48  MET 48  70  70  MET MET A . n 
A 1 49  LYS 49  71  71  LYS LYS A . n 
A 1 50  LEU 50  72  72  LEU LEU A . n 
A 1 51  ALA 51  73  73  ALA ALA A . n 
A 1 52  LEU 52  74  74  LEU LEU A . n 
A 1 53  SER 53  75  75  SER SER A . n 
A 1 54  LYS 54  76  76  LYS LYS A . n 
A 1 55  GLY 55  77  77  GLY GLY A . n 
A 1 56  PHE 56  78  78  PHE PHE A . n 
A 1 57  GLU 57  79  79  GLU GLU A . n 
A 1 58  THR 58  80  80  THR THR A . n 
A 1 59  CYS 59  81  81  CYS CYS A . n 
A 1 60  ARG 60  82  82  ARG ARG A . n 
A 1 61  TYR 61  83  83  TYR TYR A . n 
A 1 62  GLY 62  84  84  GLY GLY A . n 
A 1 63  PHE 63  85  85  PHE PHE A . n 
A 1 64  ILE 64  86  86  ILE ILE A . n 
A 1 65  GLU 65  87  87  GLU GLU A . n 
A 1 66  GLY 66  88  88  GLY GLY A . n 
A 1 67  ASN 67  89  89  ASN ASN A . n 
A 1 68  VAL 68  90  90  VAL VAL A . n 
A 1 69  VAL 69  91  91  VAL VAL A . n 
A 1 70  ILE 70  92  92  ILE ILE A . n 
A 1 71  PRO 71  93  93  PRO PRO A . n 
A 1 72  ARG 72  94  94  ARG ARG A . n 
A 1 73  ILE 73  95  95  ILE ILE A . n 
A 1 74  HIS 74  96  96  HIS HIS A . n 
A 1 75  PRO 75  97  97  PRO PRO A . n 
A 1 76  ASN 76  98  98  ASN ASN A . n 
A 1 77  ALA 77  99  99  ALA ALA A . n 
A 1 78  ILE 78  100 100 ILE ILE A . n 
A 1 79  CYS 79  101 101 CYS CYS A . n 
A 1 80  ALA 80  102 102 ALA ALA A . n 
A 1 81  ALA 81  103 103 ALA ALA A . n 
A 1 82  ASN 82  104 104 ASN ASN A . n 
A 1 83  HIS 83  105 105 HIS HIS A . n 
A 1 84  THR 84  106 106 THR THR A . n 
A 1 85  GLY 85  107 107 GLY GLY A . n 
A 1 86  VAL 86  108 108 VAL VAL A . n 
A 1 87  TYR 87  109 109 TYR TYR A . n 
A 1 88  ILE 88  110 110 ILE ILE A . n 
A 1 89  LEU 89  111 111 LEU LEU A . n 
A 1 90  VAL 90  112 112 VAL VAL A . n 
A 1 91  THR 91  113 113 THR THR A . n 
A 1 92  SER 92  114 114 SER SER A . n 
A 1 93  ASN 93  115 115 ASN ASN A . n 
A 1 94  THR 94  116 116 THR THR A . n 
A 1 95  SER 95  117 117 SER SER A . n 
A 1 96  HIS 96  118 118 HIS HIS A . n 
A 1 97  TYR 97  119 119 TYR TYR A . n 
A 1 98  ASP 98  120 120 ASP ASP A . n 
A 1 99  THR 99  121 121 THR THR A . n 
A 1 100 TYR 100 122 122 TYR TYR A . n 
A 1 101 CYS 101 123 123 CYS CYS A . n 
A 1 102 PHE 102 124 124 PHE PHE A . n 
A 1 103 ASN 103 125 125 ASN ASN A . n 
A 1 104 ALA 104 126 126 ALA ALA A . n 
A 1 105 SER 105 127 127 SER SER A . n 
A 1 106 ALA 106 128 128 ALA ALA A . n 
A 1 107 PRO 107 129 129 PRO PRO A . n 
A 1 108 PRO 108 130 130 PRO PRO A . n 
A 1 109 GLU 109 131 131 GLU GLU A . n 
A 1 110 GLU 110 132 132 GLU GLU A . n 
A 1 111 ASP 111 133 133 ASP ASP A . n 
A 1 112 CYS 112 134 134 CYS CYS A . n 
A 1 113 THR 113 135 135 THR THR A . n 
A 1 114 SER 114 136 136 SER SER A . n 
A 1 115 VAL 115 137 137 VAL VAL A . n 
A 1 116 THR 116 138 138 THR THR A . n 
A 1 117 ASP 117 139 139 ASP ASP A . n 
A 1 118 LEU 118 140 140 LEU LEU A . n 
A 1 119 PRO 119 141 141 PRO PRO A . n 
A 1 120 ASN 120 142 142 ASN ASN A . n 
A 1 121 SER 121 143 143 SER SER A . n 
A 1 122 PHE 122 144 144 PHE PHE A . n 
A 1 123 ASP 123 145 145 ASP ASP A . n 
A 1 124 GLY 124 146 146 GLY GLY A . n 
A 1 125 PRO 125 147 147 PRO PRO A . n 
A 1 126 VAL 126 148 148 VAL VAL A . n 
A 1 127 THR 127 149 149 THR THR A . n 
A 1 128 ILE 128 150 150 ILE ILE A . n 
A 1 129 THR 129 151 151 THR THR A . n 
A 1 130 ILE 130 152 152 ILE ILE A . n 
A 1 131 VAL 131 153 153 VAL VAL A . n 
A 1 132 ASN 132 154 154 ASN ASN A . n 
A 1 133 ARG 133 155 155 ARG ARG A . n 
A 1 134 ASP 134 156 156 ASP ASP A . n 
A 1 135 GLY 135 157 157 GLY GLY A . n 
A 1 136 THR 136 158 158 THR THR A . n 
A 1 137 ARG 137 159 159 ARG ARG A . n 
A 1 138 TYR 138 160 160 TYR TYR A . n 
A 1 139 SER 139 161 161 SER SER A . n 
A 1 140 LYS 140 162 162 LYS LYS A . n 
A 1 141 LYS 141 163 163 LYS LYS A . n 
A 1 142 GLY 142 164 164 GLY GLY A . n 
A 1 143 GLU 143 165 165 GLU GLU A . n 
A 1 144 TYR 144 166 166 TYR TYR A . n 
A 1 145 ARG 145 167 167 ARG ARG A . n 
A 1 146 THR 146 168 168 THR THR A . n 
A 1 147 HIS 147 169 169 HIS HIS A . n 
A 1 148 GLN 148 170 170 GLN GLN A . n 
A 1 149 GLU 149 171 171 GLU GLU A . n 
A 1 150 ASP 150 172 172 ASP ASP A . n 
A 1 151 ILE 151 173 173 ILE ILE A . n 
# 
loop_
_pdbx_nonpoly_scheme.asym_id 
_pdbx_nonpoly_scheme.entity_id 
_pdbx_nonpoly_scheme.mon_id 
_pdbx_nonpoly_scheme.ndb_seq_num 
_pdbx_nonpoly_scheme.pdb_seq_num 
_pdbx_nonpoly_scheme.auth_seq_num 
_pdbx_nonpoly_scheme.pdb_mon_id 
_pdbx_nonpoly_scheme.auth_mon_id 
_pdbx_nonpoly_scheme.pdb_strand_id 
_pdbx_nonpoly_scheme.pdb_ins_code 
B 2 DMS 1  201 1  DMS DMS A . 
C 3 SO4 1  202 1  SO4 SO4 A . 
D 3 SO4 1  203 2  SO4 SO4 A . 
E 4 4WN 1  204 1  4WN DRG A . 
F 5 HOH 1  301 82 HOH HOH A . 
F 5 HOH 2  302 78 HOH HOH A . 
F 5 HOH 3  303 44 HOH HOH A . 
F 5 HOH 4  304 50 HOH HOH A . 
F 5 HOH 5  305 56 HOH HOH A . 
F 5 HOH 6  306 18 HOH HOH A . 
F 5 HOH 7  307 34 HOH HOH A . 
F 5 HOH 8  308 49 HOH HOH A . 
F 5 HOH 9  309 47 HOH HOH A . 
F 5 HOH 10 310 4  HOH HOH A . 
F 5 HOH 11 311 7  HOH HOH A . 
F 5 HOH 12 312 29 HOH HOH A . 
F 5 HOH 13 313 3  HOH HOH A . 
F 5 HOH 14 314 13 HOH HOH A . 
F 5 HOH 15 315 2  HOH HOH A . 
F 5 HOH 16 316 24 HOH HOH A . 
F 5 HOH 17 317 26 HOH HOH A . 
F 5 HOH 18 318 69 HOH HOH A . 
F 5 HOH 19 319 10 HOH HOH A . 
F 5 HOH 20 320 12 HOH HOH A . 
F 5 HOH 21 321 60 HOH HOH A . 
F 5 HOH 22 322 74 HOH HOH A . 
F 5 HOH 23 323 38 HOH HOH A . 
F 5 HOH 24 324 75 HOH HOH A . 
F 5 HOH 25 325 51 HOH HOH A . 
F 5 HOH 26 326 58 HOH HOH A . 
F 5 HOH 27 327 72 HOH HOH A . 
F 5 HOH 28 328 68 HOH HOH A . 
F 5 HOH 29 329 1  HOH HOH A . 
F 5 HOH 30 330 16 HOH HOH A . 
F 5 HOH 31 331 63 HOH HOH A . 
F 5 HOH 32 332 53 HOH HOH A . 
F 5 HOH 33 333 5  HOH HOH A . 
F 5 HOH 34 334 21 HOH HOH A . 
F 5 HOH 35 335 33 HOH HOH A . 
F 5 HOH 36 336 70 HOH HOH A . 
F 5 HOH 37 337 40 HOH HOH A . 
F 5 HOH 38 338 17 HOH HOH A . 
F 5 HOH 39 339 19 HOH HOH A . 
F 5 HOH 40 340 8  HOH HOH A . 
F 5 HOH 41 341 6  HOH HOH A . 
F 5 HOH 42 342 43 HOH HOH A . 
F 5 HOH 43 343 46 HOH HOH A . 
F 5 HOH 44 344 25 HOH HOH A . 
F 5 HOH 45 345 65 HOH HOH A . 
F 5 HOH 46 346 48 HOH HOH A . 
F 5 HOH 47 347 23 HOH HOH A . 
F 5 HOH 48 348 77 HOH HOH A . 
F 5 HOH 49 349 61 HOH HOH A . 
F 5 HOH 50 350 45 HOH HOH A . 
F 5 HOH 51 351 35 HOH HOH A . 
F 5 HOH 52 352 41 HOH HOH A . 
F 5 HOH 53 353 55 HOH HOH A . 
F 5 HOH 54 354 79 HOH HOH A . 
F 5 HOH 55 355 36 HOH HOH A . 
F 5 HOH 56 356 39 HOH HOH A . 
F 5 HOH 57 357 20 HOH HOH A . 
F 5 HOH 58 358 64 HOH HOH A . 
F 5 HOH 59 359 27 HOH HOH A . 
F 5 HOH 60 360 14 HOH HOH A . 
F 5 HOH 61 361 83 HOH HOH A . 
F 5 HOH 62 362 28 HOH HOH A . 
F 5 HOH 63 363 81 HOH HOH A . 
F 5 HOH 64 364 32 HOH HOH A . 
F 5 HOH 65 365 42 HOH HOH A . 
F 5 HOH 66 366 30 HOH HOH A . 
F 5 HOH 67 367 57 HOH HOH A . 
F 5 HOH 68 368 9  HOH HOH A . 
F 5 HOH 69 369 11 HOH HOH A . 
F 5 HOH 70 370 71 HOH HOH A . 
F 5 HOH 71 371 52 HOH HOH A . 
F 5 HOH 72 372 76 HOH HOH A . 
F 5 HOH 73 373 66 HOH HOH A . 
F 5 HOH 74 374 59 HOH HOH A . 
F 5 HOH 75 375 22 HOH HOH A . 
F 5 HOH 76 376 62 HOH HOH A . 
F 5 HOH 77 377 54 HOH HOH A . 
F 5 HOH 78 378 37 HOH HOH A . 
F 5 HOH 79 379 31 HOH HOH A . 
F 5 HOH 80 380 15 HOH HOH A . 
F 5 HOH 81 381 73 HOH HOH A . 
F 5 HOH 82 382 67 HOH HOH A . 
F 5 HOH 83 383 80 HOH HOH A . 
# 
loop_
_software.citation_id 
_software.classification 
_software.compiler_name 
_software.compiler_version 
_software.contact_author 
_software.contact_author_email 
_software.date 
_software.description 
_software.dependencies 
_software.hardware 
_software.language 
_software.location 
_software.mods 
_software.name 
_software.os 
_software.os_version 
_software.type 
_software.version 
_software.pdbx_ordinal 
? 'data scaling'    ? ? ? ? ? ? ? ? ? ? ? SCALA       ? ? ? .     1 
? phasing           ? ? ? ? ? ? ? ? ? ? ? PHASER      ? ? ? 2.1.4 2 
? refinement        ? ? ? ? ? ? ? ? ? ? ? REFMAC      ? ? ? .     3 
? 'data extraction' ? ? ? ? ? ? ? ? ? ? ? PDB_EXTRACT ? ? ? 3.15  4 
# 
_cell.angle_alpha                  90.000 
_cell.angle_alpha_esd              ? 
_cell.angle_beta                   118.110 
_cell.angle_beta_esd               ? 
_cell.angle_gamma                  90.000 
_cell.angle_gamma_esd              ? 
_cell.entry_id                     5BZJ 
_cell.details                      ? 
_cell.formula_units_Z              ? 
_cell.length_a                     30.871 
_cell.length_a_esd                 ? 
_cell.length_b                     81.503 
_cell.length_b_esd                 ? 
_cell.length_c                     32.181 
_cell.length_c_esd                 ? 
_cell.volume                       ? 
_cell.volume_esd                   ? 
_cell.Z_PDB                        2 
_cell.reciprocal_angle_alpha       ? 
_cell.reciprocal_angle_beta        ? 
_cell.reciprocal_angle_gamma       ? 
_cell.reciprocal_angle_alpha_esd   ? 
_cell.reciprocal_angle_beta_esd    ? 
_cell.reciprocal_angle_gamma_esd   ? 
_cell.reciprocal_length_a          ? 
_cell.reciprocal_length_b          ? 
_cell.reciprocal_length_c          ? 
_cell.reciprocal_length_a_esd      ? 
_cell.reciprocal_length_b_esd      ? 
_cell.reciprocal_length_c_esd      ? 
_cell.pdbx_unique_axis             ? 
# 
_symmetry.entry_id                         5BZJ 
_symmetry.cell_setting                     ? 
_symmetry.Int_Tables_number                4 
_symmetry.space_group_name_Hall            ? 
_symmetry.space_group_name_H-M             'P 1 21 1' 
_symmetry.pdbx_full_space_group_name_H-M   ? 
# 
_exptl.absorpt_coefficient_mu     ? 
_exptl.absorpt_correction_T_max   ? 
_exptl.absorpt_correction_T_min   ? 
_exptl.absorpt_correction_type    ? 
_exptl.absorpt_process_details    ? 
_exptl.entry_id                   5BZJ 
_exptl.crystals_number            1 
_exptl.details                    ? 
_exptl.method                     'X-RAY DIFFRACTION' 
_exptl.method_details             ? 
# 
_exptl_crystal.colour                      ? 
_exptl_crystal.density_diffrn              ? 
_exptl_crystal.density_Matthews            2.14 
_exptl_crystal.density_method              ? 
_exptl_crystal.density_percent_sol         42.60 
_exptl_crystal.description                 ? 
_exptl_crystal.F_000                       ? 
_exptl_crystal.id                          1 
_exptl_crystal.preparation                 ? 
_exptl_crystal.size_max                    ? 
_exptl_crystal.size_mid                    ? 
_exptl_crystal.size_min                    ? 
_exptl_crystal.size_rad                    ? 
_exptl_crystal.colour_lustre               ? 
_exptl_crystal.colour_modifier             ? 
_exptl_crystal.colour_primary              ? 
_exptl_crystal.density_meas                ? 
_exptl_crystal.density_meas_esd            ? 
_exptl_crystal.density_meas_gt             ? 
_exptl_crystal.density_meas_lt             ? 
_exptl_crystal.density_meas_temp           ? 
_exptl_crystal.density_meas_temp_esd       ? 
_exptl_crystal.density_meas_temp_gt        ? 
_exptl_crystal.density_meas_temp_lt        ? 
_exptl_crystal.pdbx_crystal_image_url      ? 
_exptl_crystal.pdbx_crystal_image_format   ? 
_exptl_crystal.pdbx_mosaicity              ? 
_exptl_crystal.pdbx_mosaicity_esd          ? 
# 
_exptl_crystal_grow.apparatus       ? 
_exptl_crystal_grow.atmosphere      ? 
_exptl_crystal_grow.crystal_id      1 
_exptl_crystal_grow.details         ? 
_exptl_crystal_grow.method          'VAPOR DIFFUSION, HANGING DROP' 
_exptl_crystal_grow.method_ref      ? 
_exptl_crystal_grow.pH              6.5 
_exptl_crystal_grow.pressure        ? 
_exptl_crystal_grow.pressure_esd    ? 
_exptl_crystal_grow.seeding         ? 
_exptl_crystal_grow.seeding_ref     ? 
_exptl_crystal_grow.temp            298 
_exptl_crystal_grow.temp_details    ? 
_exptl_crystal_grow.temp_esd        ? 
_exptl_crystal_grow.time            ? 
_exptl_crystal_grow.pdbx_details    'PEG MME 5000, MES, (NH4)2SO4' 
_exptl_crystal_grow.pdbx_pH_range   ? 
# 
_diffrn.ambient_environment    ? 
_diffrn.ambient_temp           100 
_diffrn.ambient_temp_details   ? 
_diffrn.ambient_temp_esd       ? 
_diffrn.crystal_id             1 
_diffrn.crystal_support        ? 
_diffrn.crystal_treatment      ? 
_diffrn.details                ? 
_diffrn.id                     1 
_diffrn.ambient_pressure       ? 
_diffrn.ambient_pressure_esd   ? 
_diffrn.ambient_pressure_gt    ? 
_diffrn.ambient_pressure_lt    ? 
_diffrn.ambient_temp_gt        ? 
_diffrn.ambient_temp_lt        ? 
# 
_diffrn_detector.details                      ? 
_diffrn_detector.detector                     PIXEL 
_diffrn_detector.diffrn_id                    1 
_diffrn_detector.type                         'DECTRIS PILATUS 6M' 
_diffrn_detector.area_resol_mean              ? 
_diffrn_detector.dtime                        ? 
_diffrn_detector.pdbx_frames_total            ? 
_diffrn_detector.pdbx_collection_time_total   ? 
_diffrn_detector.pdbx_collection_date         2013-03-16 
# 
_diffrn_radiation.collimation                      ? 
_diffrn_radiation.diffrn_id                        1 
_diffrn_radiation.filter_edge                      ? 
_diffrn_radiation.inhomogeneity                    ? 
_diffrn_radiation.monochromator                    'Si(111)' 
_diffrn_radiation.polarisn_norm                    ? 
_diffrn_radiation.polarisn_ratio                   ? 
_diffrn_radiation.probe                            ? 
_diffrn_radiation.type                             ? 
_diffrn_radiation.xray_symbol                      ? 
_diffrn_radiation.wavelength_id                    1 
_diffrn_radiation.pdbx_monochromatic_or_laue_m_l   M 
_diffrn_radiation.pdbx_wavelength_list             ? 
_diffrn_radiation.pdbx_wavelength                  ? 
_diffrn_radiation.pdbx_diffrn_protocol             'SINGLE WAVELENGTH' 
_diffrn_radiation.pdbx_analyzer                    ? 
_diffrn_radiation.pdbx_scattering_type             x-ray 
# 
_diffrn_radiation_wavelength.id           1 
_diffrn_radiation_wavelength.wavelength   1.0 
_diffrn_radiation_wavelength.wt           1.0 
# 
_diffrn_source.current                     ? 
_diffrn_source.details                     ? 
_diffrn_source.diffrn_id                   1 
_diffrn_source.power                       ? 
_diffrn_source.size                        ? 
_diffrn_source.source                      SYNCHROTRON 
_diffrn_source.target                      ? 
_diffrn_source.type                        'APS BEAMLINE 17-ID' 
_diffrn_source.voltage                     ? 
_diffrn_source.take-off_angle              ? 
_diffrn_source.pdbx_wavelength_list        1.0 
_diffrn_source.pdbx_wavelength             ? 
_diffrn_source.pdbx_synchrotron_beamline   17-ID 
_diffrn_source.pdbx_synchrotron_site       APS 
# 
_reflns.B_iso_Wilson_estimate            ? 
_reflns.entry_id                         5BZJ 
_reflns.data_reduction_details           ? 
_reflns.data_reduction_method            ? 
_reflns.d_resolution_high                1.400 
_reflns.d_resolution_low                 81.503 
_reflns.details                          ? 
_reflns.limit_h_max                      ? 
_reflns.limit_h_min                      ? 
_reflns.limit_k_max                      ? 
_reflns.limit_k_min                      ? 
_reflns.limit_l_max                      ? 
_reflns.limit_l_min                      ? 
_reflns.number_all                       ? 
_reflns.number_obs                       26735 
_reflns.observed_criterion               ? 
_reflns.observed_criterion_F_max         ? 
_reflns.observed_criterion_F_min         ? 
_reflns.observed_criterion_I_max         ? 
_reflns.observed_criterion_I_min         ? 
_reflns.observed_criterion_sigma_F       ? 
_reflns.observed_criterion_sigma_I       ? 
_reflns.percent_possible_obs             97.000 
_reflns.R_free_details                   ? 
_reflns.Rmerge_F_all                     ? 
_reflns.Rmerge_F_obs                     ? 
_reflns.Friedel_coverage                 ? 
_reflns.number_gt                        ? 
_reflns.threshold_expression             ? 
_reflns.pdbx_redundancy                  3.400 
_reflns.pdbx_Rmerge_I_obs                0.073 
_reflns.pdbx_Rmerge_I_all                ? 
_reflns.pdbx_Rsym_value                  ? 
_reflns.pdbx_netI_over_av_sigmaI         ? 
_reflns.pdbx_netI_over_sigmaI            12 
_reflns.pdbx_res_netI_over_av_sigmaI_2   ? 
_reflns.pdbx_res_netI_over_sigmaI_2      ? 
_reflns.pdbx_chi_squared                 ? 
_reflns.pdbx_scaling_rejects             ? 
_reflns.pdbx_d_res_high_opt              ? 
_reflns.pdbx_d_res_low_opt               ? 
_reflns.pdbx_d_res_opt_method            ? 
_reflns.phase_calculation_details        ? 
_reflns.pdbx_Rrim_I_all                  ? 
_reflns.pdbx_Rpim_I_all                  ? 
_reflns.pdbx_d_opt                       ? 
_reflns.pdbx_number_measured_all         89871 
_reflns.pdbx_diffrn_id                   1 
_reflns.pdbx_ordinal                     1 
_reflns.pdbx_CC_half                     ? 
_reflns.pdbx_R_split                     ? 
# 
loop_
_reflns_shell.d_res_high 
_reflns_shell.d_res_low 
_reflns_shell.meanI_over_sigI_all 
_reflns_shell.meanI_over_sigI_obs 
_reflns_shell.number_measured_all 
_reflns_shell.number_measured_obs 
_reflns_shell.number_possible 
_reflns_shell.number_unique_all 
_reflns_shell.number_unique_obs 
_reflns_shell.percent_possible_all 
_reflns_shell.percent_possible_obs 
_reflns_shell.Rmerge_F_all 
_reflns_shell.Rmerge_F_obs 
_reflns_shell.Rmerge_I_all 
_reflns_shell.Rmerge_I_obs 
_reflns_shell.meanI_over_sigI_gt 
_reflns_shell.meanI_over_uI_all 
_reflns_shell.meanI_over_uI_gt 
_reflns_shell.number_measured_gt 
_reflns_shell.number_unique_gt 
_reflns_shell.percent_possible_gt 
_reflns_shell.Rmerge_F_gt 
_reflns_shell.Rmerge_I_gt 
_reflns_shell.pdbx_redundancy 
_reflns_shell.pdbx_Rsym_value 
_reflns_shell.pdbx_chi_squared 
_reflns_shell.pdbx_netI_over_sigmaI_all 
_reflns_shell.pdbx_netI_over_sigmaI_obs 
_reflns_shell.pdbx_Rrim_I_all 
_reflns_shell.pdbx_Rpim_I_all 
_reflns_shell.pdbx_rejects 
_reflns_shell.pdbx_ordinal 
_reflns_shell.pdbx_diffrn_id 
_reflns_shell.pdbx_CC_half 
_reflns_shell.pdbx_R_split 
1.400 1.405  ? ? 895 ? ? 258 ? 95.900 ? ? ? ? 0.149 ? ? ? ? ? ? ? ? 3.500 ? ? ? ? ? ? 0 1 1 ? ? 
6.497 81.503 ? ? 889 ? ? 269 ? 94.700 ? ? ? ? 0.077 ? ? ? ? ? ? ? ? 3.300 ? ? ? ? ? ? 0 2 1 ? ? 
# 
_refine.aniso_B[1][1]                            -0.6300 
_refine.aniso_B[1][2]                            0.0000 
_refine.aniso_B[1][3]                            -0.5000 
_refine.aniso_B[2][2]                            0.7200 
_refine.aniso_B[2][3]                            -0.0000 
_refine.aniso_B[3][3]                            -0.5700 
_refine.B_iso_max                                53.020 
_refine.B_iso_mean                               11.4360 
_refine.B_iso_min                                3.350 
_refine.correlation_coeff_Fo_to_Fc               0.9490 
_refine.correlation_coeff_Fo_to_Fc_free          0.9320 
_refine.details                                  
'HYDROGENS HAVE BEEN ADDED IN THE RIDING POSITIONS U VALUES      : REFINED INDIVIDUALLY' 
_refine.diff_density_max                         ? 
_refine.diff_density_max_esd                     ? 
_refine.diff_density_min                         ? 
_refine.diff_density_min_esd                     ? 
_refine.diff_density_rms                         ? 
_refine.diff_density_rms_esd                     ? 
_refine.entry_id                                 5BZJ 
_refine.pdbx_refine_id                           'X-RAY DIFFRACTION' 
_refine.ls_abs_structure_details                 ? 
_refine.ls_abs_structure_Flack                   ? 
_refine.ls_abs_structure_Flack_esd               ? 
_refine.ls_abs_structure_Rogers                  ? 
_refine.ls_abs_structure_Rogers_esd              ? 
_refine.ls_d_res_high                            1.4000 
_refine.ls_d_res_low                             40.8700 
_refine.ls_extinction_coef                       ? 
_refine.ls_extinction_coef_esd                   ? 
_refine.ls_extinction_expression                 ? 
_refine.ls_extinction_method                     ? 
_refine.ls_goodness_of_fit_all                   ? 
_refine.ls_goodness_of_fit_all_esd               ? 
_refine.ls_goodness_of_fit_obs                   ? 
_refine.ls_goodness_of_fit_obs_esd               ? 
_refine.ls_hydrogen_treatment                    ? 
_refine.ls_matrix_type                           ? 
_refine.ls_number_constraints                    ? 
_refine.ls_number_parameters                     ? 
_refine.ls_number_reflns_all                     ? 
_refine.ls_number_reflns_obs                     25307 
_refine.ls_number_reflns_R_free                  1308 
_refine.ls_number_reflns_R_work                  ? 
_refine.ls_number_restraints                     ? 
_refine.ls_percent_reflns_obs                    96.8400 
_refine.ls_percent_reflns_R_free                 4.9000 
_refine.ls_R_factor_all                          ? 
_refine.ls_R_factor_obs                          0.1848 
_refine.ls_R_factor_R_free                       0.2087 
_refine.ls_R_factor_R_free_error                 ? 
_refine.ls_R_factor_R_free_error_details         ? 
_refine.ls_R_factor_R_work                       0.1836 
_refine.ls_R_Fsqd_factor_obs                     ? 
_refine.ls_R_I_factor_obs                        ? 
_refine.ls_redundancy_reflns_all                 ? 
_refine.ls_redundancy_reflns_obs                 ? 
_refine.ls_restrained_S_all                      ? 
_refine.ls_restrained_S_obs                      ? 
_refine.ls_shift_over_esd_max                    ? 
_refine.ls_shift_over_esd_mean                   ? 
_refine.ls_structure_factor_coef                 ? 
_refine.ls_weighting_details                     ? 
_refine.ls_weighting_scheme                      ? 
_refine.ls_wR_factor_all                         ? 
_refine.ls_wR_factor_obs                         ? 
_refine.ls_wR_factor_R_free                      0.2260 
_refine.ls_wR_factor_R_work                      0.2005 
_refine.occupancy_max                            ? 
_refine.occupancy_min                            ? 
_refine.solvent_model_details                    MASK 
_refine.solvent_model_param_bsol                 ? 
_refine.solvent_model_param_ksol                 ? 
_refine.ls_R_factor_gt                           ? 
_refine.ls_goodness_of_fit_gt                    ? 
_refine.ls_goodness_of_fit_ref                   ? 
_refine.ls_shift_over_su_max                     ? 
_refine.ls_shift_over_su_max_lt                  ? 
_refine.ls_shift_over_su_mean                    ? 
_refine.ls_shift_over_su_mean_lt                 ? 
_refine.pdbx_ls_sigma_I                          ? 
_refine.pdbx_ls_sigma_F                          0.000 
_refine.pdbx_ls_sigma_Fsqd                       ? 
_refine.pdbx_data_cutoff_high_absF               ? 
_refine.pdbx_data_cutoff_high_rms_absF           ? 
_refine.pdbx_data_cutoff_low_absF                ? 
_refine.pdbx_isotropic_thermal_model             ? 
_refine.pdbx_ls_cross_valid_method               THROUGHOUT 
_refine.pdbx_method_to_determine_struct          'MOLECULAR REPLACEMENT' 
_refine.pdbx_starting_model                      ? 
_refine.pdbx_stereochemistry_target_values       'MAXIMUM LIKELIHOOD' 
_refine.pdbx_R_Free_selection_details            RANDOM 
_refine.pdbx_stereochem_target_val_spec_case     ? 
_refine.pdbx_overall_ESU_R                       0.0690 
_refine.pdbx_overall_ESU_R_Free                  0.0700 
_refine.pdbx_solvent_vdw_probe_radii             1.4000 
_refine.pdbx_solvent_ion_probe_radii             0.8000 
_refine.pdbx_solvent_shrinkage_radii             0.8000 
_refine.pdbx_real_space_R                        ? 
_refine.pdbx_density_correlation                 ? 
_refine.pdbx_pd_number_of_powder_patterns        ? 
_refine.pdbx_pd_number_of_points                 ? 
_refine.pdbx_pd_meas_number_of_points            ? 
_refine.pdbx_pd_proc_ls_prof_R_factor            ? 
_refine.pdbx_pd_proc_ls_prof_wR_factor           ? 
_refine.pdbx_pd_Marquardt_correlation_coeff      ? 
_refine.pdbx_pd_Fsqrd_R_factor                   ? 
_refine.pdbx_pd_ls_matrix_band_width             ? 
_refine.pdbx_overall_phase_error                 ? 
_refine.pdbx_overall_SU_R_free_Cruickshank_DPI   ? 
_refine.pdbx_overall_SU_R_free_Blow_DPI          ? 
_refine.pdbx_overall_SU_R_Blow_DPI               ? 
_refine.pdbx_TLS_residual_ADP_flag               ? 
_refine.pdbx_diffrn_id                           1 
_refine.overall_SU_B                             1.0140 
_refine.overall_SU_ML                            0.0420 
_refine.overall_SU_R_Cruickshank_DPI             0.0693 
_refine.overall_SU_R_free                        0.0698 
_refine.overall_FOM_free_R_set                   ? 
_refine.overall_FOM_work_R_set                   0.8897 
_refine.pdbx_average_fsc_overall                 ? 
_refine.pdbx_average_fsc_work                    ? 
_refine.pdbx_average_fsc_free                    ? 
# 
_refine_hist.cycle_id                         final 
_refine_hist.pdbx_refine_id                   'X-RAY DIFFRACTION' 
_refine_hist.d_res_high                       1.4000 
_refine_hist.d_res_low                        40.8700 
_refine_hist.pdbx_number_atoms_ligand         33 
_refine_hist.number_atoms_solvent             83 
_refine_hist.number_atoms_total               1287 
_refine_hist.pdbx_number_residues_total       150 
_refine_hist.pdbx_B_iso_mean_ligand           23.64 
_refine_hist.pdbx_B_iso_mean_solvent          17.36 
_refine_hist.pdbx_number_atoms_protein        1171 
_refine_hist.pdbx_number_atoms_nucleic_acid   0 
# 
loop_
_refine_ls_restr.pdbx_refine_id 
_refine_ls_restr.criterion 
_refine_ls_restr.dev_ideal 
_refine_ls_restr.dev_ideal_target 
_refine_ls_restr.number 
_refine_ls_restr.rejects 
_refine_ls_restr.type 
_refine_ls_restr.weight 
_refine_ls_restr.pdbx_restraint_function 
'X-RAY DIFFRACTION' ? 0.014  0.021  1317 ? r_bond_refined_d       ? ? 
'X-RAY DIFFRACTION' ? 1.492  1.966  1812 ? r_angle_refined_deg    ? ? 
'X-RAY DIFFRACTION' ? 7.299  5.000  169  ? r_dihedral_angle_1_deg ? ? 
'X-RAY DIFFRACTION' ? 36.168 24.444 63   ? r_dihedral_angle_2_deg ? ? 
'X-RAY DIFFRACTION' ? 10.770 15.000 202  ? r_dihedral_angle_3_deg ? ? 
'X-RAY DIFFRACTION' ? 17.872 15.000 8    ? r_dihedral_angle_4_deg ? ? 
'X-RAY DIFFRACTION' ? 0.097  0.200  198  ? r_chiral_restr         ? ? 
'X-RAY DIFFRACTION' ? 0.008  0.021  1044 ? r_gen_planes_refined   ? ? 
'X-RAY DIFFRACTION' ? 0.873  1.500  808  ? r_mcbond_it            ? ? 
'X-RAY DIFFRACTION' ? 1.503  2.000  1331 ? r_mcangle_it           ? ? 
'X-RAY DIFFRACTION' ? 2.309  3.000  509  ? r_scbond_it            ? ? 
'X-RAY DIFFRACTION' ? 3.608  4.500  481  ? r_scangle_it           ? ? 
# 
_refine_ls_shell.pdbx_refine_id                   'X-RAY DIFFRACTION' 
_refine_ls_shell.d_res_high                       1.4020 
_refine_ls_shell.d_res_low                        1.4380 
_refine_ls_shell.number_reflns_all                1901 
_refine_ls_shell.number_reflns_obs                ? 
_refine_ls_shell.number_reflns_R_free             90 
_refine_ls_shell.number_reflns_R_work             1811 
_refine_ls_shell.percent_reflns_obs               95.7200 
_refine_ls_shell.percent_reflns_R_free            ? 
_refine_ls_shell.R_factor_all                     ? 
_refine_ls_shell.R_factor_obs                     ? 
_refine_ls_shell.R_factor_R_free                  0.2490 
_refine_ls_shell.R_factor_R_free_error            ? 
_refine_ls_shell.R_factor_R_work                  0.2450 
_refine_ls_shell.redundancy_reflns_all            ? 
_refine_ls_shell.redundancy_reflns_obs            ? 
_refine_ls_shell.wR_factor_all                    ? 
_refine_ls_shell.wR_factor_obs                    ? 
_refine_ls_shell.wR_factor_R_free                 ? 
_refine_ls_shell.wR_factor_R_work                 ? 
_refine_ls_shell.pdbx_total_number_of_bins_used   20 
_refine_ls_shell.pdbx_phase_error                 ? 
_refine_ls_shell.pdbx_fsc_work                    ? 
_refine_ls_shell.pdbx_fsc_free                    ? 
# 
_struct.entry_id                     5BZJ 
_struct.title                        'Crystal structure of the murine cd44 hyaluronan binding domain complex with a small molecule' 
_struct.pdbx_model_details           ? 
_struct.pdbx_formula_weight          ? 
_struct.pdbx_formula_weight_method   ? 
_struct.pdbx_model_type_details      ? 
_struct.pdbx_CASP_flag               ? 
# 
_struct_keywords.entry_id        5BZJ 
_struct_keywords.text            'Link module, PROTEIN BINDING' 
_struct_keywords.pdbx_keywords   'PROTEIN BINDING' 
# 
loop_
_struct_asym.id 
_struct_asym.pdbx_blank_PDB_chainid_flag 
_struct_asym.pdbx_modified 
_struct_asym.entity_id 
_struct_asym.details 
A N N 1 ? 
B N N 2 ? 
C N N 3 ? 
D N N 3 ? 
E N N 4 ? 
F N N 5 ? 
# 
_struct_ref.id                         1 
_struct_ref.db_name                    UNP 
_struct_ref.db_code                    CD44_MOUSE 
_struct_ref.pdbx_db_accession          P15379 
_struct_ref.pdbx_db_isoform            ? 
_struct_ref.entity_id                  1 
_struct_ref.pdbx_seq_one_letter_code   
;HQQIDLNVTCRYAGVFHVEKNGRYSISRTEAADLCQAFNSTLPTMDQMKLALSKGFETCRYGFIEGNVVIPRIHPNAICA
ANHTGVYILVTSNTSHYDTYCFNASAPPEEDCTSVTDLPNSFDGPVTITIVNRDGTRYSKKGEYRTHQEDI
;
_struct_ref.pdbx_align_begin           21 
# 
_struct_ref_seq.align_id                      1 
_struct_ref_seq.ref_id                        1 
_struct_ref_seq.pdbx_PDB_id_code              5BZJ 
_struct_ref_seq.pdbx_strand_id                A 
_struct_ref_seq.seq_align_beg                 1 
_struct_ref_seq.pdbx_seq_align_beg_ins_code   ? 
_struct_ref_seq.seq_align_end                 151 
_struct_ref_seq.pdbx_seq_align_end_ins_code   ? 
_struct_ref_seq.pdbx_db_accession             P15379 
_struct_ref_seq.db_align_beg                  21 
_struct_ref_seq.pdbx_db_align_beg_ins_code    ? 
_struct_ref_seq.db_align_end                  171 
_struct_ref_seq.pdbx_db_align_end_ins_code    ? 
_struct_ref_seq.pdbx_auth_seq_align_beg       23 
_struct_ref_seq.pdbx_auth_seq_align_end       173 
# 
loop_
_struct_ref_seq_dif.align_id 
_struct_ref_seq_dif.pdbx_pdb_id_code 
_struct_ref_seq_dif.mon_id 
_struct_ref_seq_dif.pdbx_pdb_strand_id 
_struct_ref_seq_dif.seq_num 
_struct_ref_seq_dif.pdbx_pdb_ins_code 
_struct_ref_seq_dif.pdbx_seq_db_name 
_struct_ref_seq_dif.pdbx_seq_db_accession_code 
_struct_ref_seq_dif.db_mon_id 
_struct_ref_seq_dif.pdbx_seq_db_seq_num 
_struct_ref_seq_dif.details 
_struct_ref_seq_dif.pdbx_auth_seq_num 
_struct_ref_seq_dif.pdbx_ordinal 
1 5BZJ MET A 1 ? UNP P15379 HIS 21 'engineered mutation' 23 1 
1 5BZJ ASN A 2 ? UNP P15379 GLN 22 'engineered mutation' 24 2 
# 
_pdbx_struct_assembly.id                   1 
_pdbx_struct_assembly.details              author_and_software_defined_assembly 
_pdbx_struct_assembly.method_details       PISA 
_pdbx_struct_assembly.oligomeric_details   monomeric 
_pdbx_struct_assembly.oligomeric_count     1 
# 
_pdbx_struct_assembly_gen.assembly_id       1 
_pdbx_struct_assembly_gen.oper_expression   1 
_pdbx_struct_assembly_gen.asym_id_list      A,B,C,D,E,F 
# 
_pdbx_struct_oper_list.id                   1 
_pdbx_struct_oper_list.type                 'identity operation' 
_pdbx_struct_oper_list.name                 1_555 
_pdbx_struct_oper_list.symmetry_operation   x,y,z 
_pdbx_struct_oper_list.matrix[1][1]         1.0000000000 
_pdbx_struct_oper_list.matrix[1][2]         0.0000000000 
_pdbx_struct_oper_list.matrix[1][3]         0.0000000000 
_pdbx_struct_oper_list.vector[1]            0.0000000000 
_pdbx_struct_oper_list.matrix[2][1]         0.0000000000 
_pdbx_struct_oper_list.matrix[2][2]         1.0000000000 
_pdbx_struct_oper_list.matrix[2][3]         0.0000000000 
_pdbx_struct_oper_list.vector[2]            0.0000000000 
_pdbx_struct_oper_list.matrix[3][1]         0.0000000000 
_pdbx_struct_oper_list.matrix[3][2]         0.0000000000 
_pdbx_struct_oper_list.matrix[3][3]         1.0000000000 
_pdbx_struct_oper_list.vector[3]            0.0000000000 
# 
loop_
_struct_conf.conf_type_id 
_struct_conf.id 
_struct_conf.pdbx_PDB_helix_id 
_struct_conf.beg_label_comp_id 
_struct_conf.beg_label_asym_id 
_struct_conf.beg_label_seq_id 
_struct_conf.pdbx_beg_PDB_ins_code 
_struct_conf.end_label_comp_id 
_struct_conf.end_label_asym_id 
_struct_conf.end_label_seq_id 
_struct_conf.pdbx_end_PDB_ins_code 
_struct_conf.beg_auth_comp_id 
_struct_conf.beg_auth_asym_id 
_struct_conf.beg_auth_seq_id 
_struct_conf.end_auth_comp_id 
_struct_conf.end_auth_asym_id 
_struct_conf.end_auth_seq_id 
_struct_conf.pdbx_PDB_helix_class 
_struct_conf.details 
_struct_conf.pdbx_PDB_helix_length 
HELX_P HELX_P1 AA1 SER A 27  ? PHE A 38  ? SER A 49  PHE A 60  1 ? 12 
HELX_P HELX_P2 AA2 THR A 44  ? LYS A 54  ? THR A 66  LYS A 76  1 ? 11 
HELX_P HELX_P3 AA3 CYS A 79  ? HIS A 83  ? CYS A 101 HIS A 105 5 ? 5  
HELX_P HELX_P4 AA4 HIS A 147 ? ILE A 151 ? HIS A 169 ILE A 173 5 ? 5  
# 
_struct_conf_type.id          HELX_P 
_struct_conf_type.criteria    ? 
_struct_conf_type.reference   ? 
# 
loop_
_struct_conn.id 
_struct_conn.conn_type_id 
_struct_conn.pdbx_leaving_atom_flag 
_struct_conn.pdbx_PDB_id 
_struct_conn.ptnr1_label_asym_id 
_struct_conn.ptnr1_label_comp_id 
_struct_conn.ptnr1_label_seq_id 
_struct_conn.ptnr1_label_atom_id 
_struct_conn.pdbx_ptnr1_label_alt_id 
_struct_conn.pdbx_ptnr1_PDB_ins_code 
_struct_conn.pdbx_ptnr1_standard_comp_id 
_struct_conn.ptnr1_symmetry 
_struct_conn.ptnr2_label_asym_id 
_struct_conn.ptnr2_label_comp_id 
_struct_conn.ptnr2_label_seq_id 
_struct_conn.ptnr2_label_atom_id 
_struct_conn.pdbx_ptnr2_label_alt_id 
_struct_conn.pdbx_ptnr2_PDB_ins_code 
_struct_conn.ptnr1_auth_asym_id 
_struct_conn.ptnr1_auth_comp_id 
_struct_conn.ptnr1_auth_seq_id 
_struct_conn.ptnr2_auth_asym_id 
_struct_conn.ptnr2_auth_comp_id 
_struct_conn.ptnr2_auth_seq_id 
_struct_conn.ptnr2_symmetry 
_struct_conn.pdbx_ptnr3_label_atom_id 
_struct_conn.pdbx_ptnr3_label_seq_id 
_struct_conn.pdbx_ptnr3_label_comp_id 
_struct_conn.pdbx_ptnr3_label_asym_id 
_struct_conn.pdbx_ptnr3_label_alt_id 
_struct_conn.pdbx_ptnr3_PDB_ins_code 
_struct_conn.details 
_struct_conn.pdbx_dist_value 
_struct_conn.pdbx_value_order 
_struct_conn.pdbx_role 
disulf1 disulf ? ? A CYS 10 SG ? ? ? 1_555 A CYS 112 SG ? ? A CYS 32 A CYS 134 1_555 ? ? ? ? ? ? ? 2.068 ? ? 
disulf2 disulf ? ? A CYS 35 SG ? ? ? 1_555 A CYS 101 SG ? ? A CYS 57 A CYS 123 1_555 ? ? ? ? ? ? ? 2.102 ? ? 
disulf3 disulf ? ? A CYS 59 SG ? ? ? 1_555 A CYS 79  SG ? ? A CYS 81 A CYS 101 1_555 ? ? ? ? ? ? ? 2.058 ? ? 
# 
_struct_conn_type.id          disulf 
_struct_conn_type.criteria    ? 
_struct_conn_type.reference   ? 
# 
loop_
_pdbx_modification_feature.ordinal 
_pdbx_modification_feature.label_comp_id 
_pdbx_modification_feature.label_asym_id 
_pdbx_modification_feature.label_seq_id 
_pdbx_modification_feature.label_alt_id 
_pdbx_modification_feature.modified_residue_label_comp_id 
_pdbx_modification_feature.modified_residue_label_asym_id 
_pdbx_modification_feature.modified_residue_label_seq_id 
_pdbx_modification_feature.modified_residue_label_alt_id 
_pdbx_modification_feature.auth_comp_id 
_pdbx_modification_feature.auth_asym_id 
_pdbx_modification_feature.auth_seq_id 
_pdbx_modification_feature.PDB_ins_code 
_pdbx_modification_feature.symmetry 
_pdbx_modification_feature.modified_residue_auth_comp_id 
_pdbx_modification_feature.modified_residue_auth_asym_id 
_pdbx_modification_feature.modified_residue_auth_seq_id 
_pdbx_modification_feature.modified_residue_PDB_ins_code 
_pdbx_modification_feature.modified_residue_symmetry 
_pdbx_modification_feature.comp_id_linking_atom 
_pdbx_modification_feature.modified_residue_id_linking_atom 
_pdbx_modification_feature.modified_residue_id 
_pdbx_modification_feature.ref_pcm_id 
_pdbx_modification_feature.ref_comp_id 
_pdbx_modification_feature.type 
_pdbx_modification_feature.category 
1 CYS A 10 ? CYS A 112 ? CYS A 32 ? 1_555 CYS A 134 ? 1_555 SG SG . . . None 'Disulfide bridge' 
2 CYS A 35 ? CYS A 101 ? CYS A 57 ? 1_555 CYS A 123 ? 1_555 SG SG . . . None 'Disulfide bridge' 
3 CYS A 59 ? CYS A 79  ? CYS A 81 ? 1_555 CYS A 101 ? 1_555 SG SG . . . None 'Disulfide bridge' 
# 
loop_
_struct_sheet.id 
_struct_sheet.type 
_struct_sheet.number_strands 
_struct_sheet.details 
AA1 ? 8 ? 
AA2 ? 2 ? 
# 
loop_
_struct_sheet_order.sheet_id 
_struct_sheet_order.range_id_1 
_struct_sheet_order.range_id_2 
_struct_sheet_order.offset 
_struct_sheet_order.sense 
AA1 1 2 ? anti-parallel 
AA1 2 3 ? anti-parallel 
AA1 3 4 ? parallel      
AA1 4 5 ? anti-parallel 
AA1 5 6 ? anti-parallel 
AA1 6 7 ? parallel      
AA1 7 8 ? anti-parallel 
AA2 1 2 ? anti-parallel 
# 
loop_
_struct_sheet_range.sheet_id 
_struct_sheet_range.id 
_struct_sheet_range.beg_label_comp_id 
_struct_sheet_range.beg_label_asym_id 
_struct_sheet_range.beg_label_seq_id 
_struct_sheet_range.pdbx_beg_PDB_ins_code 
_struct_sheet_range.end_label_comp_id 
_struct_sheet_range.end_label_asym_id 
_struct_sheet_range.end_label_seq_id 
_struct_sheet_range.pdbx_end_PDB_ins_code 
_struct_sheet_range.beg_auth_comp_id 
_struct_sheet_range.beg_auth_asym_id 
_struct_sheet_range.beg_auth_seq_id 
_struct_sheet_range.end_auth_comp_id 
_struct_sheet_range.end_auth_asym_id 
_struct_sheet_range.end_auth_seq_id 
AA1 1 GLY A 85  ? ILE A 88  ? GLY A 107 ILE A 110 
AA1 2 VAL A 68  ? ARG A 72  ? VAL A 90  ARG A 94  
AA1 3 GLY A 62  ? PHE A 63  ? GLY A 84  PHE A 85  
AA1 4 ASP A 98  ? PHE A 102 ? ASP A 120 PHE A 124 
AA1 5 VAL A 15  ? LYS A 20  ? VAL A 37  LYS A 42  
AA1 6 GLN A 3   ? VAL A 8   ? GLN A 25  VAL A 30  
AA1 7 PHE A 122 ? ASN A 132 ? PHE A 144 ASN A 154 
AA1 8 ARG A 137 ? GLU A 143 ? ARG A 159 GLU A 165 
AA2 1 ARG A 11  ? TYR A 12  ? ARG A 33  TYR A 34  
AA2 2 GLU A 110 ? ASP A 111 ? GLU A 132 ASP A 133 
# 
loop_
_pdbx_struct_sheet_hbond.sheet_id 
_pdbx_struct_sheet_hbond.range_id_1 
_pdbx_struct_sheet_hbond.range_id_2 
_pdbx_struct_sheet_hbond.range_1_label_atom_id 
_pdbx_struct_sheet_hbond.range_1_label_comp_id 
_pdbx_struct_sheet_hbond.range_1_label_asym_id 
_pdbx_struct_sheet_hbond.range_1_label_seq_id 
_pdbx_struct_sheet_hbond.range_1_PDB_ins_code 
_pdbx_struct_sheet_hbond.range_1_auth_atom_id 
_pdbx_struct_sheet_hbond.range_1_auth_comp_id 
_pdbx_struct_sheet_hbond.range_1_auth_asym_id 
_pdbx_struct_sheet_hbond.range_1_auth_seq_id 
_pdbx_struct_sheet_hbond.range_2_label_atom_id 
_pdbx_struct_sheet_hbond.range_2_label_comp_id 
_pdbx_struct_sheet_hbond.range_2_label_asym_id 
_pdbx_struct_sheet_hbond.range_2_label_seq_id 
_pdbx_struct_sheet_hbond.range_2_PDB_ins_code 
_pdbx_struct_sheet_hbond.range_2_auth_atom_id 
_pdbx_struct_sheet_hbond.range_2_auth_comp_id 
_pdbx_struct_sheet_hbond.range_2_auth_asym_id 
_pdbx_struct_sheet_hbond.range_2_auth_seq_id 
AA1 1 2 O GLY A 85  ? O GLY A 107 N ARG A 72  ? N ARG A 94  
AA1 2 3 O VAL A 69  ? O VAL A 91  N GLY A 62  ? N GLY A 84  
AA1 3 4 N PHE A 63  ? N PHE A 85  O TYR A 100 ? O TYR A 122 
AA1 4 5 O THR A 99  ? O THR A 121 N VAL A 18  ? N VAL A 40  
AA1 5 6 O GLU A 19  ? O GLU A 41  N ASN A 7   ? N ASN A 29  
AA1 6 7 N LEU A 6   ? N LEU A 28  O THR A 129 ? O THR A 151 
AA1 7 8 N ILE A 128 ? N ILE A 150 O LYS A 140 ? O LYS A 162 
AA2 1 2 N ARG A 11  ? N ARG A 33  O ASP A 111 ? O ASP A 133 
# 
loop_
_struct_site.id 
_struct_site.pdbx_evidence_code 
_struct_site.pdbx_auth_asym_id 
_struct_site.pdbx_auth_comp_id 
_struct_site.pdbx_auth_seq_id 
_struct_site.pdbx_auth_ins_code 
_struct_site.pdbx_num_residues 
_struct_site.details 
AC1 Software A DMS 201 ? 9  'binding site for residue DMS A 201' 
AC2 Software A SO4 202 ? 7  'binding site for residue SO4 A 202' 
AC3 Software A SO4 203 ? 2  'binding site for residue SO4 A 203' 
AC4 Software A 4WN 204 ? 12 'binding site for residue 4WN A 204' 
# 
loop_
_struct_site_gen.id 
_struct_site_gen.site_id 
_struct_site_gen.pdbx_num_res 
_struct_site_gen.label_comp_id 
_struct_site_gen.label_asym_id 
_struct_site_gen.label_seq_id 
_struct_site_gen.pdbx_auth_ins_code 
_struct_site_gen.auth_comp_id 
_struct_site_gen.auth_asym_id 
_struct_site_gen.auth_seq_id 
_struct_site_gen.label_atom_id 
_struct_site_gen.label_alt_id 
_struct_site_gen.symmetry 
_struct_site_gen.details 
1  AC1 9  CYS A 10  ? CYS A 32  . ? 1_555 ? 
2  AC1 9  ASN A 67  ? ASN A 89  . ? 1_554 ? 
3  AC1 9  CYS A 112 ? CYS A 134 . ? 1_555 ? 
4  AC1 9  THR A 113 ? THR A 135 . ? 1_555 ? 
5  AC1 9  SER A 114 ? SER A 136 . ? 1_555 ? 
6  AC1 9  ARG A 133 ? ARG A 155 . ? 1_555 ? 
7  AC1 9  ASP A 134 ? ASP A 156 . ? 1_555 ? 
8  AC1 9  HOH F .   ? HOH A 313 . ? 1_555 ? 
9  AC1 9  HOH F .   ? HOH A 330 . ? 1_555 ? 
10 AC2 7  ARG A 11  ? ARG A 33  . ? 1_555 ? 
11 AC2 7  PHE A 16  ? PHE A 38  . ? 1_555 ? 
12 AC2 7  PHE A 38  ? PHE A 60  . ? 1_555 ? 
13 AC2 7  SER A 40  ? SER A 62  . ? 1_555 ? 
14 AC2 7  ASN A 103 ? ASN A 125 . ? 1_555 ? 
15 AC2 7  VAL A 115 ? VAL A 137 . ? 1_555 ? 
16 AC2 7  HOH F .   ? HOH A 318 . ? 1_555 ? 
17 AC3 2  ARG A 133 ? ARG A 155 . ? 1_555 ? 
18 AC3 2  4WN E .   ? 4WN A 204 . ? 1_555 ? 
19 AC4 12 ASN A 7   ? ASN A 29  . ? 1_555 ? 
20 AC4 12 VAL A 8   ? VAL A 30  . ? 1_555 ? 
21 AC4 12 GLU A 19  ? GLU A 41  . ? 1_555 ? 
22 AC4 12 GLY A 22  ? GLY A 44  . ? 1_555 ? 
23 AC4 12 ASP A 46  ? ASP A 68  . ? 1_655 ? 
24 AC4 12 ARG A 60  ? ARG A 82  . ? 1_555 ? 
25 AC4 12 VAL A 131 ? VAL A 153 . ? 1_555 ? 
26 AC4 12 ASN A 132 ? ASN A 154 . ? 1_555 ? 
27 AC4 12 ARG A 133 ? ARG A 155 . ? 1_555 ? 
28 AC4 12 SO4 D .   ? SO4 A 203 . ? 1_555 ? 
29 AC4 12 HOH F .   ? HOH A 340 . ? 1_555 ? 
30 AC4 12 HOH F .   ? HOH A 362 . ? 1_555 ? 
# 
_pdbx_entry_details.entry_id                   5BZJ 
_pdbx_entry_details.compound_details           ? 
_pdbx_entry_details.source_details             ? 
_pdbx_entry_details.nonpolymer_details         ? 
_pdbx_entry_details.sequence_details           ? 
_pdbx_entry_details.has_ligand_of_interest     ? 
_pdbx_entry_details.has_protein_modification   Y 
# 
loop_
_pdbx_validate_torsion.id 
_pdbx_validate_torsion.PDB_model_num 
_pdbx_validate_torsion.auth_comp_id 
_pdbx_validate_torsion.auth_asym_id 
_pdbx_validate_torsion.auth_seq_id 
_pdbx_validate_torsion.PDB_ins_code 
_pdbx_validate_torsion.label_alt_id 
_pdbx_validate_torsion.phi 
_pdbx_validate_torsion.psi 
1 1 SER A 47  ? ? -162.22 13.41   
2 1 GLU A 131 ? ? -123.11 -130.97 
# 
_phasing.method   MR 
# 
_pdbx_unobs_or_zero_occ_residues.id               1 
_pdbx_unobs_or_zero_occ_residues.PDB_model_num    1 
_pdbx_unobs_or_zero_occ_residues.polymer_flag     Y 
_pdbx_unobs_or_zero_occ_residues.occupancy_flag   1 
_pdbx_unobs_or_zero_occ_residues.auth_asym_id     A 
_pdbx_unobs_or_zero_occ_residues.auth_comp_id     MET 
_pdbx_unobs_or_zero_occ_residues.auth_seq_id      23 
_pdbx_unobs_or_zero_occ_residues.PDB_ins_code     ? 
_pdbx_unobs_or_zero_occ_residues.label_asym_id    A 
_pdbx_unobs_or_zero_occ_residues.label_comp_id    MET 
_pdbx_unobs_or_zero_occ_residues.label_seq_id     1 
# 
loop_
_chem_comp_atom.comp_id 
_chem_comp_atom.atom_id 
_chem_comp_atom.type_symbol 
_chem_comp_atom.pdbx_aromatic_flag 
_chem_comp_atom.pdbx_stereo_config 
_chem_comp_atom.pdbx_ordinal 
4WN CAJ  C N N 1   
4WN CAH  C N N 2   
4WN CAO  C Y N 3   
4WN CAF  C Y N 4   
4WN CAC  C Y N 5   
4WN CAE  C Y N 6   
4WN CAN  C Y N 7   
4WN NAB  N N N 8   
4WN CAP  C Y N 9   
4WN CAL  C N N 10  
4WN NAR  N N N 11  
4WN CAK  C N N 12  
4WN CAI  C N N 13  
4WN CAQ  C Y N 14  
4WN NAM  N Y N 15  
4WN CAD  C Y N 16  
4WN CAG  C Y N 17  
4WN NAS  N Y N 18  
4WN CAA  C N N 19  
4WN H1   H N N 20  
4WN H2   H N N 21  
4WN H3   H N N 22  
4WN H4   H N N 23  
4WN H5   H N N 24  
4WN H6   H N N 25  
4WN H7   H N N 26  
4WN H8   H N N 27  
4WN H9   H N N 28  
4WN H10  H N N 29  
4WN H11  H N N 30  
4WN H13  H N N 31  
4WN H14  H N N 32  
4WN H15  H N N 33  
4WN H16  H N N 34  
4WN H17  H N N 35  
4WN H18  H N N 36  
4WN H19  H N N 37  
4WN H20  H N N 38  
4WN H21  H N N 39  
ALA N    N N N 40  
ALA CA   C N S 41  
ALA C    C N N 42  
ALA O    O N N 43  
ALA CB   C N N 44  
ALA OXT  O N N 45  
ALA H    H N N 46  
ALA H2   H N N 47  
ALA HA   H N N 48  
ALA HB1  H N N 49  
ALA HB2  H N N 50  
ALA HB3  H N N 51  
ALA HXT  H N N 52  
ARG N    N N N 53  
ARG CA   C N S 54  
ARG C    C N N 55  
ARG O    O N N 56  
ARG CB   C N N 57  
ARG CG   C N N 58  
ARG CD   C N N 59  
ARG NE   N N N 60  
ARG CZ   C N N 61  
ARG NH1  N N N 62  
ARG NH2  N N N 63  
ARG OXT  O N N 64  
ARG H    H N N 65  
ARG H2   H N N 66  
ARG HA   H N N 67  
ARG HB2  H N N 68  
ARG HB3  H N N 69  
ARG HG2  H N N 70  
ARG HG3  H N N 71  
ARG HD2  H N N 72  
ARG HD3  H N N 73  
ARG HE   H N N 74  
ARG HH11 H N N 75  
ARG HH12 H N N 76  
ARG HH21 H N N 77  
ARG HH22 H N N 78  
ARG HXT  H N N 79  
ASN N    N N N 80  
ASN CA   C N S 81  
ASN C    C N N 82  
ASN O    O N N 83  
ASN CB   C N N 84  
ASN CG   C N N 85  
ASN OD1  O N N 86  
ASN ND2  N N N 87  
ASN OXT  O N N 88  
ASN H    H N N 89  
ASN H2   H N N 90  
ASN HA   H N N 91  
ASN HB2  H N N 92  
ASN HB3  H N N 93  
ASN HD21 H N N 94  
ASN HD22 H N N 95  
ASN HXT  H N N 96  
ASP N    N N N 97  
ASP CA   C N S 98  
ASP C    C N N 99  
ASP O    O N N 100 
ASP CB   C N N 101 
ASP CG   C N N 102 
ASP OD1  O N N 103 
ASP OD2  O N N 104 
ASP OXT  O N N 105 
ASP H    H N N 106 
ASP H2   H N N 107 
ASP HA   H N N 108 
ASP HB2  H N N 109 
ASP HB3  H N N 110 
ASP HD2  H N N 111 
ASP HXT  H N N 112 
CYS N    N N N 113 
CYS CA   C N R 114 
CYS C    C N N 115 
CYS O    O N N 116 
CYS CB   C N N 117 
CYS SG   S N N 118 
CYS OXT  O N N 119 
CYS H    H N N 120 
CYS H2   H N N 121 
CYS HA   H N N 122 
CYS HB2  H N N 123 
CYS HB3  H N N 124 
CYS HG   H N N 125 
CYS HXT  H N N 126 
DMS S    S N N 127 
DMS O    O N N 128 
DMS C1   C N N 129 
DMS C2   C N N 130 
DMS H11  H N N 131 
DMS H12  H N N 132 
DMS H13  H N N 133 
DMS H21  H N N 134 
DMS H22  H N N 135 
DMS H23  H N N 136 
GLN N    N N N 137 
GLN CA   C N S 138 
GLN C    C N N 139 
GLN O    O N N 140 
GLN CB   C N N 141 
GLN CG   C N N 142 
GLN CD   C N N 143 
GLN OE1  O N N 144 
GLN NE2  N N N 145 
GLN OXT  O N N 146 
GLN H    H N N 147 
GLN H2   H N N 148 
GLN HA   H N N 149 
GLN HB2  H N N 150 
GLN HB3  H N N 151 
GLN HG2  H N N 152 
GLN HG3  H N N 153 
GLN HE21 H N N 154 
GLN HE22 H N N 155 
GLN HXT  H N N 156 
GLU N    N N N 157 
GLU CA   C N S 158 
GLU C    C N N 159 
GLU O    O N N 160 
GLU CB   C N N 161 
GLU CG   C N N 162 
GLU CD   C N N 163 
GLU OE1  O N N 164 
GLU OE2  O N N 165 
GLU OXT  O N N 166 
GLU H    H N N 167 
GLU H2   H N N 168 
GLU HA   H N N 169 
GLU HB2  H N N 170 
GLU HB3  H N N 171 
GLU HG2  H N N 172 
GLU HG3  H N N 173 
GLU HE2  H N N 174 
GLU HXT  H N N 175 
GLY N    N N N 176 
GLY CA   C N N 177 
GLY C    C N N 178 
GLY O    O N N 179 
GLY OXT  O N N 180 
GLY H    H N N 181 
GLY H2   H N N 182 
GLY HA2  H N N 183 
GLY HA3  H N N 184 
GLY HXT  H N N 185 
HIS N    N N N 186 
HIS CA   C N S 187 
HIS C    C N N 188 
HIS O    O N N 189 
HIS CB   C N N 190 
HIS CG   C Y N 191 
HIS ND1  N Y N 192 
HIS CD2  C Y N 193 
HIS CE1  C Y N 194 
HIS NE2  N Y N 195 
HIS OXT  O N N 196 
HIS H    H N N 197 
HIS H2   H N N 198 
HIS HA   H N N 199 
HIS HB2  H N N 200 
HIS HB3  H N N 201 
HIS HD1  H N N 202 
HIS HD2  H N N 203 
HIS HE1  H N N 204 
HIS HE2  H N N 205 
HIS HXT  H N N 206 
HOH O    O N N 207 
HOH H1   H N N 208 
HOH H2   H N N 209 
ILE N    N N N 210 
ILE CA   C N S 211 
ILE C    C N N 212 
ILE O    O N N 213 
ILE CB   C N S 214 
ILE CG1  C N N 215 
ILE CG2  C N N 216 
ILE CD1  C N N 217 
ILE OXT  O N N 218 
ILE H    H N N 219 
ILE H2   H N N 220 
ILE HA   H N N 221 
ILE HB   H N N 222 
ILE HG12 H N N 223 
ILE HG13 H N N 224 
ILE HG21 H N N 225 
ILE HG22 H N N 226 
ILE HG23 H N N 227 
ILE HD11 H N N 228 
ILE HD12 H N N 229 
ILE HD13 H N N 230 
ILE HXT  H N N 231 
LEU N    N N N 232 
LEU CA   C N S 233 
LEU C    C N N 234 
LEU O    O N N 235 
LEU CB   C N N 236 
LEU CG   C N N 237 
LEU CD1  C N N 238 
LEU CD2  C N N 239 
LEU OXT  O N N 240 
LEU H    H N N 241 
LEU H2   H N N 242 
LEU HA   H N N 243 
LEU HB2  H N N 244 
LEU HB3  H N N 245 
LEU HG   H N N 246 
LEU HD11 H N N 247 
LEU HD12 H N N 248 
LEU HD13 H N N 249 
LEU HD21 H N N 250 
LEU HD22 H N N 251 
LEU HD23 H N N 252 
LEU HXT  H N N 253 
LYS N    N N N 254 
LYS CA   C N S 255 
LYS C    C N N 256 
LYS O    O N N 257 
LYS CB   C N N 258 
LYS CG   C N N 259 
LYS CD   C N N 260 
LYS CE   C N N 261 
LYS NZ   N N N 262 
LYS OXT  O N N 263 
LYS H    H N N 264 
LYS H2   H N N 265 
LYS HA   H N N 266 
LYS HB2  H N N 267 
LYS HB3  H N N 268 
LYS HG2  H N N 269 
LYS HG3  H N N 270 
LYS HD2  H N N 271 
LYS HD3  H N N 272 
LYS HE2  H N N 273 
LYS HE3  H N N 274 
LYS HZ1  H N N 275 
LYS HZ2  H N N 276 
LYS HZ3  H N N 277 
LYS HXT  H N N 278 
MET N    N N N 279 
MET CA   C N S 280 
MET C    C N N 281 
MET O    O N N 282 
MET CB   C N N 283 
MET CG   C N N 284 
MET SD   S N N 285 
MET CE   C N N 286 
MET OXT  O N N 287 
MET H    H N N 288 
MET H2   H N N 289 
MET HA   H N N 290 
MET HB2  H N N 291 
MET HB3  H N N 292 
MET HG2  H N N 293 
MET HG3  H N N 294 
MET HE1  H N N 295 
MET HE2  H N N 296 
MET HE3  H N N 297 
MET HXT  H N N 298 
PHE N    N N N 299 
PHE CA   C N S 300 
PHE C    C N N 301 
PHE O    O N N 302 
PHE CB   C N N 303 
PHE CG   C Y N 304 
PHE CD1  C Y N 305 
PHE CD2  C Y N 306 
PHE CE1  C Y N 307 
PHE CE2  C Y N 308 
PHE CZ   C Y N 309 
PHE OXT  O N N 310 
PHE H    H N N 311 
PHE H2   H N N 312 
PHE HA   H N N 313 
PHE HB2  H N N 314 
PHE HB3  H N N 315 
PHE HD1  H N N 316 
PHE HD2  H N N 317 
PHE HE1  H N N 318 
PHE HE2  H N N 319 
PHE HZ   H N N 320 
PHE HXT  H N N 321 
PRO N    N N N 322 
PRO CA   C N S 323 
PRO C    C N N 324 
PRO O    O N N 325 
PRO CB   C N N 326 
PRO CG   C N N 327 
PRO CD   C N N 328 
PRO OXT  O N N 329 
PRO H    H N N 330 
PRO HA   H N N 331 
PRO HB2  H N N 332 
PRO HB3  H N N 333 
PRO HG2  H N N 334 
PRO HG3  H N N 335 
PRO HD2  H N N 336 
PRO HD3  H N N 337 
PRO HXT  H N N 338 
SER N    N N N 339 
SER CA   C N S 340 
SER C    C N N 341 
SER O    O N N 342 
SER CB   C N N 343 
SER OG   O N N 344 
SER OXT  O N N 345 
SER H    H N N 346 
SER H2   H N N 347 
SER HA   H N N 348 
SER HB2  H N N 349 
SER HB3  H N N 350 
SER HG   H N N 351 
SER HXT  H N N 352 
SO4 S    S N N 353 
SO4 O1   O N N 354 
SO4 O2   O N N 355 
SO4 O3   O N N 356 
SO4 O4   O N N 357 
THR N    N N N 358 
THR CA   C N S 359 
THR C    C N N 360 
THR O    O N N 361 
THR CB   C N R 362 
THR OG1  O N N 363 
THR CG2  C N N 364 
THR OXT  O N N 365 
THR H    H N N 366 
THR H2   H N N 367 
THR HA   H N N 368 
THR HB   H N N 369 
THR HG1  H N N 370 
THR HG21 H N N 371 
THR HG22 H N N 372 
THR HG23 H N N 373 
THR HXT  H N N 374 
TYR N    N N N 375 
TYR CA   C N S 376 
TYR C    C N N 377 
TYR O    O N N 378 
TYR CB   C N N 379 
TYR CG   C Y N 380 
TYR CD1  C Y N 381 
TYR CD2  C Y N 382 
TYR CE1  C Y N 383 
TYR CE2  C Y N 384 
TYR CZ   C Y N 385 
TYR OH   O N N 386 
TYR OXT  O N N 387 
TYR H    H N N 388 
TYR H2   H N N 389 
TYR HA   H N N 390 
TYR HB2  H N N 391 
TYR HB3  H N N 392 
TYR HD1  H N N 393 
TYR HD2  H N N 394 
TYR HE1  H N N 395 
TYR HE2  H N N 396 
TYR HH   H N N 397 
TYR HXT  H N N 398 
VAL N    N N N 399 
VAL CA   C N S 400 
VAL C    C N N 401 
VAL O    O N N 402 
VAL CB   C N N 403 
VAL CG1  C N N 404 
VAL CG2  C N N 405 
VAL OXT  O N N 406 
VAL H    H N N 407 
VAL H2   H N N 408 
VAL HA   H N N 409 
VAL HB   H N N 410 
VAL HG11 H N N 411 
VAL HG12 H N N 412 
VAL HG13 H N N 413 
VAL HG21 H N N 414 
VAL HG22 H N N 415 
VAL HG23 H N N 416 
VAL HXT  H N N 417 
# 
loop_
_chem_comp_bond.comp_id 
_chem_comp_bond.atom_id_1 
_chem_comp_bond.atom_id_2 
_chem_comp_bond.value_order 
_chem_comp_bond.pdbx_aromatic_flag 
_chem_comp_bond.pdbx_stereo_config 
_chem_comp_bond.pdbx_ordinal 
4WN CAE CAC  doub Y N 1   
4WN CAE CAN  sing Y N 2   
4WN CAC CAF  sing Y N 3   
4WN NAB CAN  sing N N 4   
4WN CAN CAP  doub Y N 5   
4WN CAF CAO  doub Y N 6   
4WN CAP CAO  sing Y N 7   
4WN CAP CAL  sing N N 8   
4WN CAO CAH  sing N N 9   
4WN CAL NAR  sing N N 10  
4WN CAH CAJ  sing N N 11  
4WN NAR CAJ  sing N N 12  
4WN NAR CAK  sing N N 13  
4WN CAK CAI  sing N N 14  
4WN CAI CAQ  sing N N 15  
4WN CAQ NAM  doub Y N 16  
4WN CAQ NAS  sing Y N 17  
4WN NAM CAD  sing Y N 18  
4WN CAA NAS  sing N N 19  
4WN NAS CAG  sing Y N 20  
4WN CAD CAG  doub Y N 21  
4WN CAJ H1   sing N N 22  
4WN CAJ H2   sing N N 23  
4WN CAH H3   sing N N 24  
4WN CAH H4   sing N N 25  
4WN CAF H5   sing N N 26  
4WN CAC H6   sing N N 27  
4WN CAE H7   sing N N 28  
4WN NAB H8   sing N N 29  
4WN NAB H9   sing N N 30  
4WN CAL H10  sing N N 31  
4WN CAL H11  sing N N 32  
4WN CAK H13  sing N N 33  
4WN CAK H14  sing N N 34  
4WN CAI H15  sing N N 35  
4WN CAI H16  sing N N 36  
4WN CAD H17  sing N N 37  
4WN CAG H18  sing N N 38  
4WN CAA H19  sing N N 39  
4WN CAA H20  sing N N 40  
4WN CAA H21  sing N N 41  
ALA N   CA   sing N N 42  
ALA N   H    sing N N 43  
ALA N   H2   sing N N 44  
ALA CA  C    sing N N 45  
ALA CA  CB   sing N N 46  
ALA CA  HA   sing N N 47  
ALA C   O    doub N N 48  
ALA C   OXT  sing N N 49  
ALA CB  HB1  sing N N 50  
ALA CB  HB2  sing N N 51  
ALA CB  HB3  sing N N 52  
ALA OXT HXT  sing N N 53  
ARG N   CA   sing N N 54  
ARG N   H    sing N N 55  
ARG N   H2   sing N N 56  
ARG CA  C    sing N N 57  
ARG CA  CB   sing N N 58  
ARG CA  HA   sing N N 59  
ARG C   O    doub N N 60  
ARG C   OXT  sing N N 61  
ARG CB  CG   sing N N 62  
ARG CB  HB2  sing N N 63  
ARG CB  HB3  sing N N 64  
ARG CG  CD   sing N N 65  
ARG CG  HG2  sing N N 66  
ARG CG  HG3  sing N N 67  
ARG CD  NE   sing N N 68  
ARG CD  HD2  sing N N 69  
ARG CD  HD3  sing N N 70  
ARG NE  CZ   sing N N 71  
ARG NE  HE   sing N N 72  
ARG CZ  NH1  sing N N 73  
ARG CZ  NH2  doub N N 74  
ARG NH1 HH11 sing N N 75  
ARG NH1 HH12 sing N N 76  
ARG NH2 HH21 sing N N 77  
ARG NH2 HH22 sing N N 78  
ARG OXT HXT  sing N N 79  
ASN N   CA   sing N N 80  
ASN N   H    sing N N 81  
ASN N   H2   sing N N 82  
ASN CA  C    sing N N 83  
ASN CA  CB   sing N N 84  
ASN CA  HA   sing N N 85  
ASN C   O    doub N N 86  
ASN C   OXT  sing N N 87  
ASN CB  CG   sing N N 88  
ASN CB  HB2  sing N N 89  
ASN CB  HB3  sing N N 90  
ASN CG  OD1  doub N N 91  
ASN CG  ND2  sing N N 92  
ASN ND2 HD21 sing N N 93  
ASN ND2 HD22 sing N N 94  
ASN OXT HXT  sing N N 95  
ASP N   CA   sing N N 96  
ASP N   H    sing N N 97  
ASP N   H2   sing N N 98  
ASP CA  C    sing N N 99  
ASP CA  CB   sing N N 100 
ASP CA  HA   sing N N 101 
ASP C   O    doub N N 102 
ASP C   OXT  sing N N 103 
ASP CB  CG   sing N N 104 
ASP CB  HB2  sing N N 105 
ASP CB  HB3  sing N N 106 
ASP CG  OD1  doub N N 107 
ASP CG  OD2  sing N N 108 
ASP OD2 HD2  sing N N 109 
ASP OXT HXT  sing N N 110 
CYS N   CA   sing N N 111 
CYS N   H    sing N N 112 
CYS N   H2   sing N N 113 
CYS CA  C    sing N N 114 
CYS CA  CB   sing N N 115 
CYS CA  HA   sing N N 116 
CYS C   O    doub N N 117 
CYS C   OXT  sing N N 118 
CYS CB  SG   sing N N 119 
CYS CB  HB2  sing N N 120 
CYS CB  HB3  sing N N 121 
CYS SG  HG   sing N N 122 
CYS OXT HXT  sing N N 123 
DMS S   O    doub N N 124 
DMS S   C1   sing N N 125 
DMS S   C2   sing N N 126 
DMS C1  H11  sing N N 127 
DMS C1  H12  sing N N 128 
DMS C1  H13  sing N N 129 
DMS C2  H21  sing N N 130 
DMS C2  H22  sing N N 131 
DMS C2  H23  sing N N 132 
GLN N   CA   sing N N 133 
GLN N   H    sing N N 134 
GLN N   H2   sing N N 135 
GLN CA  C    sing N N 136 
GLN CA  CB   sing N N 137 
GLN CA  HA   sing N N 138 
GLN C   O    doub N N 139 
GLN C   OXT  sing N N 140 
GLN CB  CG   sing N N 141 
GLN CB  HB2  sing N N 142 
GLN CB  HB3  sing N N 143 
GLN CG  CD   sing N N 144 
GLN CG  HG2  sing N N 145 
GLN CG  HG3  sing N N 146 
GLN CD  OE1  doub N N 147 
GLN CD  NE2  sing N N 148 
GLN NE2 HE21 sing N N 149 
GLN NE2 HE22 sing N N 150 
GLN OXT HXT  sing N N 151 
GLU N   CA   sing N N 152 
GLU N   H    sing N N 153 
GLU N   H2   sing N N 154 
GLU CA  C    sing N N 155 
GLU CA  CB   sing N N 156 
GLU CA  HA   sing N N 157 
GLU C   O    doub N N 158 
GLU C   OXT  sing N N 159 
GLU CB  CG   sing N N 160 
GLU CB  HB2  sing N N 161 
GLU CB  HB3  sing N N 162 
GLU CG  CD   sing N N 163 
GLU CG  HG2  sing N N 164 
GLU CG  HG3  sing N N 165 
GLU CD  OE1  doub N N 166 
GLU CD  OE2  sing N N 167 
GLU OE2 HE2  sing N N 168 
GLU OXT HXT  sing N N 169 
GLY N   CA   sing N N 170 
GLY N   H    sing N N 171 
GLY N   H2   sing N N 172 
GLY CA  C    sing N N 173 
GLY CA  HA2  sing N N 174 
GLY CA  HA3  sing N N 175 
GLY C   O    doub N N 176 
GLY C   OXT  sing N N 177 
GLY OXT HXT  sing N N 178 
HIS N   CA   sing N N 179 
HIS N   H    sing N N 180 
HIS N   H2   sing N N 181 
HIS CA  C    sing N N 182 
HIS CA  CB   sing N N 183 
HIS CA  HA   sing N N 184 
HIS C   O    doub N N 185 
HIS C   OXT  sing N N 186 
HIS CB  CG   sing N N 187 
HIS CB  HB2  sing N N 188 
HIS CB  HB3  sing N N 189 
HIS CG  ND1  sing Y N 190 
HIS CG  CD2  doub Y N 191 
HIS ND1 CE1  doub Y N 192 
HIS ND1 HD1  sing N N 193 
HIS CD2 NE2  sing Y N 194 
HIS CD2 HD2  sing N N 195 
HIS CE1 NE2  sing Y N 196 
HIS CE1 HE1  sing N N 197 
HIS NE2 HE2  sing N N 198 
HIS OXT HXT  sing N N 199 
HOH O   H1   sing N N 200 
HOH O   H2   sing N N 201 
ILE N   CA   sing N N 202 
ILE N   H    sing N N 203 
ILE N   H2   sing N N 204 
ILE CA  C    sing N N 205 
ILE CA  CB   sing N N 206 
ILE CA  HA   sing N N 207 
ILE C   O    doub N N 208 
ILE C   OXT  sing N N 209 
ILE CB  CG1  sing N N 210 
ILE CB  CG2  sing N N 211 
ILE CB  HB   sing N N 212 
ILE CG1 CD1  sing N N 213 
ILE CG1 HG12 sing N N 214 
ILE CG1 HG13 sing N N 215 
ILE CG2 HG21 sing N N 216 
ILE CG2 HG22 sing N N 217 
ILE CG2 HG23 sing N N 218 
ILE CD1 HD11 sing N N 219 
ILE CD1 HD12 sing N N 220 
ILE CD1 HD13 sing N N 221 
ILE OXT HXT  sing N N 222 
LEU N   CA   sing N N 223 
LEU N   H    sing N N 224 
LEU N   H2   sing N N 225 
LEU CA  C    sing N N 226 
LEU CA  CB   sing N N 227 
LEU CA  HA   sing N N 228 
LEU C   O    doub N N 229 
LEU C   OXT  sing N N 230 
LEU CB  CG   sing N N 231 
LEU CB  HB2  sing N N 232 
LEU CB  HB3  sing N N 233 
LEU CG  CD1  sing N N 234 
LEU CG  CD2  sing N N 235 
LEU CG  HG   sing N N 236 
LEU CD1 HD11 sing N N 237 
LEU CD1 HD12 sing N N 238 
LEU CD1 HD13 sing N N 239 
LEU CD2 HD21 sing N N 240 
LEU CD2 HD22 sing N N 241 
LEU CD2 HD23 sing N N 242 
LEU OXT HXT  sing N N 243 
LYS N   CA   sing N N 244 
LYS N   H    sing N N 245 
LYS N   H2   sing N N 246 
LYS CA  C    sing N N 247 
LYS CA  CB   sing N N 248 
LYS CA  HA   sing N N 249 
LYS C   O    doub N N 250 
LYS C   OXT  sing N N 251 
LYS CB  CG   sing N N 252 
LYS CB  HB2  sing N N 253 
LYS CB  HB3  sing N N 254 
LYS CG  CD   sing N N 255 
LYS CG  HG2  sing N N 256 
LYS CG  HG3  sing N N 257 
LYS CD  CE   sing N N 258 
LYS CD  HD2  sing N N 259 
LYS CD  HD3  sing N N 260 
LYS CE  NZ   sing N N 261 
LYS CE  HE2  sing N N 262 
LYS CE  HE3  sing N N 263 
LYS NZ  HZ1  sing N N 264 
LYS NZ  HZ2  sing N N 265 
LYS NZ  HZ3  sing N N 266 
LYS OXT HXT  sing N N 267 
MET N   CA   sing N N 268 
MET N   H    sing N N 269 
MET N   H2   sing N N 270 
MET CA  C    sing N N 271 
MET CA  CB   sing N N 272 
MET CA  HA   sing N N 273 
MET C   O    doub N N 274 
MET C   OXT  sing N N 275 
MET CB  CG   sing N N 276 
MET CB  HB2  sing N N 277 
MET CB  HB3  sing N N 278 
MET CG  SD   sing N N 279 
MET CG  HG2  sing N N 280 
MET CG  HG3  sing N N 281 
MET SD  CE   sing N N 282 
MET CE  HE1  sing N N 283 
MET CE  HE2  sing N N 284 
MET CE  HE3  sing N N 285 
MET OXT HXT  sing N N 286 
PHE N   CA   sing N N 287 
PHE N   H    sing N N 288 
PHE N   H2   sing N N 289 
PHE CA  C    sing N N 290 
PHE CA  CB   sing N N 291 
PHE CA  HA   sing N N 292 
PHE C   O    doub N N 293 
PHE C   OXT  sing N N 294 
PHE CB  CG   sing N N 295 
PHE CB  HB2  sing N N 296 
PHE CB  HB3  sing N N 297 
PHE CG  CD1  doub Y N 298 
PHE CG  CD2  sing Y N 299 
PHE CD1 CE1  sing Y N 300 
PHE CD1 HD1  sing N N 301 
PHE CD2 CE2  doub Y N 302 
PHE CD2 HD2  sing N N 303 
PHE CE1 CZ   doub Y N 304 
PHE CE1 HE1  sing N N 305 
PHE CE2 CZ   sing Y N 306 
PHE CE2 HE2  sing N N 307 
PHE CZ  HZ   sing N N 308 
PHE OXT HXT  sing N N 309 
PRO N   CA   sing N N 310 
PRO N   CD   sing N N 311 
PRO N   H    sing N N 312 
PRO CA  C    sing N N 313 
PRO CA  CB   sing N N 314 
PRO CA  HA   sing N N 315 
PRO C   O    doub N N 316 
PRO C   OXT  sing N N 317 
PRO CB  CG   sing N N 318 
PRO CB  HB2  sing N N 319 
PRO CB  HB3  sing N N 320 
PRO CG  CD   sing N N 321 
PRO CG  HG2  sing N N 322 
PRO CG  HG3  sing N N 323 
PRO CD  HD2  sing N N 324 
PRO CD  HD3  sing N N 325 
PRO OXT HXT  sing N N 326 
SER N   CA   sing N N 327 
SER N   H    sing N N 328 
SER N   H2   sing N N 329 
SER CA  C    sing N N 330 
SER CA  CB   sing N N 331 
SER CA  HA   sing N N 332 
SER C   O    doub N N 333 
SER C   OXT  sing N N 334 
SER CB  OG   sing N N 335 
SER CB  HB2  sing N N 336 
SER CB  HB3  sing N N 337 
SER OG  HG   sing N N 338 
SER OXT HXT  sing N N 339 
SO4 S   O1   doub N N 340 
SO4 S   O2   doub N N 341 
SO4 S   O3   sing N N 342 
SO4 S   O4   sing N N 343 
THR N   CA   sing N N 344 
THR N   H    sing N N 345 
THR N   H2   sing N N 346 
THR CA  C    sing N N 347 
THR CA  CB   sing N N 348 
THR CA  HA   sing N N 349 
THR C   O    doub N N 350 
THR C   OXT  sing N N 351 
THR CB  OG1  sing N N 352 
THR CB  CG2  sing N N 353 
THR CB  HB   sing N N 354 
THR OG1 HG1  sing N N 355 
THR CG2 HG21 sing N N 356 
THR CG2 HG22 sing N N 357 
THR CG2 HG23 sing N N 358 
THR OXT HXT  sing N N 359 
TYR N   CA   sing N N 360 
TYR N   H    sing N N 361 
TYR N   H2   sing N N 362 
TYR CA  C    sing N N 363 
TYR CA  CB   sing N N 364 
TYR CA  HA   sing N N 365 
TYR C   O    doub N N 366 
TYR C   OXT  sing N N 367 
TYR CB  CG   sing N N 368 
TYR CB  HB2  sing N N 369 
TYR CB  HB3  sing N N 370 
TYR CG  CD1  doub Y N 371 
TYR CG  CD2  sing Y N 372 
TYR CD1 CE1  sing Y N 373 
TYR CD1 HD1  sing N N 374 
TYR CD2 CE2  doub Y N 375 
TYR CD2 HD2  sing N N 376 
TYR CE1 CZ   doub Y N 377 
TYR CE1 HE1  sing N N 378 
TYR CE2 CZ   sing Y N 379 
TYR CE2 HE2  sing N N 380 
TYR CZ  OH   sing N N 381 
TYR OH  HH   sing N N 382 
TYR OXT HXT  sing N N 383 
VAL N   CA   sing N N 384 
VAL N   H    sing N N 385 
VAL N   H2   sing N N 386 
VAL CA  C    sing N N 387 
VAL CA  CB   sing N N 388 
VAL CA  HA   sing N N 389 
VAL C   O    doub N N 390 
VAL C   OXT  sing N N 391 
VAL CB  CG1  sing N N 392 
VAL CB  CG2  sing N N 393 
VAL CB  HB   sing N N 394 
VAL CG1 HG11 sing N N 395 
VAL CG1 HG12 sing N N 396 
VAL CG1 HG13 sing N N 397 
VAL CG2 HG21 sing N N 398 
VAL CG2 HG22 sing N N 399 
VAL CG2 HG23 sing N N 400 
VAL OXT HXT  sing N N 401 
# 
_atom_sites.entry_id                    5BZJ 
_atom_sites.fract_transf_matrix[1][1]   0.01083783 
_atom_sites.fract_transf_matrix[1][2]   -0.03504785 
_atom_sites.fract_transf_matrix[1][3]   -0.00167957 
_atom_sites.fract_transf_matrix[2][1]   0.00657353 
_atom_sites.fract_transf_matrix[2][2]   0.00251433 
_atom_sites.fract_transf_matrix[2][3]   -0.01004964 
_atom_sites.fract_transf_matrix[3][1]   0.02948115 
_atom_sites.fract_transf_matrix[3][2]   -0.00908913 
_atom_sites.fract_transf_matrix[3][3]   0.01700977 
_atom_sites.fract_transf_vector[1]      0.082861 
_atom_sites.fract_transf_vector[2]      -0.005229 
_atom_sites.fract_transf_vector[3]      0.070129 
# 
loop_
_atom_type.symbol 
C 
N 
O 
S 
# 
loop_
_atom_site.group_PDB 
_atom_site.id 
_atom_site.type_symbol 
_atom_site.label_atom_id 
_atom_site.label_alt_id 
_atom_site.label_comp_id 
_atom_site.label_asym_id 
_atom_site.label_entity_id 
_atom_site.label_seq_id 
_atom_site.pdbx_PDB_ins_code 
_atom_site.Cartn_x 
_atom_site.Cartn_y 
_atom_site.Cartn_z 
_atom_site.occupancy 
_atom_site.B_iso_or_equiv 
_atom_site.pdbx_formal_charge 
_atom_site.auth_seq_id 
_atom_site.auth_comp_id 
_atom_site.auth_asym_id 
_atom_site.auth_atom_id 
_atom_site.pdbx_PDB_model_num 
ATOM   1    N N   . ASN A 1 2   ? 8.004   -13.122 -16.012 1.00 21.69 ?  24  ASN A N   1 
ATOM   2    C CA  . ASN A 1 2   ? 8.415   -11.790 -15.474 1.00 20.81 ?  24  ASN A CA  1 
ATOM   3    C C   . ASN A 1 2   ? 7.155   -11.033 -15.072 1.00 19.42 ?  24  ASN A C   1 
ATOM   4    O O   . ASN A 1 2   ? 6.662   -10.191 -15.825 1.00 18.08 ?  24  ASN A O   1 
ATOM   5    C CB  . ASN A 1 2   ? 9.221   -11.017 -16.529 1.00 21.78 ?  24  ASN A CB  1 
ATOM   6    C CG  . ASN A 1 2   ? 9.995   -9.846  -15.943 1.00 23.62 ?  24  ASN A CG  1 
ATOM   7    O OD1 . ASN A 1 2   ? 9.815   -9.485  -14.778 1.00 29.68 ?  24  ASN A OD1 1 
ATOM   8    N ND2 . ASN A 1 2   ? 10.861  -9.245  -16.749 1.00 24.97 ?  24  ASN A ND2 1 
ATOM   9    N N   . GLN A 1 3   ? 6.634   -11.366 -13.885 1.00 17.73 ?  25  GLN A N   1 
ATOM   10   C CA  . GLN A 1 3   ? 5.286   -10.960 -13.477 1.00 16.54 ?  25  GLN A CA  1 
ATOM   11   C C   . GLN A 1 3   ? 5.273   -10.569 -11.998 1.00 15.69 ?  25  GLN A C   1 
ATOM   12   O O   . GLN A 1 3   ? 5.974   -11.157 -11.172 1.00 17.09 ?  25  GLN A O   1 
ATOM   13   C CB  . GLN A 1 3   ? 4.310   -12.110 -13.708 1.00 17.32 ?  25  GLN A CB  1 
ATOM   14   C CG  . GLN A 1 3   ? 2.858   -11.685 -13.929 1.00 20.19 ?  25  GLN A CG  1 
ATOM   15   C CD  . GLN A 1 3   ? 2.026   -11.652 -12.647 1.00 25.04 ?  25  GLN A CD  1 
ATOM   16   O OE1 . GLN A 1 3   ? 2.280   -12.397 -11.697 1.00 27.66 ?  25  GLN A OE1 1 
ATOM   17   N NE2 . GLN A 1 3   ? 1.017   -10.791 -12.632 1.00 25.43 ?  25  GLN A NE2 1 
ATOM   18   N N   . ILE A 1 4   ? 4.517   -9.522  -11.696 1.00 12.62 ?  26  ILE A N   1 
ATOM   19   C CA  . ILE A 1 4   ? 4.331   -9.049  -10.328 1.00 12.20 ?  26  ILE A CA  1 
ATOM   20   C C   . ILE A 1 4   ? 2.829   -8.853  -10.108 1.00 11.26 ?  26  ILE A C   1 
ATOM   21   O O   . ILE A 1 4   ? 2.171   -8.186  -10.911 1.00 11.47 ?  26  ILE A O   1 
ATOM   22   C CB  . ILE A 1 4   ? 5.076   -7.713  -10.108 1.00 11.02 ?  26  ILE A CB  1 
ATOM   23   C CG1 . ILE A 1 4   ? 6.596   -7.909  -10.291 1.00 13.86 ?  26  ILE A CG1 1 
ATOM   24   C CG2 . ILE A 1 4   ? 4.770   -7.118  -8.716  1.00 12.91 ?  26  ILE A CG2 1 
ATOM   25   C CD1 . ILE A 1 4   ? 7.432   -6.675  -10.095 1.00 14.95 ?  26  ILE A CD1 1 
ATOM   26   N N   . ASP A 1 5   ? 2.281   -9.432  -9.042  1.00 10.24 ?  27  ASP A N   1 
ATOM   27   C CA  . ASP A 1 5   ? 0.903   -9.130  -8.620  1.00 10.18 ?  27  ASP A CA  1 
ATOM   28   C C   . ASP A 1 5   ? 1.018   -8.052  -7.546  1.00 8.61  ?  27  ASP A C   1 
ATOM   29   O O   . ASP A 1 5   ? 1.852   -8.158  -6.632  1.00 8.17  ?  27  ASP A O   1 
ATOM   30   C CB  . ASP A 1 5   ? 0.218   -10.322 -7.936  1.00 11.89 ?  27  ASP A CB  1 
ATOM   31   C CG  . ASP A 1 5   ? -0.390  -11.345 -8.894  1.00 16.01 ?  27  ASP A CG  1 
ATOM   32   O OD1 . ASP A 1 5   ? -0.550  -11.080 -10.096 1.00 18.38 ?  27  ASP A OD1 1 
ATOM   33   O OD2 . ASP A 1 5   ? -0.741  -12.444 -8.396  1.00 21.97 -1 27  ASP A OD2 1 
ATOM   34   N N   . LEU A 1 6   ? 0.168   -7.049  -7.641  1.00 7.70  ?  28  LEU A N   1 
ATOM   35   C CA  . LEU A 1 6   ? 0.046   -6.028  -6.604  1.00 6.86  ?  28  LEU A CA  1 
ATOM   36   C C   . LEU A 1 6   ? -1.361  -6.103  -6.060  1.00 6.48  ?  28  LEU A C   1 
ATOM   37   O O   . LEU A 1 6   ? -2.313  -5.730  -6.749  1.00 7.31  ?  28  LEU A O   1 
ATOM   38   C CB  . LEU A 1 6   ? 0.322   -4.646  -7.206  1.00 7.77  ?  28  LEU A CB  1 
ATOM   39   C CG  . LEU A 1 6   ? 1.715   -4.408  -7.820  1.00 7.68  ?  28  LEU A CG  1 
ATOM   40   C CD1 . LEU A 1 6   ? 1.805   -3.022  -8.455  1.00 8.49  ?  28  LEU A CD1 1 
ATOM   41   C CD2 . LEU A 1 6   ? 2.799   -4.577  -6.757  1.00 9.27  ?  28  LEU A CD2 1 
ATOM   42   N N   . ASN A 1 7   ? -1.510  -6.568  -4.836  1.00 5.10  ?  29  ASN A N   1 
ATOM   43   C CA  . ASN A 1 7   ? -2.842  -6.697  -4.215  1.00 5.99  ?  29  ASN A CA  1 
ATOM   44   C C   . ASN A 1 7   ? -3.159  -5.392  -3.489  1.00 5.05  ?  29  ASN A C   1 
ATOM   45   O O   . ASN A 1 7   ? -2.386  -4.980  -2.651  1.00 6.32  ?  29  ASN A O   1 
ATOM   46   C CB  . ASN A 1 7   ? -2.886  -7.807  -3.193  1.00 6.02  ?  29  ASN A CB  1 
ATOM   47   C CG  . ASN A 1 7   ? -2.515  -9.164  -3.744  1.00 8.87  ?  29  ASN A CG  1 
ATOM   48   O OD1 . ASN A 1 7   ? -2.718  -9.481  -4.918  1.00 8.91  ?  29  ASN A OD1 1 
ATOM   49   N ND2 . ASN A 1 7   ? -1.924  -9.990  -2.861  1.00 8.16  ?  29  ASN A ND2 1 
ATOM   50   N N   . VAL A 1 8   ? -4.258  -4.750  -3.843  1.00 5.15  ?  30  VAL A N   1 
ATOM   51   C CA  . VAL A 1 8   ? -4.547  -3.410  -3.365  1.00 5.93  ?  30  VAL A CA  1 
ATOM   52   C C   . VAL A 1 8   ? -5.859  -3.385  -2.580  1.00 5.73  ?  30  VAL A C   1 
ATOM   53   O O   . VAL A 1 8   ? -6.771  -4.170  -2.849  1.00 6.36  ?  30  VAL A O   1 
ATOM   54   C CB  . VAL A 1 8   ? -4.581  -2.410  -4.527  1.00 5.61  ?  30  VAL A CB  1 
ATOM   55   C CG1 . VAL A 1 8   ? -3.287  -2.389  -5.307  1.00 8.87  ?  30  VAL A CG1 1 
ATOM   56   C CG2 . VAL A 1 8   ? -5.743  -2.660  -5.459  1.00 6.27  ?  30  VAL A CG2 1 
ATOM   57   N N   . THR A 1 9   ? -5.963  -2.478  -1.611  1.00 5.59  ?  31  THR A N   1 
ATOM   58   C CA  . THR A 1 9   ? -7.182  -2.363  -0.829  1.00 5.80  ?  31  THR A CA  1 
ATOM   59   C C   . THR A 1 9   ? -8.055  -1.199  -1.296  1.00 5.58  ?  31  THR A C   1 
ATOM   60   O O   . THR A 1 9   ? -7.642  -0.373  -2.112  1.00 6.50  ?  31  THR A O   1 
ATOM   61   C CB  . THR A 1 9   ? -6.875  -2.123  0.671   1.00 5.92  ?  31  THR A CB  1 
ATOM   62   O OG1 . THR A 1 9   ? -6.193  -0.873  0.831   1.00 4.83  ?  31  THR A OG1 1 
ATOM   63   C CG2 . THR A 1 9   ? -6.044  -3.270  1.302   1.00 7.08  ?  31  THR A CG2 1 
ATOM   64   N N   . CYS A 1 10  ? -9.223  -1.123  -0.674  1.00 5.79  ?  32  CYS A N   1 
ATOM   65   C CA  . CYS A 1 10  ? -9.986  0.125   -0.631  1.00 4.62  ?  32  CYS A CA  1 
ATOM   66   C C   . CYS A 1 10  ? -9.119  1.290   -0.180  1.00 4.88  ?  32  CYS A C   1 
ATOM   67   O O   . CYS A 1 10  ? -8.159  1.080   0.575   1.00 5.10  ?  32  CYS A O   1 
ATOM   68   C CB  . CYS A 1 10  ? -11.053 -0.040  0.437   1.00 5.68  ?  32  CYS A CB  1 
ATOM   69   S SG  . CYS A 1 10  ? -12.314 -1.317  0.182   1.00 10.22 ?  32  CYS A SG  1 
ATOM   70   N N   . ARG A 1 11  ? -9.473  2.483   -0.620  1.00 4.61  ?  33  ARG A N   1 
ATOM   71   C CA  . ARG A 1 11  ? -8.861  3.702   -0.125  1.00 4.30  ?  33  ARG A CA  1 
ATOM   72   C C   . ARG A 1 11  ? -9.699  4.286   0.979   1.00 5.70  ?  33  ARG A C   1 
ATOM   73   O O   . ARG A 1 11  ? -10.937 4.312   0.883   1.00 6.37  ?  33  ARG A O   1 
ATOM   74   C CB  . ARG A 1 11  ? -8.640  4.721   -1.241  1.00 5.18  ?  33  ARG A CB  1 
ATOM   75   C CG  . ARG A 1 11  ? -7.393  4.455   -2.091  1.00 6.38  ?  33  ARG A CG  1 
ATOM   76   C CD  . ARG A 1 11  ? -7.529  3.232   -3.000  1.00 5.30  ?  33  ARG A CD  1 
ATOM   77   N NE  . ARG A 1 11  ? -8.641  3.396   -3.944  1.00 5.10  ?  33  ARG A NE  1 
ATOM   78   C CZ  . ARG A 1 11  ? -9.468  2.438   -4.356  1.00 6.40  ?  33  ARG A CZ  1 
ATOM   79   N NH1 . ARG A 1 11  ? -9.335  1.178   -3.980  1.00 6.21  ?  33  ARG A NH1 1 
ATOM   80   N NH2 . ARG A 1 11  ? -10.417 2.770   -5.233  1.00 8.30  ?  33  ARG A NH2 1 
ATOM   81   N N   . TYR A 1 12  ? -9.037  4.827   1.970   1.00 4.95  ?  34  TYR A N   1 
ATOM   82   C CA  . TYR A 1 12  ? -9.670  5.535   3.069   1.00 4.48  ?  34  TYR A CA  1 
ATOM   83   C C   . TYR A 1 12  ? -8.994  6.859   3.234   1.00 4.31  ?  34  TYR A C   1 
ATOM   84   O O   . TYR A 1 12  ? -7.822  6.906   3.562   1.00 5.28  ?  34  TYR A O   1 
ATOM   85   C CB  . TYR A 1 12  ? -9.552  4.748   4.382   1.00 6.00  ?  34  TYR A CB  1 
ATOM   86   C CG  . TYR A 1 12  ? -10.429 3.533   4.367   1.00 8.20  ?  34  TYR A CG  1 
ATOM   87   C CD1 . TYR A 1 12  ? -11.728 3.613   4.861   1.00 10.59 ?  34  TYR A CD1 1 
ATOM   88   C CD2 . TYR A 1 12  ? -9.988  2.317   3.854   1.00 10.34 ?  34  TYR A CD2 1 
ATOM   89   C CE1 . TYR A 1 12  ? -12.563 2.526   4.843   1.00 12.21 ?  34  TYR A CE1 1 
ATOM   90   C CE2 . TYR A 1 12  ? -10.841 1.197   3.841   1.00 10.14 ?  34  TYR A CE2 1 
ATOM   91   C CZ  . TYR A 1 12  ? -12.124 1.331   4.346   1.00 11.11 ?  34  TYR A CZ  1 
ATOM   92   O OH  . TYR A 1 12  ? -13.008 0.241   4.363   1.00 17.42 ?  34  TYR A OH  1 
ATOM   93   N N   . ALA A 1 13  ? -9.709  7.949   2.954   1.00 4.67  ?  35  ALA A N   1 
ATOM   94   C CA  . ALA A 1 13  ? -9.096  9.268   2.925   1.00 4.22  ?  35  ALA A CA  1 
ATOM   95   C C   . ALA A 1 13  ? -7.783  9.233   2.095   1.00 3.69  ?  35  ALA A C   1 
ATOM   96   O O   . ALA A 1 13  ? -6.742  9.817   2.476   1.00 4.72  ?  35  ALA A O   1 
ATOM   97   C CB  . ALA A 1 13  ? -8.892  9.824   4.363   1.00 5.35  ?  35  ALA A CB  1 
ATOM   98   N N   . GLY A 1 14  ? -7.816  8.482   0.989   1.00 3.81  ?  36  GLY A N   1 
ATOM   99   C CA  . GLY A 1 14  ? -6.674  8.436   0.054   1.00 3.74  ?  36  GLY A CA  1 
ATOM   100  C C   . GLY A 1 14  ? -5.607  7.378   0.348   1.00 3.65  ?  36  GLY A C   1 
ATOM   101  O O   . GLY A 1 14  ? -4.716  7.177   -0.472  1.00 4.60  ?  36  GLY A O   1 
ATOM   102  N N   . VAL A 1 15  ? -5.695  6.765   1.506   1.00 4.36  ?  37  VAL A N   1 
ATOM   103  C CA  . VAL A 1 15  ? -4.662  5.836   1.927   1.00 3.77  ?  37  VAL A CA  1 
ATOM   104  C C   . VAL A 1 15  ? -5.105  4.404   1.621   1.00 4.87  ?  37  VAL A C   1 
ATOM   105  O O   . VAL A 1 15  ? -6.234  4.029   1.895   1.00 4.17  ?  37  VAL A O   1 
ATOM   106  C CB  . VAL A 1 15  ? -4.420  5.983   3.451   1.00 3.78  ?  37  VAL A CB  1 
ATOM   107  C CG1 . VAL A 1 15  ? -3.437  4.902   4.002   1.00 5.55  ?  37  VAL A CG1 1 
ATOM   108  C CG2 . VAL A 1 15  ? -3.918  7.416   3.814   1.00 4.53  ?  37  VAL A CG2 1 
ATOM   109  N N   . PHE A 1 16  ? -4.196  3.601   1.070   1.00 4.08  ?  38  PHE A N   1 
ATOM   110  C CA  . PHE A 1 16  ? -4.463  2.201   0.777   1.00 4.55  ?  38  PHE A CA  1 
ATOM   111  C C   . PHE A 1 16  ? -3.217  1.392   1.060   1.00 4.63  ?  38  PHE A C   1 
ATOM   112  O O   . PHE A 1 16  ? -2.105  1.939   1.178   1.00 4.43  ?  38  PHE A O   1 
ATOM   113  C CB  . PHE A 1 16  ? -4.996  2.032   -0.665  1.00 4.64  ?  38  PHE A CB  1 
ATOM   114  C CG  . PHE A 1 16  ? -4.081  2.524   -1.755  1.00 5.48  ?  38  PHE A CG  1 
ATOM   115  C CD1 . PHE A 1 16  ? -3.425  1.614   -2.584  1.00 6.94  ?  38  PHE A CD1 1 
ATOM   116  C CD2 . PHE A 1 16  ? -3.889  3.894   -1.979  1.00 4.51  ?  38  PHE A CD2 1 
ATOM   117  C CE1 . PHE A 1 16  ? -2.602  2.040   -3.613  1.00 8.21  ?  38  PHE A CE1 1 
ATOM   118  C CE2 . PHE A 1 16  ? -3.073  4.311   -3.027  1.00 5.08  ?  38  PHE A CE2 1 
ATOM   119  C CZ  . PHE A 1 16  ? -2.429  3.388   -3.838  1.00 6.32  ?  38  PHE A CZ  1 
ATOM   120  N N   . HIS A 1 17  ? -3.432  0.076   1.101   1.00 4.02  ?  39  HIS A N   1 
ATOM   121  C CA  . HIS A 1 17  ? -2.391  -0.929  1.352   1.00 3.92  ?  39  HIS A CA  1 
ATOM   122  C C   . HIS A 1 17  ? -2.112  -1.670  0.044   1.00 5.18  ?  39  HIS A C   1 
ATOM   123  O O   . HIS A 1 17  ? -3.033  -1.993  -0.739  1.00 6.04  ?  39  HIS A O   1 
ATOM   124  C CB  . HIS A 1 17  ? -2.904  -1.829  2.444   1.00 4.58  ?  39  HIS A CB  1 
ATOM   125  C CG  . HIS A 1 17  ? -2.105  -3.088  2.654   1.00 4.30  ?  39  HIS A CG  1 
ATOM   126  N ND1 . HIS A 1 17  ? -2.582  -4.341  2.326   1.00 9.39  ?  39  HIS A ND1 1 
ATOM   127  C CD2 . HIS A 1 17  ? -0.874  -3.288  3.190   1.00 5.30  ?  39  HIS A CD2 1 
ATOM   128  C CE1 . HIS A 1 17  ? -1.666  -5.254  2.614   1.00 7.52  ?  39  HIS A CE1 1 
ATOM   129  N NE2 . HIS A 1 17  ? -0.623  -4.645  3.136   1.00 6.76  ?  39  HIS A NE2 1 
ATOM   130  N N   . VAL A 1 18  ? -0.818  -1.904  -0.205  1.00 5.54  ?  40  VAL A N   1 
ATOM   131  C CA  . VAL A 1 18  ? -0.378  -2.698  -1.340  1.00 5.57  ?  40  VAL A CA  1 
ATOM   132  C C   . VAL A 1 18  ? 0.579   -3.780  -0.838  1.00 4.89  ?  40  VAL A C   1 
ATOM   133  O O   . VAL A 1 18  ? 1.557   -3.506  -0.136  1.00 5.89  ?  40  VAL A O   1 
ATOM   134  C CB  . VAL A 1 18  ? 0.346   -1.834  -2.383  1.00 5.65  ?  40  VAL A CB  1 
ATOM   135  C CG1 . VAL A 1 18  ? 0.773   -2.629  -3.648  1.00 6.73  ?  40  VAL A CG1 1 
ATOM   136  C CG2 . VAL A 1 18  ? -0.423  -0.558  -2.746  1.00 6.21  ?  40  VAL A CG2 1 
ATOM   137  N N   . GLU A 1 19  ? 0.304   -5.008  -1.241  1.00 5.93  ?  41  GLU A N   1 
ATOM   138  C CA  . GLU A 1 19  ? 1.265   -6.099  -1.068  1.00 7.94  ?  41  GLU A CA  1 
ATOM   139  C C   . GLU A 1 19  ? 1.708   -6.646  -2.392  1.00 8.21  ?  41  GLU A C   1 
ATOM   140  O O   . GLU A 1 19  ? 0.908   -6.824  -3.308  1.00 8.26  ?  41  GLU A O   1 
ATOM   141  C CB  . GLU A 1 19  ? 0.701   -7.187  -0.157  1.00 9.97  ?  41  GLU A CB  1 
ATOM   142  C CG  . GLU A 1 19  ? -0.656  -7.578  -0.453  1.00 14.56 ?  41  GLU A CG  1 
ATOM   143  C CD  . GLU A 1 19  ? -1.157  -8.697  0.456   1.00 15.75 ?  41  GLU A CD  1 
ATOM   144  O OE1 . GLU A 1 19  ? -1.249  -8.499  1.698   1.00 16.34 ?  41  GLU A OE1 1 
ATOM   145  O OE2 . GLU A 1 19  ? -1.499  -9.754  -0.104  1.00 16.93 -1 41  GLU A OE2 1 
ATOM   146  N N   . LYS A 1 20  ? 3.000   -6.936  -2.465  1.00 7.01  ?  42  LYS A N   1 
ATOM   147  C CA  . LYS A 1 20  ? 3.612   -7.489  -3.671  1.00 8.07  ?  42  LYS A CA  1 
ATOM   148  C C   . LYS A 1 20  ? 3.598   -9.012  -3.557  1.00 8.66  ?  42  LYS A C   1 
ATOM   149  O O   . LYS A 1 20  ? 4.190   -9.594  -2.628  1.00 8.88  ?  42  LYS A O   1 
ATOM   150  C CB  . LYS A 1 20  ? 5.032   -6.955  -3.819  1.00 7.54  ?  42  LYS A CB  1 
ATOM   151  C CG  . LYS A 1 20  ? 5.727   -7.382  -5.082  1.00 12.03 ?  42  LYS A CG  1 
ATOM   152  C CD  . LYS A 1 20  ? 7.135   -6.883  -5.056  1.00 12.82 ?  42  LYS A CD  1 
ATOM   153  C CE  . LYS A 1 20  ? 7.856   -7.205  -6.339  1.00 15.93 ?  42  LYS A CE  1 
ATOM   154  N NZ  . LYS A 1 20  ? 9.296   -7.001  -6.074  1.00 17.99 ?  42  LYS A NZ  1 
ATOM   155  N N   . ASN A 1 21  ? 2.906   -9.666  -4.488  1.00 9.17  ?  43  ASN A N   1 
ATOM   156  C CA  . ASN A 1 21  ? 2.855   -11.128 -4.587  1.00 10.51 ?  43  ASN A CA  1 
ATOM   157  C C   . ASN A 1 21  ? 2.304   -11.778 -3.308  1.00 11.13 ?  43  ASN A C   1 
ATOM   158  O O   . ASN A 1 21  ? 2.566   -12.948 -3.053  1.00 13.18 ?  43  ASN A O   1 
ATOM   159  C CB  . ASN A 1 21  ? 4.240   -11.689 -4.963  1.00 11.22 ?  43  ASN A CB  1 
ATOM   160  C CG  . ASN A 1 21  ? 4.673   -11.256 -6.357  1.00 11.39 ?  43  ASN A CG  1 
ATOM   161  O OD1 . ASN A 1 21  ? 3.839   -11.166 -7.268  1.00 10.74 ?  43  ASN A OD1 1 
ATOM   162  N ND2 . ASN A 1 21  ? 5.964   -10.941 -6.520  1.00 11.69 ?  43  ASN A ND2 1 
ATOM   163  N N   . GLY A 1 22  ? 1.503   -11.039 -2.543  1.00 10.97 ?  44  GLY A N   1 
ATOM   164  C CA  . GLY A 1 22  ? 0.851   -11.574 -1.361  1.00 11.54 ?  44  GLY A CA  1 
ATOM   165  C C   . GLY A 1 22  ? 1.813   -11.998 -0.252  1.00 12.01 ?  44  GLY A C   1 
ATOM   166  O O   . GLY A 1 22  ? 1.394   -12.740 0.632   1.00 13.64 ?  44  GLY A O   1 
ATOM   167  N N   . ARG A 1 23  ? 3.051   -11.484 -0.252  1.00 11.39 ?  45  ARG A N   1 
ATOM   168  C CA  . ARG A 1 23  ? 4.030   -11.788 0.777   1.00 11.23 ?  45  ARG A CA  1 
ATOM   169  C C   . ARG A 1 23  ? 4.877   -10.573 1.062   1.00 9.82  ?  45  ARG A C   1 
ATOM   170  O O   . ARG A 1 23  ? 5.052   -9.708  0.176   1.00 9.85  ?  45  ARG A O   1 
ATOM   171  C CB  . ARG A 1 23  ? 4.932   -12.940 0.326   1.00 11.71 ?  45  ARG A CB  1 
ATOM   172  C CG  . ARG A 1 23  ? 5.773   -12.635 -0.896  1.00 13.70 ?  45  ARG A CG  1 
ATOM   173  C CD  . ARG A 1 23  ? 6.472   -13.925 -1.412  1.00 20.93 ?  45  ARG A CD  1 
ATOM   174  N NE  . ARG A 1 23  ? 7.303   -13.663 -2.596  1.00 24.27 ?  45  ARG A NE  1 
ATOM   175  C CZ  . ARG A 1 23  ? 7.020   -14.056 -3.843  1.00 27.62 ?  45  ARG A CZ  1 
ATOM   176  N NH1 . ARG A 1 23  ? 5.918   -14.760 -4.114  1.00 27.58 ?  45  ARG A NH1 1 
ATOM   177  N NH2 . ARG A 1 23  ? 7.853   -13.756 -4.838  1.00 29.13 ?  45  ARG A NH2 1 
ATOM   178  N N   . TYR A 1 24  ? 5.407   -10.491 2.285   1.00 7.74  ?  46  TYR A N   1 
ATOM   179  C CA  . TYR A 1 24  ? 6.221   -9.341  2.666   1.00 8.21  ?  46  TYR A CA  1 
ATOM   180  C C   . TYR A 1 24  ? 7.479   -9.319  1.821   1.00 8.07  ?  46  TYR A C   1 
ATOM   181  O O   . TYR A 1 24  ? 8.308   -10.250 1.925   1.00 10.36 ?  46  TYR A O   1 
ATOM   182  C CB  . TYR A 1 24  ? 6.635   -9.448  4.126   1.00 6.69  ?  46  TYR A CB  1 
ATOM   183  C CG  . TYR A 1 24  ? 5.543   -9.180  5.121   1.00 5.93  ?  46  TYR A CG  1 
ATOM   184  C CD1 . TYR A 1 24  ? 4.802   -7.994  5.078   1.00 6.87  ?  46  TYR A CD1 1 
ATOM   185  C CD2 . TYR A 1 24  ? 5.261   -10.086 6.118   1.00 5.81  ?  46  TYR A CD2 1 
ATOM   186  C CE1 . TYR A 1 24  ? 3.811   -7.756  6.017   1.00 5.59  ?  46  TYR A CE1 1 
ATOM   187  C CE2 . TYR A 1 24  ? 4.279   -9.855  7.067   1.00 5.74  ?  46  TYR A CE2 1 
ATOM   188  C CZ  . TYR A 1 24  ? 3.555   -8.670  7.011   1.00 4.10  ?  46  TYR A CZ  1 
ATOM   189  O OH  . TYR A 1 24  ? 2.562   -8.427  7.937   1.00 6.80  ?  46  TYR A OH  1 
ATOM   190  N N   . SER A 1 25  ? 7.654   -8.301  0.980   1.00 7.36  ?  47  SER A N   1 
ATOM   191  C CA  . SER A 1 25  ? 8.722   -8.387  -0.036  1.00 6.59  ?  47  SER A CA  1 
ATOM   192  C C   . SER A 1 25  ? 9.123   -7.071  -0.647  1.00 8.04  ?  47  SER A C   1 
ATOM   193  O O   . SER A 1 25  ? 9.856   -7.041  -1.630  1.00 7.97  ?  47  SER A O   1 
ATOM   194  C CB  . SER A 1 25  ? 8.369   -9.370  -1.170  1.00 7.66  ?  47  SER A CB  1 
ATOM   195  O OG  . SER A 1 25  ? 7.165   -8.941  -1.809  1.00 8.18  ?  47  SER A OG  1 
ATOM   196  N N   . ILE A 1 26  ? 8.683   -5.979  -0.018  1.00 6.78  ?  48  ILE A N   1 
ATOM   197  C CA  . ILE A 1 26  ? 8.949   -4.624  -0.490  1.00 7.57  ?  48  ILE A CA  1 
ATOM   198  C C   . ILE A 1 26  ? 9.961   -3.944  0.446   1.00 6.50  ?  48  ILE A C   1 
ATOM   199  O O   . ILE A 1 26  ? 9.728   -3.866  1.642   1.00 7.01  ?  48  ILE A O   1 
ATOM   200  C CB  . ILE A 1 26  ? 7.632   -3.791  -0.577  1.00 7.50  ?  48  ILE A CB  1 
ATOM   201  C CG1 . ILE A 1 26  ? 6.575   -4.496  -1.441  1.00 7.47  ?  48  ILE A CG1 1 
ATOM   202  C CG2 . ILE A 1 26  ? 7.937   -2.421  -1.154  1.00 8.82  ?  48  ILE A CG2 1 
ATOM   203  C CD1 . ILE A 1 26  ? 5.146   -3.833  -1.408  1.00 7.73  ?  48  ILE A CD1 1 
ATOM   204  N N   . SER A 1 27  ? 11.051  -3.441  -0.109  1.00 7.72  ?  49  SER A N   1 
ATOM   205  C CA  . SER A 1 27  ? 11.965  -2.607  0.687   1.00 7.20  ?  49  SER A CA  1 
ATOM   206  C C   . SER A 1 27  ? 11.485  -1.172  0.809   1.00 8.70  ?  49  SER A C   1 
ATOM   207  O O   . SER A 1 27  ? 10.587  -0.732  0.089   1.00 7.41  ?  49  SER A O   1 
ATOM   208  C CB  . SER A 1 27  ? 13.347  -2.580  0.059   1.00 7.47  ?  49  SER A CB  1 
ATOM   209  O OG  . SER A 1 27  ? 13.264  -1.890  -1.182  1.00 11.05 ?  49  SER A OG  1 
ATOM   210  N N   . ARG A 1 28  ? 12.111  -0.402  1.673   1.00 8.21  ?  50  ARG A N   1 
ATOM   211  C CA  . ARG A 1 28  ? 11.723  0.978   1.826   1.00 9.64  ?  50  ARG A CA  1 
ATOM   212  C C   . ARG A 1 28  ? 11.889  1.781   0.521   1.00 9.59  ?  50  ARG A C   1 
ATOM   213  O O   . ARG A 1 28  ? 10.998  2.563   0.169   1.00 9.99  ?  50  ARG A O   1 
ATOM   214  C CB  . ARG A 1 28  ? 12.511  1.587   2.980   1.00 11.35 ?  50  ARG A CB  1 
ATOM   215  C CG  . ARG A 1 28  ? 12.327  3.055   3.198   1.00 15.91 ?  50  ARG A CG  1 
ATOM   216  C CD  . ARG A 1 28  ? 10.883  3.425   3.445   1.00 20.26 ?  50  ARG A CD  1 
ATOM   217  N NE  . ARG A 1 28  ? 10.773  4.858   3.697   1.00 23.34 ?  50  ARG A NE  1 
ATOM   218  C CZ  . ARG A 1 28  ? 10.854  5.791   2.751   1.00 25.15 ?  50  ARG A CZ  1 
ATOM   219  N NH1 . ARG A 1 28  ? 11.022  5.441   1.479   1.00 23.26 ?  50  ARG A NH1 1 
ATOM   220  N NH2 . ARG A 1 28  ? 10.751  7.076   3.076   1.00 22.76 ?  50  ARG A NH2 1 
ATOM   221  N N   . THR A 1 29  ? 12.967  1.546   -0.233  1.00 9.40  ?  51  THR A N   1 
ATOM   222  C CA  . THR A 1 29  ? 13.133  2.213   -1.535  1.00 10.44 ?  51  THR A CA  1 
ATOM   223  C C   . THR A 1 29  ? 12.104  1.768   -2.573  1.00 9.28  ?  51  THR A C   1 
ATOM   224  O O   . THR A 1 29  ? 11.577  2.594   -3.302  1.00 10.49 ?  51  THR A O   1 
ATOM   225  C CB  . THR A 1 29  ? 14.558  2.103   -2.091  1.00 11.15 ?  51  THR A CB  1 
ATOM   226  O OG1 . THR A 1 29  ? 14.983  0.744   -2.092  1.00 13.77 ?  51  THR A OG1 1 
ATOM   227  C CG2 . THR A 1 29  ? 15.526  2.959   -1.315  1.00 12.79 ?  51  THR A CG2 1 
ATOM   228  N N   . GLU A 1 30  ? 11.791  0.476   -2.614  1.00 7.90  ?  52  GLU A N   1 
ATOM   229  C CA  . GLU A 1 30  ? 10.832  -0.009  -3.549  1.00 8.04  ?  52  GLU A CA  1 
ATOM   230  C C   . GLU A 1 30  ? 9.447   0.549   -3.197  1.00 7.06  ?  52  GLU A C   1 
ATOM   231  O O   . GLU A 1 30  ? 8.618   0.797   -4.104  1.00 7.68  ?  52  GLU A O   1 
ATOM   232  C CB  . GLU A 1 30  ? 10.815  -1.543  -3.586  1.00 8.29  ?  52  GLU A CB  1 
ATOM   233  C CG  . GLU A 1 30  ? 9.829   -2.084  -4.624  1.00 10.54 ?  52  GLU A CG  1 
ATOM   234  C CD  . GLU A 1 30  ? 10.059  -3.530  -5.058  1.00 12.73 ?  52  GLU A CD  1 
ATOM   235  O OE1 . GLU A 1 30  ? 11.160  -4.091  -4.820  1.00 18.67 ?  52  GLU A OE1 1 
ATOM   236  O OE2 . GLU A 1 30  ? 9.145   -4.109  -5.657  1.00 15.04 -1 52  GLU A OE2 1 
ATOM   237  N N   . ALA A 1 31  ? 9.146   0.706   -1.902  1.00 6.80  ?  53  ALA A N   1 
ATOM   238  C CA  . ALA A 1 31  ? 7.855   1.218   -1.466  1.00 7.72  ?  53  ALA A CA  1 
ATOM   239  C C   . ALA A 1 31  ? 7.608   2.608   -1.996  1.00 7.06  ?  53  ALA A C   1 
ATOM   240  O O   . ALA A 1 31  ? 6.536   2.885   -2.512  1.00 6.56  ?  53  ALA A O   1 
ATOM   241  C CB  . ALA A 1 31  ? 7.788   1.212   0.046   1.00 6.38  ?  53  ALA A CB  1 
ATOM   242  N N   . ALA A 1 32  ? 8.603   3.487   -1.895  1.00 7.51  ?  54  ALA A N   1 
ATOM   243  C CA  . ALA A 1 32  ? 8.446   4.833   -2.435  1.00 8.31  ?  54  ALA A CA  1 
ATOM   244  C C   . ALA A 1 32  ? 8.217   4.782   -3.947  1.00 8.73  ?  54  ALA A C   1 
ATOM   245  O O   . ALA A 1 32  ? 7.394   5.511   -4.479  1.00 8.71  ?  54  ALA A O   1 
ATOM   246  C CB  . ALA A 1 32  ? 9.679   5.665   -2.098  1.00 9.26  ?  54  ALA A CB  1 
ATOM   247  N N   . ASP A 1 33  ? 8.947   3.918   -4.647  1.00 8.96  ?  55  ASP A N   1 
ATOM   248  C CA  . ASP A 1 33  ? 8.788   3.818   -6.112  1.00 9.29  ?  55  ASP A CA  1 
ATOM   249  C C   . ASP A 1 33  ? 7.415   3.267   -6.499  1.00 8.89  ?  55  ASP A C   1 
ATOM   250  O O   . ASP A 1 33  ? 6.765   3.705   -7.467  1.00 8.32  ?  55  ASP A O   1 
ATOM   251  C CB  . ASP A 1 33  ? 9.902   2.946   -6.704  1.00 9.99  ?  55  ASP A CB  1 
ATOM   252  C CG  . ASP A 1 33  ? 11.245  3.627   -6.722  1.00 12.42 ?  55  ASP A CG  1 
ATOM   253  O OD1 . ASP A 1 33  ? 11.313  4.842   -6.528  1.00 17.14 ?  55  ASP A OD1 1 
ATOM   254  O OD2 . ASP A 1 33  ? 12.251  2.915   -6.904  1.00 14.83 -1 55  ASP A OD2 1 
ATOM   255  N N   . LEU A 1 34  ? 6.946   2.309   -5.708  1.00 6.95  ?  56  LEU A N   1 
ATOM   256  C CA  . LEU A 1 34  ? 5.657   1.668   -5.946  1.00 7.59  ?  56  LEU A CA  1 
ATOM   257  C C   . LEU A 1 34  ? 4.554   2.704   -5.766  1.00 6.70  ?  56  LEU A C   1 
ATOM   258  O O   . LEU A 1 34  ? 3.663   2.876   -6.630  1.00 7.41  ?  56  LEU A O   1 
ATOM   259  C CB  . LEU A 1 34  ? 5.473   0.492   -4.990  1.00 7.47  ?  56  LEU A CB  1 
ATOM   260  C CG  . LEU A 1 34  ? 4.233   -0.352  -5.252  1.00 10.01 ?  56  LEU A CG  1 
ATOM   261  C CD1 . LEU A 1 34  ? 4.083   -0.720  -6.743  1.00 13.77 ?  56  LEU A CD1 1 
ATOM   262  C CD2 . LEU A 1 34  ? 4.320   -1.602  -4.397  1.00 10.40 ?  56  LEU A CD2 1 
ATOM   263  N N   . CYS A 1 35  ? 4.598   3.437   -4.648  1.00 6.56  ?  57  CYS A N   1 
ATOM   264  C CA  . CYS A 1 35  ? 3.585   4.478   -4.506  1.00 7.53  ?  57  CYS A CA  1 
ATOM   265  C C   . CYS A 1 35  ? 3.641   5.507   -5.634  1.00 7.79  ?  57  CYS A C   1 
ATOM   266  O O   . CYS A 1 35  ? 2.586   5.894   -6.122  1.00 7.46  ?  57  CYS A O   1 
ATOM   267  C CB  . CYS A 1 35  ? 3.715   5.166   -3.162  1.00 8.78  ?  57  CYS A CB  1 
ATOM   268  S SG  . CYS A 1 35  ? 3.381   4.131   -1.742  1.00 8.41  ?  57  CYS A SG  1 
ATOM   269  N N   A GLN A 1 36  ? 4.844   5.907   -6.053  0.50 7.72  ?  58  GLN A N   1 
ATOM   270  N N   B GLN A 1 36  ? 4.846   5.905   -6.043  0.50 7.87  ?  58  GLN A N   1 
ATOM   271  C CA  A GLN A 1 36  ? 4.999   6.847   -7.172  0.50 8.70  ?  58  GLN A CA  1 
ATOM   272  C CA  B GLN A 1 36  ? 5.027   6.824   -7.167  0.50 8.87  ?  58  GLN A CA  1 
ATOM   273  C C   A GLN A 1 36  ? 4.297   6.354   -8.448  0.50 8.42  ?  58  GLN A C   1 
ATOM   274  C C   B GLN A 1 36  ? 4.296   6.352   -8.433  0.50 8.55  ?  58  GLN A C   1 
ATOM   275  O O   A GLN A 1 36  ? 3.690   7.147   -9.170  0.50 8.76  ?  58  GLN A O   1 
ATOM   276  O O   B GLN A 1 36  ? 3.682   7.156   -9.138  0.50 8.86  ?  58  GLN A O   1 
ATOM   277  C CB  A GLN A 1 36  ? 6.477   7.181   -7.432  0.50 8.99  ?  58  GLN A CB  1 
ATOM   278  C CB  B GLN A 1 36  ? 6.513   7.039   -7.450  0.50 9.43  ?  58  GLN A CB  1 
ATOM   279  C CG  A GLN A 1 36  ? 6.686   8.284   -8.469  0.50 12.02 ?  58  GLN A CG  1 
ATOM   280  C CG  B GLN A 1 36  ? 6.783   7.830   -8.719  0.50 12.14 ?  58  GLN A CG  1 
ATOM   281  C CD  A GLN A 1 36  ? 8.035   8.974   -8.357  0.50 14.24 ?  58  GLN A CD  1 
ATOM   282  C CD  B GLN A 1 36  ? 6.335   9.282   -8.603  0.50 15.77 ?  58  GLN A CD  1 
ATOM   283  O OE1 A GLN A 1 36  ? 8.612   9.385   -9.359  0.50 18.45 ?  58  GLN A OE1 1 
ATOM   284  O OE1 B GLN A 1 36  ? 6.143   9.968   -9.607  0.50 19.53 ?  58  GLN A OE1 1 
ATOM   285  N NE2 A GLN A 1 36  ? 8.538   9.109   -7.136  0.50 17.34 ?  58  GLN A NE2 1 
ATOM   286  N NE2 B GLN A 1 36  ? 6.167   9.752   -7.377  0.50 16.68 ?  58  GLN A NE2 1 
ATOM   287  N N   . ALA A 1 37  ? 4.327   5.047   -8.688  1.00 8.29  ?  59  ALA A N   1 
ATOM   288  C CA  . ALA A 1 37  ? 3.636   4.434   -9.835  1.00 8.25  ?  59  ALA A CA  1 
ATOM   289  C C   . ALA A 1 37  ? 2.127   4.564   -9.803  1.00 8.55  ?  59  ALA A C   1 
ATOM   290  O O   . ALA A 1 37  ? 1.457   4.557   -10.858 1.00 8.23  ?  59  ALA A O   1 
ATOM   291  C CB  . ALA A 1 37  ? 4.053   2.976   -9.992  1.00 9.55  ?  59  ALA A CB  1 
ATOM   292  N N   . PHE A 1 38  ? 1.578   4.636   -8.575  1.00 7.92  ?  60  PHE A N   1 
ATOM   293  C CA  . PHE A 1 38  ? 0.165   4.933   -8.357  1.00 8.38  ?  60  PHE A CA  1 
ATOM   294  C C   . PHE A 1 38  ? -0.107  6.435   -8.224  1.00 8.53  ?  60  PHE A C   1 
ATOM   295  O O   . PHE A 1 38  ? -1.171  6.806   -7.744  1.00 9.37  ?  60  PHE A O   1 
ATOM   296  C CB  . PHE A 1 38  ? -0.369  4.250   -7.069  1.00 8.10  ?  60  PHE A CB  1 
ATOM   297  C CG  . PHE A 1 38  ? -0.531  2.771   -7.183  1.00 8.85  ?  60  PHE A CG  1 
ATOM   298  C CD1 . PHE A 1 38  ? -1.663  2.243   -7.809  1.00 8.72  ?  60  PHE A CD1 1 
ATOM   299  C CD2 . PHE A 1 38  ? 0.394   1.914   -6.610  1.00 9.05  ?  60  PHE A CD2 1 
ATOM   300  C CE1 . PHE A 1 38  ? -1.855  0.861   -7.918  1.00 7.94  ?  60  PHE A CE1 1 
ATOM   301  C CE2 . PHE A 1 38  ? 0.222   0.543   -6.697  1.00 8.98  ?  60  PHE A CE2 1 
ATOM   302  C CZ  . PHE A 1 38  ? -0.901  0.007   -7.351  1.00 8.76  ?  60  PHE A CZ  1 
ATOM   303  N N   A ASN A 1 39  ? 0.817   7.289   -8.684  0.50 8.87  ?  61  ASN A N   1 
ATOM   304  N N   B ASN A 1 39  ? 0.842   7.277   -8.643  0.50 9.05  ?  61  ASN A N   1 
ATOM   305  C CA  A ASN A 1 39  ? 0.702   8.742   -8.449  0.50 8.85  ?  61  ASN A CA  1 
ATOM   306  C CA  B ASN A 1 39  ? 0.699   8.724   -8.458  0.50 9.16  ?  61  ASN A CA  1 
ATOM   307  C C   A ASN A 1 39  ? 0.393   9.052   -6.991  0.50 9.01  ?  61  ASN A C   1 
ATOM   308  C C   B ASN A 1 39  ? 0.415   9.069   -6.998  0.50 9.21  ?  61  ASN A C   1 
ATOM   309  O O   A ASN A 1 39  ? -0.456  9.898   -6.680  0.50 9.57  ?  61  ASN A O   1 
ATOM   310  O O   B ASN A 1 39  ? -0.394  9.956   -6.695  0.50 9.66  ?  61  ASN A O   1 
ATOM   311  C CB  A ASN A 1 39  ? -0.372  9.382   -9.338  0.50 9.61  ?  61  ASN A CB  1 
ATOM   312  C CB  B ASN A 1 39  ? -0.425  9.261   -9.344  0.50 10.15 ?  61  ASN A CB  1 
ATOM   313  C CG  A ASN A 1 39  ? 0.114   9.649   -10.749 0.50 10.76 ?  61  ASN A CG  1 
ATOM   314  C CG  B ASN A 1 39  ? -0.357  10.750  -9.524  0.50 11.89 ?  61  ASN A CG  1 
ATOM   315  O OD1 A ASN A 1 39  ? 1.262   10.023  -10.960 0.50 14.02 ?  61  ASN A OD1 1 
ATOM   316  O OD1 B ASN A 1 39  ? 0.724   11.333  -9.603  0.50 16.35 ?  61  ASN A OD1 1 
ATOM   317  N ND2 A ASN A 1 39  ? -0.772  9.463   -11.721 0.50 13.70 ?  61  ASN A ND2 1 
ATOM   318  N ND2 B ASN A 1 39  ? -1.515  11.385  -9.587  0.50 14.78 ?  61  ASN A ND2 1 
ATOM   319  N N   . SER A 1 40  ? 1.117   8.377   -6.110  1.00 8.05  ?  62  SER A N   1 
ATOM   320  C CA  . SER A 1 40  ? 0.837   8.446   -4.673  1.00 7.99  ?  62  SER A CA  1 
ATOM   321  C C   . SER A 1 40  ? 2.158   8.612   -3.939  1.00 7.68  ?  62  SER A C   1 
ATOM   322  O O   . SER A 1 40  ? 3.244   8.469   -4.530  1.00 9.47  ?  62  SER A O   1 
ATOM   323  C CB  . SER A 1 40  ? 0.101   7.168   -4.244  1.00 7.50  ?  62  SER A CB  1 
ATOM   324  O OG  . SER A 1 40  ? -1.203  7.076   -4.823  1.00 8.17  ?  62  SER A OG  1 
ATOM   325  N N   . THR A 1 41  ? 2.080   8.920   -2.659  1.00 8.04  ?  63  THR A N   1 
ATOM   326  C CA  . THR A 1 41  ? 3.261   9.039   -1.816  1.00 6.91  ?  63  THR A CA  1 
ATOM   327  C C   . THR A 1 41  ? 3.117   8.129   -0.588  1.00 6.77  ?  63  THR A C   1 
ATOM   328  O O   . THR A 1 41  ? 2.016   7.648   -0.257  1.00 8.18  ?  63  THR A O   1 
ATOM   329  C CB  . THR A 1 41  ? 3.422   10.493  -1.301  1.00 7.67  ?  63  THR A CB  1 
ATOM   330  O OG1 . THR A 1 41  ? 2.194   10.910  -0.710  1.00 9.75  ?  63  THR A OG1 1 
ATOM   331  C CG2 . THR A 1 41  ? 3.822   11.446  -2.427  1.00 10.27 ?  63  THR A CG2 1 
ATOM   332  N N   A LEU A 1 42  ? 4.222   7.858   0.099   0.50 6.47  ?  64  LEU A N   1 
ATOM   333  N N   B LEU A 1 42  ? 4.217   7.868   0.104   0.50 6.36  ?  64  LEU A N   1 
ATOM   334  C CA  A LEU A 1 42  ? 4.095   7.212   1.410   0.50 6.51  ?  64  LEU A CA  1 
ATOM   335  C CA  B LEU A 1 42  ? 4.112   7.191   1.401   0.50 6.32  ?  64  LEU A CA  1 
ATOM   336  C C   A LEU A 1 42  ? 3.278   8.105   2.335   0.50 6.41  ?  64  LEU A C   1 
ATOM   337  C C   B LEU A 1 42  ? 3.355   8.064   2.406   0.50 6.22  ?  64  LEU A C   1 
ATOM   338  O O   A LEU A 1 42  ? 3.528   9.316   2.387   0.50 6.83  ?  64  LEU A O   1 
ATOM   339  O O   B LEU A 1 42  ? 3.744   9.217   2.602   0.50 6.50  ?  64  LEU A O   1 
ATOM   340  C CB  A LEU A 1 42  ? 5.460   6.938   2.042   0.50 6.53  ?  64  LEU A CB  1 
ATOM   341  C CB  B LEU A 1 42  ? 5.502   6.889   1.954   0.50 6.21  ?  64  LEU A CB  1 
ATOM   342  C CG  A LEU A 1 42  ? 6.152   5.662   1.563   0.50 6.23  ?  64  LEU A CG  1 
ATOM   343  C CG  B LEU A 1 42  ? 6.312   5.852   1.177   0.50 5.69  ?  64  LEU A CG  1 
ATOM   344  C CD1 A LEU A 1 42  ? 5.378   4.430   1.920   0.50 7.44  ?  64  LEU A CD1 1 
ATOM   345  C CD1 B LEU A 1 42  ? 7.672   5.718   1.817   0.50 5.54  ?  64  LEU A CD1 1 
ATOM   346  C CD2 A LEU A 1 42  ? 6.327   5.767   0.087   0.50 9.27  ?  64  LEU A CD2 1 
ATOM   347  C CD2 B LEU A 1 42  ? 5.625   4.535   1.161   0.50 4.58  ?  64  LEU A CD2 1 
ATOM   348  N N   . PRO A 1 43  ? 2.288   7.536   3.056   1.00 6.14  ?  65  PRO A N   1 
ATOM   349  C CA  . PRO A 1 43  ? 1.480   8.409   3.907   1.00 6.38  ?  65  PRO A CA  1 
ATOM   350  C C   . PRO A 1 43  ? 2.280   8.954   5.081   1.00 5.81  ?  65  PRO A C   1 
ATOM   351  O O   . PRO A 1 43  ? 3.173   8.267   5.610   1.00 6.88  ?  65  PRO A O   1 
ATOM   352  C CB  . PRO A 1 43  ? 0.379   7.483   4.444   1.00 6.13  ?  65  PRO A CB  1 
ATOM   353  C CG  . PRO A 1 43  ? 0.337   6.324   3.537   1.00 6.24  ?  65  PRO A CG  1 
ATOM   354  C CD  . PRO A 1 43  ? 1.704   6.183   2.938   1.00 5.37  ?  65  PRO A CD  1 
ATOM   355  N N   . THR A 1 44  ? 1.991   10.175  5.510   1.00 6.61  ?  66  THR A N   1 
ATOM   356  C CA  . THR A 1 44  ? 2.438   10.590  6.838   1.00 6.27  ?  66  THR A CA  1 
ATOM   357  C C   . THR A 1 44  ? 1.633   9.887   7.944   1.00 6.08  ?  66  THR A C   1 
ATOM   358  O O   . THR A 1 44  ? 0.570   9.297   7.711   1.00 6.20  ?  66  THR A O   1 
ATOM   359  C CB  . THR A 1 44  ? 2.292   12.094  7.056   1.00 6.35  ?  66  THR A CB  1 
ATOM   360  O OG1 . THR A 1 44  ? 0.900   12.422  7.042   1.00 6.35  ?  66  THR A OG1 1 
ATOM   361  C CG2 . THR A 1 44  ? 3.045   12.883  5.988   1.00 7.73  ?  66  THR A CG2 1 
ATOM   362  N N   . MET A 1 45  ? 2.162   9.941   9.158   1.00 5.35  ?  67  MET A N   1 
ATOM   363  C CA  . MET A 1 45  ? 1.431   9.454   10.304  1.00 5.67  ?  67  MET A CA  1 
ATOM   364  C C   . MET A 1 45  ? 0.031   10.090  10.429  1.00 6.31  ?  67  MET A C   1 
ATOM   365  O O   . MET A 1 45  ? -0.952  9.385   10.663  1.00 6.63  ?  67  MET A O   1 
ATOM   366  C CB  . MET A 1 45  ? 2.243   9.558   11.615  1.00 8.21  ?  67  MET A CB  1 
ATOM   367  C CG  . MET A 1 45  ? 1.501   9.018   12.858  1.00 9.15  ?  67  MET A CG  1 
ATOM   368  S SD  . MET A 1 45  ? 1.049   7.282   12.761  1.00 13.05 ?  67  MET A SD  1 
ATOM   369  C CE  . MET A 1 45  ? 2.572   6.547   13.179  1.00 14.23 ?  67  MET A CE  1 
ATOM   370  N N   A ASP A 1 46  ? -0.034  11.413  10.275  0.50 6.95  ?  68  ASP A N   1 
ATOM   371  N N   B ASP A 1 46  ? -0.043  11.406  10.276  0.50 6.83  ?  68  ASP A N   1 
ATOM   372  C CA  A ASP A 1 46  ? -1.304  12.155  10.325  0.50 6.87  ?  68  ASP A CA  1 
ATOM   373  C CA  B ASP A 1 46  ? -1.328  12.105  10.337  0.50 6.65  ?  68  ASP A CA  1 
ATOM   374  C C   A ASP A 1 46  ? -2.289  11.678  9.247   0.50 6.09  ?  68  ASP A C   1 
ATOM   375  C C   B ASP A 1 46  ? -2.301  11.662  9.243   0.50 5.95  ?  68  ASP A C   1 
ATOM   376  O O   A ASP A 1 46  ? -3.465  11.490  9.540   0.50 5.97  ?  68  ASP A O   1 
ATOM   377  O O   B ASP A 1 46  ? -3.484  11.493  9.516   0.50 5.89  ?  68  ASP A O   1 
ATOM   378  C CB  A ASP A 1 46  ? -1.066  13.682  10.208  0.50 7.97  ?  68  ASP A CB  1 
ATOM   379  C CB  B ASP A 1 46  ? -1.123  13.622  10.291  0.50 7.60  ?  68  ASP A CB  1 
ATOM   380  C CG  A ASP A 1 46  ? -2.259  14.505  10.692  0.50 10.45 ?  68  ASP A CG  1 
ATOM   381  C CG  B ASP A 1 46  ? -0.671  14.181  11.613  0.50 10.13 ?  68  ASP A CG  1 
ATOM   382  O OD1 A ASP A 1 46  ? -2.454  14.642  11.928  0.50 15.90 ?  68  ASP A OD1 1 
ATOM   383  O OD1 B ASP A 1 46  ? -0.773  13.474  12.643  0.50 10.51 ?  68  ASP A OD1 1 
ATOM   384  O OD2 A ASP A 1 46  ? -2.999  15.026  9.831   0.50 13.34 -1 68  ASP A OD2 1 
ATOM   385  O OD2 B ASP A 1 46  ? -0.236  15.346  11.614  0.50 10.84 -1 68  ASP A OD2 1 
ATOM   386  N N   . GLN A 1 47  ? -1.804  11.459  8.024   1.00 5.28  ?  69  GLN A N   1 
ATOM   387  C CA  . GLN A 1 47  ? -2.674  10.918  6.959   1.00 4.76  ?  69  GLN A CA  1 
ATOM   388  C C   . GLN A 1 47  ? -3.184  9.541   7.316   1.00 5.01  ?  69  GLN A C   1 
ATOM   389  O O   . GLN A 1 47  ? -4.337  9.231   7.107   1.00 5.26  ?  69  GLN A O   1 
ATOM   390  C CB  . GLN A 1 47  ? -1.953  10.916  5.617   1.00 5.09  ?  69  GLN A CB  1 
ATOM   391  C CG  . GLN A 1 47  ? -1.733  12.361  5.090   1.00 6.02  ?  69  GLN A CG  1 
ATOM   392  C CD  . GLN A 1 47  ? -0.701  12.438  3.979   1.00 7.02  ?  69  GLN A CD  1 
ATOM   393  O OE1 . GLN A 1 47  ? 0.121   11.523  3.793   1.00 7.06  ?  69  GLN A OE1 1 
ATOM   394  N NE2 . GLN A 1 47  ? -0.730  13.528  3.236   1.00 9.26  ?  69  GLN A NE2 1 
ATOM   395  N N   . MET A 1 48  ? -2.299  8.691   7.860   1.00 4.94  ?  70  MET A N   1 
ATOM   396  C CA  . MET A 1 48  ? -2.743  7.371   8.252   1.00 4.75  ?  70  MET A CA  1 
ATOM   397  C C   . MET A 1 48  ? -3.757  7.389   9.393   1.00 4.72  ?  70  MET A C   1 
ATOM   398  O O   . MET A 1 48  ? -4.724  6.627   9.411   1.00 5.55  ?  70  MET A O   1 
ATOM   399  C CB  . MET A 1 48  ? -1.530  6.551   8.690   1.00 6.20  ?  70  MET A CB  1 
ATOM   400  C CG  . MET A 1 48  ? -1.844  5.146   9.162   1.00 6.36  ?  70  MET A CG  1 
ATOM   401  S SD  . MET A 1 48  ? -2.681  4.070   7.967   1.00 7.82  ?  70  MET A SD  1 
ATOM   402  C CE  . MET A 1 48  ? -1.318  3.647   6.882   1.00 10.76 ?  70  MET A CE  1 
ATOM   403  N N   . LYS A 1 49  ? -3.525  8.266   10.375  1.00 4.55  ?  71  LYS A N   1 
ATOM   404  C CA  . LYS A 1 49  ? -4.495  8.386   11.470  1.00 5.46  ?  71  LYS A CA  1 
ATOM   405  C C   . LYS A 1 49  ? -5.872  8.829   10.948  1.00 5.40  ?  71  LYS A C   1 
ATOM   406  O O   . LYS A 1 49  ? -6.895  8.305   11.412  1.00 6.56  ?  71  LYS A O   1 
ATOM   407  C CB  . LYS A 1 49  ? -3.991  9.339   12.567  1.00 5.99  ?  71  LYS A CB  1 
ATOM   408  C CG  . LYS A 1 49  ? -2.899  8.719   13.445  1.00 8.58  ?  71  LYS A CG  1 
ATOM   409  C CD  . LYS A 1 49  ? -2.297  9.723   14.402  1.00 13.03 ?  71  LYS A CD  1 
ATOM   410  C CE  . LYS A 1 49  ? -1.321  9.018   15.358  1.00 15.14 ?  71  LYS A CE  1 
ATOM   411  N NZ  . LYS A 1 49  ? -0.663  9.993   16.269  1.00 19.95 ?  71  LYS A NZ  1 
ATOM   412  N N   . LEU A 1 50  ? -5.935  9.771   10.007  1.00 5.55  ?  72  LEU A N   1 
ATOM   413  C CA  . LEU A 1 50  ? -7.257  10.138  9.468   1.00 5.03  ?  72  LEU A CA  1 
ATOM   414  C C   . LEU A 1 50  ? -7.900  8.971   8.702   1.00 5.65  ?  72  LEU A C   1 
ATOM   415  O O   . LEU A 1 50  ? -9.096  8.714   8.845   1.00 5.38  ?  72  LEU A O   1 
ATOM   416  C CB  . LEU A 1 50  ? -7.145  11.398  8.601   1.00 6.52  ?  72  LEU A CB  1 
ATOM   417  C CG  . LEU A 1 50  ? -8.550  11.892  8.194   1.00 7.18  ?  72  LEU A CG  1 
ATOM   418  C CD1 . LEU A 1 50  ? -9.361  12.438  9.381   1.00 12.78 ?  72  LEU A CD1 1 
ATOM   419  C CD2 . LEU A 1 50  ? -8.443  12.931  7.060   1.00 12.06 ?  72  LEU A CD2 1 
ATOM   420  N N   . ALA A 1 51  ? -7.087  8.231   7.942   1.00 5.05  ?  73  ALA A N   1 
ATOM   421  C CA  . ALA A 1 51  ? -7.594  7.019   7.269   1.00 4.27  ?  73  ALA A CA  1 
ATOM   422  C C   . ALA A 1 51  ? -8.202  6.022   8.232   1.00 4.71  ?  73  ALA A C   1 
ATOM   423  O O   . ALA A 1 51  ? -9.303  5.495   7.992   1.00 5.08  ?  73  ALA A O   1 
ATOM   424  C CB  . ALA A 1 51  ? -6.504  6.376   6.423   1.00 4.68  ?  73  ALA A CB  1 
ATOM   425  N N   A LEU A 1 52  ? -7.455  5.724   9.300   0.50 5.43  ?  74  LEU A N   1 
ATOM   426  N N   B LEU A 1 52  ? -7.485  5.734   9.318   0.50 5.31  ?  74  LEU A N   1 
ATOM   427  C CA  A LEU A 1 52  ? -7.967  4.920   10.401  0.50 6.70  ?  74  LEU A CA  1 
ATOM   428  C CA  B LEU A 1 52  ? -8.007  4.856   10.356  0.50 6.57  ?  74  LEU A CA  1 
ATOM   429  C C   A LEU A 1 52  ? -9.353  5.388   10.798  0.50 7.15  ?  74  LEU A C   1 
ATOM   430  C C   B LEU A 1 52  ? -9.346  5.365   10.912  0.50 7.11  ?  74  LEU A C   1 
ATOM   431  O O   A LEU A 1 52  ? -10.298 4.602   10.809  0.50 5.91  ?  74  LEU A O   1 
ATOM   432  O O   B LEU A 1 52  ? -10.270 4.568   11.145  0.50 6.14  ?  74  LEU A O   1 
ATOM   433  C CB  A LEU A 1 52  ? -6.989  4.959   11.579  0.50 6.44  ?  74  LEU A CB  1 
ATOM   434  C CB  B LEU A 1 52  ? -6.928  4.641   11.422  0.50 5.56  ?  74  LEU A CB  1 
ATOM   435  C CG  A LEU A 1 52  ? -7.499  4.367   12.892  0.50 6.63  ?  74  LEU A CG  1 
ATOM   436  C CG  B LEU A 1 52  ? -7.172  3.667   12.576  0.50 6.44  ?  74  LEU A CG  1 
ATOM   437  C CD1 A LEU A 1 52  ? -7.863  2.938   12.690  0.50 9.52  ?  74  LEU A CD1 1 
ATOM   438  C CD1 B LEU A 1 52  ? -8.342  4.153   13.403  0.50 7.77  ?  74  LEU A CD1 1 
ATOM   439  C CD2 A LEU A 1 52  ? -6.457  4.498   13.980  0.50 7.14  ?  74  LEU A CD2 1 
ATOM   440  C CD2 B LEU A 1 52  ? -7.371  2.250   12.110  0.50 6.72  ?  74  LEU A CD2 1 
ATOM   441  N N   . SER A 1 53  ? -9.475  6.686   11.063  1.00 7.33  ?  75  SER A N   1 
ATOM   442  C CA  . SER A 1 53  ? -10.724 7.252   11.589  1.00 8.72  ?  75  SER A CA  1 
ATOM   443  C C   . SER A 1 53  ? -11.902 7.065   10.617  1.00 9.38  ?  75  SER A C   1 
ATOM   444  O O   . SER A 1 53  ? -13.063 7.072   11.061  1.00 10.67 ?  75  SER A O   1 
ATOM   445  C CB  . SER A 1 53  ? -10.514 8.714   12.013  1.00 9.28  ?  75  SER A CB  1 
ATOM   446  O OG  . SER A 1 53  ? -10.543 9.566   10.894  1.00 10.52 ?  75  SER A OG  1 
ATOM   447  N N   . LYS A 1 54  ? -11.597 6.862   9.325   1.00 7.37  ?  76  LYS A N   1 
ATOM   448  C CA  . LYS A 1 54  ? -12.608 6.604   8.298   1.00 8.17  ?  76  LYS A CA  1 
ATOM   449  C C   . LYS A 1 54  ? -12.927 5.124   8.103   1.00 8.05  ?  76  LYS A C   1 
ATOM   450  O O   . LYS A 1 54  ? -13.805 4.804   7.305   1.00 9.24  ?  76  LYS A O   1 
ATOM   451  C CB  . LYS A 1 54  ? -12.169 7.188   6.932   1.00 9.15  ?  76  LYS A CB  1 
ATOM   452  C CG  . LYS A 1 54  ? -11.880 8.699   6.943   1.00 9.99  ?  76  LYS A CG  1 
ATOM   453  C CD  . LYS A 1 54  ? -13.033 9.564   7.449   1.00 14.02 ?  76  LYS A CD  1 
ATOM   454  C CE  . LYS A 1 54  ? -12.668 11.065  7.346   1.00 14.87 ?  76  LYS A CE  1 
ATOM   455  N NZ  . LYS A 1 54  ? -13.821 11.908  7.729   1.00 18.74 ?  76  LYS A NZ  1 
ATOM   456  N N   . GLY A 1 55  ? -12.222 4.230   8.797   1.00 8.28  ?  77  GLY A N   1 
ATOM   457  C CA  . GLY A 1 55  ? -12.555 2.813   8.673   1.00 8.34  ?  77  GLY A CA  1 
ATOM   458  C C   . GLY A 1 55  ? -11.451 1.909   8.172   1.00 7.42  ?  77  GLY A C   1 
ATOM   459  O O   . GLY A 1 55  ? -11.675 0.706   7.999   1.00 8.32  ?  77  GLY A O   1 
ATOM   460  N N   . PHE A 1 56  ? -10.240 2.455   7.994   1.00 6.44  ?  78  PHE A N   1 
ATOM   461  C CA  . PHE A 1 56  ? -9.120  1.656   7.487   1.00 6.01  ?  78  PHE A CA  1 
ATOM   462  C C   . PHE A 1 56  ? -8.492  0.802   8.579   1.00 5.83  ?  78  PHE A C   1 
ATOM   463  O O   . PHE A 1 56  ? -8.011  1.310   9.580   1.00 6.62  ?  78  PHE A O   1 
ATOM   464  C CB  . PHE A 1 56  ? -8.053  2.577   6.924   1.00 5.49  ?  78  PHE A CB  1 
ATOM   465  C CG  . PHE A 1 56  ? -6.976  1.896   6.104   1.00 5.05  ?  78  PHE A CG  1 
ATOM   466  C CD1 . PHE A 1 56  ? -7.255  0.845   5.221   1.00 6.51  ?  78  PHE A CD1 1 
ATOM   467  C CD2 . PHE A 1 56  ? -5.668  2.361   6.202   1.00 6.63  ?  78  PHE A CD2 1 
ATOM   468  C CE1 . PHE A 1 56  ? -6.211  0.262   4.446   1.00 7.77  ?  78  PHE A CE1 1 
ATOM   469  C CE2 . PHE A 1 56  ? -4.642  1.808   5.412   1.00 5.77  ?  78  PHE A CE2 1 
ATOM   470  C CZ  . PHE A 1 56  ? -4.916  0.782   4.544   1.00 5.57  ?  78  PHE A CZ  1 
ATOM   471  N N   . GLU A 1 57  ? -8.409  -0.491  8.310   1.00 6.11  ?  79  GLU A N   1 
ATOM   472  C CA  . GLU A 1 57  ? -7.533  -1.334  9.092   1.00 6.72  ?  79  GLU A CA  1 
ATOM   473  C C   . GLU A 1 57  ? -7.053  -2.490  8.224   1.00 6.13  ?  79  GLU A C   1 
ATOM   474  O O   . GLU A 1 57  ? -7.690  -2.826  7.229   1.00 5.98  ?  79  GLU A O   1 
ATOM   475  C CB  . GLU A 1 57  ? -8.225  -1.845  10.364  1.00 8.30  ?  79  GLU A CB  1 
ATOM   476  C CG  . GLU A 1 57  ? -9.419  -2.796  10.134  1.00 10.66 ?  79  GLU A CG  1 
ATOM   477  C CD  . GLU A 1 57  ? -10.029 -3.353  11.438  1.00 12.24 ?  79  GLU A CD  1 
ATOM   478  O OE1 . GLU A 1 57  ? -9.390  -3.319  12.516  1.00 10.53 ?  79  GLU A OE1 1 
ATOM   479  O OE2 . GLU A 1 57  ? -11.177 -3.858  11.367  1.00 16.98 -1 79  GLU A OE2 1 
ATOM   480  N N   . THR A 1 58  ? -5.869  -2.999  8.570   1.00 5.52  ?  80  THR A N   1 
ATOM   481  C CA  . THR A 1 58  ? -5.322  -4.198  7.891   1.00 5.88  ?  80  THR A CA  1 
ATOM   482  C C   . THR A 1 58  ? -4.767  -5.091  8.992   1.00 6.07  ?  80  THR A C   1 
ATOM   483  O O   . THR A 1 58  ? -4.772  -4.753  10.181  1.00 6.11  ?  80  THR A O   1 
ATOM   484  C CB  . THR A 1 58  ? -4.152  -3.904  6.911   1.00 5.54  ?  80  THR A CB  1 
ATOM   485  O OG1 . THR A 1 58  ? -2.999  -3.591  7.691   1.00 5.85  ?  80  THR A OG1 1 
ATOM   486  C CG2 . THR A 1 58  ? -4.501  -2.765  5.938   1.00 5.99  ?  80  THR A CG2 1 
ATOM   487  N N   . CYS A 1 59  ? -4.242  -6.246  8.581   1.00 5.62  ?  81  CYS A N   1 
ATOM   488  C CA  . CYS A 1 59  ? -3.513  -7.124  9.489   1.00 7.34  ?  81  CYS A CA  1 
ATOM   489  C C   . CYS A 1 59  ? -2.121  -7.332  8.903   1.00 6.37  ?  81  CYS A C   1 
ATOM   490  O O   . CYS A 1 59  ? -1.595  -8.455  8.968   1.00 7.33  ?  81  CYS A O   1 
ATOM   491  C CB  . CYS A 1 59  ? -4.257  -8.458  9.636   1.00 7.96  ?  81  CYS A CB  1 
ATOM   492  S SG  . CYS A 1 59  ? -3.619  -9.491  10.991  1.00 12.59 ?  81  CYS A SG  1 
ATOM   493  N N   . ARG A 1 60  ? -1.519  -6.295  8.331   1.00 5.58  ?  82  ARG A N   1 
ATOM   494  C CA  . ARG A 1 60  ? -0.218  -6.420  7.680   1.00 5.66  ?  82  ARG A CA  1 
ATOM   495  C C   . ARG A 1 60  ? 0.662   -5.239  7.955   1.00 5.80  ?  82  ARG A C   1 
ATOM   496  O O   . ARG A 1 60  ? 0.206   -4.091  7.865   1.00 6.88  ?  82  ARG A O   1 
ATOM   497  C CB  . ARG A 1 60  ? -0.404  -6.459  6.150   1.00 6.29  ?  82  ARG A CB  1 
ATOM   498  C CG  . ARG A 1 60  ? -1.153  -7.676  5.658   1.00 7.27  ?  82  ARG A CG  1 
ATOM   499  C CD  . ARG A 1 60  ? -0.281  -8.953  5.655   1.00 7.19  ?  82  ARG A CD  1 
ATOM   500  N NE  . ARG A 1 60  ? 0.756   -8.876  4.602   1.00 7.02  ?  82  ARG A NE  1 
ATOM   501  C CZ  . ARG A 1 60  ? 1.648   -9.834  4.351   1.00 7.00  ?  82  ARG A CZ  1 
ATOM   502  N NH1 . ARG A 1 60  ? 1.642   -10.971 5.062   1.00 10.52 ?  82  ARG A NH1 1 
ATOM   503  N NH2 . ARG A 1 60  ? 2.512   -9.676  3.341   1.00 8.63  ?  82  ARG A NH2 1 
ATOM   504  N N   . TYR A 1 61  ? 1.924   -5.497  8.289   1.00 5.16  ?  83  TYR A N   1 
ATOM   505  C CA  . TYR A 1 61  ? 2.920   -4.442  8.398   1.00 5.11  ?  83  TYR A CA  1 
ATOM   506  C C   . TYR A 1 61  ? 3.189   -3.807  7.043   1.00 5.06  ?  83  TYR A C   1 
ATOM   507  O O   . TYR A 1 61  ? 3.428   -4.477  6.026   1.00 6.32  ?  83  TYR A O   1 
ATOM   508  C CB  . TYR A 1 61  ? 4.253   -4.977  8.917   1.00 6.00  ?  83  TYR A CB  1 
ATOM   509  C CG  . TYR A 1 61  ? 4.195   -5.491  10.308  1.00 9.18  ?  83  TYR A CG  1 
ATOM   510  C CD1 . TYR A 1 61  ? 4.073   -4.621  11.381  1.00 11.40 ?  83  TYR A CD1 1 
ATOM   511  C CD2 . TYR A 1 61  ? 4.291   -6.866  10.548  1.00 10.15 ?  83  TYR A CD2 1 
ATOM   512  C CE1 . TYR A 1 61  ? 4.018   -5.105  12.700  1.00 14.72 ?  83  TYR A CE1 1 
ATOM   513  C CE2 . TYR A 1 61  ? 4.236   -7.371  11.859  1.00 16.94 ?  83  TYR A CE2 1 
ATOM   514  C CZ  . TYR A 1 61  ? 4.109   -6.471  12.918  1.00 14.75 ?  83  TYR A CZ  1 
ATOM   515  O OH  . TYR A 1 61  ? 4.045   -6.954  14.222  1.00 22.04 ?  83  TYR A OH  1 
ATOM   516  N N   . GLY A 1 62  ? 3.257   -2.475  7.036   1.00 4.06  ?  84  GLY A N   1 
ATOM   517  C CA  . GLY A 1 62  ? 3.675   -1.760  5.833   1.00 4.18  ?  84  GLY A CA  1 
ATOM   518  C C   . GLY A 1 62  ? 4.274   -0.405  6.123   1.00 4.04  ?  84  GLY A C   1 
ATOM   519  O O   . GLY A 1 62  ? 4.030   0.237   7.155   1.00 5.70  ?  84  GLY A O   1 
ATOM   520  N N   . PHE A 1 63  ? 5.082   0.036   5.176   1.00 3.79  ?  85  PHE A N   1 
ATOM   521  C CA  . PHE A 1 63  ? 5.765   1.311   5.315   1.00 4.22  ?  85  PHE A CA  1 
ATOM   522  C C   . PHE A 1 63  ? 4.779   2.458   5.208   1.00 4.06  ?  85  PHE A C   1 
ATOM   523  O O   . PHE A 1 63  ? 3.866   2.475   4.381   1.00 5.01  ?  85  PHE A O   1 
ATOM   524  C CB  . PHE A 1 63  ? 6.775   1.484   4.173   1.00 5.87  ?  85  PHE A CB  1 
ATOM   525  C CG  . PHE A 1 63  ? 7.924   0.577   4.279   1.00 6.39  ?  85  PHE A CG  1 
ATOM   526  C CD1 . PHE A 1 63  ? 8.911   0.824   5.213   1.00 9.37  ?  85  PHE A CD1 1 
ATOM   527  C CD2 . PHE A 1 63  ? 8.069   -0.497  3.411   1.00 10.33 ?  85  PHE A CD2 1 
ATOM   528  C CE1 . PHE A 1 63  ? 10.024  -0.023  5.317   1.00 13.35 ?  85  PHE A CE1 1 
ATOM   529  C CE2 . PHE A 1 63  ? 9.206   -1.344  3.540   1.00 10.59 ?  85  PHE A CE2 1 
ATOM   530  C CZ  . PHE A 1 63  ? 10.135  -1.094  4.487   1.00 12.19 ?  85  PHE A CZ  1 
ATOM   531  N N   . ILE A 1 64  ? 4.980   3.434   6.078   1.00 4.45  ?  86  ILE A N   1 
ATOM   532  C CA  . ILE A 1 64  ? 4.544   4.815   5.876   1.00 5.46  ?  86  ILE A CA  1 
ATOM   533  C C   . ILE A 1 64  ? 5.823   5.680   5.855   1.00 6.61  ?  86  ILE A C   1 
ATOM   534  O O   . ILE A 1 64  ? 6.936   5.135   5.888   1.00 7.16  ?  86  ILE A O   1 
ATOM   535  C CB  . ILE A 1 64  ? 3.526   5.294   6.931   1.00 5.18  ?  86  ILE A CB  1 
ATOM   536  C CG1 . ILE A 1 64  ? 4.156   5.370   8.334   1.00 6.69  ?  86  ILE A CG1 1 
ATOM   537  C CG2 . ILE A 1 64  ? 2.236   4.440   6.875   1.00 6.00  ?  86  ILE A CG2 1 
ATOM   538  C CD1 . ILE A 1 64  ? 3.232   6.021   9.455   1.00 6.72  ?  86  ILE A CD1 1 
ATOM   539  N N   . GLU A 1 65  ? 5.699   7.000   5.787   1.00 6.78  ?  87  GLU A N   1 
ATOM   540  C CA  . GLU A 1 65  ? 6.864   7.870   5.894   1.00 9.39  ?  87  GLU A CA  1 
ATOM   541  C C   . GLU A 1 65  ? 7.397   7.779   7.322   1.00 9.94  ?  87  GLU A C   1 
ATOM   542  O O   . GLU A 1 65  ? 6.687   8.108   8.292   1.00 12.85 ?  87  GLU A O   1 
ATOM   543  C CB  . GLU A 1 65  ? 6.504   9.322   5.578   1.00 8.89  ?  87  GLU A CB  1 
ATOM   544  C CG  . GLU A 1 65  ? 7.744   10.220  5.338   1.00 14.32 ?  87  GLU A CG  1 
ATOM   545  C CD  . GLU A 1 65  ? 8.611   9.771   4.158   1.00 19.20 ?  87  GLU A CD  1 
ATOM   546  O OE1 . GLU A 1 65  ? 8.104   9.628   3.025   1.00 20.85 ?  87  GLU A OE1 1 
ATOM   547  O OE2 . GLU A 1 65  ? 9.826   9.561   4.372   1.00 25.93 -1 87  GLU A OE2 1 
ATOM   548  N N   . GLY A 1 66  ? 8.595   7.241   7.457   1.00 9.28  ?  88  GLY A N   1 
ATOM   549  C CA  . GLY A 1 66  ? 9.224   7.199   8.750   1.00 8.23  ?  88  GLY A CA  1 
ATOM   550  C C   . GLY A 1 66  ? 9.048   5.972   9.622   1.00 6.79  ?  88  GLY A C   1 
ATOM   551  O O   . GLY A 1 66  ? 9.854   5.767   10.502  1.00 8.43  ?  88  GLY A O   1 
ATOM   552  N N   . ASN A 1 67  ? 8.029   5.147   9.405   1.00 6.69  ?  89  ASN A N   1 
ATOM   553  C CA  . ASN A 1 67  ? 7.755   4.002   10.272  1.00 5.96  ?  89  ASN A CA  1 
ATOM   554  C C   . ASN A 1 67  ? 7.157   2.856   9.506   1.00 5.20  ?  89  ASN A C   1 
ATOM   555  O O   . ASN A 1 67  ? 6.773   3.038   8.341   1.00 5.76  ?  89  ASN A O   1 
ATOM   556  C CB  . ASN A 1 67  ? 6.861   4.379   11.473  1.00 6.02  ?  89  ASN A CB  1 
ATOM   557  C CG  . ASN A 1 67  ? 7.589   5.215   12.489  1.00 6.10  ?  89  ASN A CG  1 
ATOM   558  O OD1 . ASN A 1 67  ? 7.460   6.438   12.513  1.00 7.20  ?  89  ASN A OD1 1 
ATOM   559  N ND2 . ASN A 1 67  ? 8.373   4.568   13.330  1.00 7.35  ?  89  ASN A ND2 1 
ATOM   560  N N   . VAL A 1 68  ? 7.054   1.709   10.159  1.00 5.41  ?  90  VAL A N   1 
ATOM   561  C CA  . VAL A 1 68  ? 6.338   0.557   9.618   1.00 4.73  ?  90  VAL A CA  1 
ATOM   562  C C   . VAL A 1 68  ? 5.200   0.329   10.599  1.00 4.31  ?  90  VAL A C   1 
ATOM   563  O O   . VAL A 1 68  ? 5.397   0.275   11.813  1.00 5.61  ?  90  VAL A O   1 
ATOM   564  C CB  . VAL A 1 68  ? 7.259   -0.666  9.589   1.00 4.84  ?  90  VAL A CB  1 
ATOM   565  C CG1 . VAL A 1 68  ? 6.465   -1.930  9.281   1.00 7.19  ?  90  VAL A CG1 1 
ATOM   566  C CG2 . VAL A 1 68  ? 8.384   -0.413  8.579   1.00 7.70  ?  90  VAL A CG2 1 
ATOM   567  N N   . VAL A 1 69  ? 3.965   0.261   10.052  1.00 3.49  ?  91  VAL A N   1 
ATOM   568  C CA  . VAL A 1 69  ? 2.798   0.246   10.915  1.00 5.28  ?  91  VAL A CA  1 
ATOM   569  C C   . VAL A 1 69  ? 1.724   -0.758  10.496  1.00 5.57  ?  91  VAL A C   1 
ATOM   570  O O   . VAL A 1 69  ? 1.770   -1.297  9.372   1.00 5.01  ?  91  VAL A O   1 
ATOM   571  C CB  . VAL A 1 69  ? 2.137   1.672   10.928  1.00 4.94  ?  91  VAL A CB  1 
ATOM   572  C CG1 . VAL A 1 69  ? 3.151   2.775   11.354  1.00 6.69  ?  91  VAL A CG1 1 
ATOM   573  C CG2 . VAL A 1 69  ? 1.460   2.031   9.574   1.00 5.50  ?  91  VAL A CG2 1 
ATOM   574  N N   . ILE A 1 70  ? 0.763   -0.971  11.403  1.00 5.33  ?  92  ILE A N   1 
ATOM   575  C CA  . ILE A 1 70  ? -0.504  -1.618  11.075  1.00 6.47  ?  92  ILE A CA  1 
ATOM   576  C C   . ILE A 1 70  ? -1.659  -0.772  11.640  1.00 6.37  ?  92  ILE A C   1 
ATOM   577  O O   . ILE A 1 70  ? -1.720  -0.593  12.856  1.00 6.30  ?  92  ILE A O   1 
ATOM   578  C CB  . ILE A 1 70  ? -0.624  -3.032  11.696  1.00 5.68  ?  92  ILE A CB  1 
ATOM   579  C CG1 . ILE A 1 70  ? 0.601   -3.907  11.360  1.00 8.42  ?  92  ILE A CG1 1 
ATOM   580  C CG2 . ILE A 1 70  ? -1.940  -3.700  11.217  1.00 7.18  ?  92  ILE A CG2 1 
ATOM   581  C CD1 . ILE A 1 70  ? 0.526   -5.330  11.894  1.00 8.98  ?  92  ILE A CD1 1 
ATOM   582  N N   . PRO A 1 71  ? -2.607  -0.311  10.796  1.00 5.99  ?  93  PRO A N   1 
ATOM   583  C CA  . PRO A 1 71  ? -3.767  0.391   11.358  1.00 5.60  ?  93  PRO A CA  1 
ATOM   584  C C   . PRO A 1 71  ? -4.762  -0.623  11.835  1.00 5.52  ?  93  PRO A C   1 
ATOM   585  O O   . PRO A 1 71  ? -5.097  -1.542  11.113  1.00 5.16  ?  93  PRO A O   1 
ATOM   586  C CB  . PRO A 1 71  ? -4.295  1.184   10.155  1.00 5.73  ?  93  PRO A CB  1 
ATOM   587  C CG  . PRO A 1 71  ? -3.897  0.374   8.950   1.00 5.87  ?  93  PRO A CG  1 
ATOM   588  C CD  . PRO A 1 71  ? -2.620  -0.345  9.318   1.00 5.80  ?  93  PRO A CD  1 
ATOM   589  N N   . ARG A 1 72  ? -5.241  -0.429  13.057  1.00 6.25  ?  94  ARG A N   1 
ATOM   590  C CA  . ARG A 1 72  ? -6.173  -1.369  13.686  1.00 7.49  ?  94  ARG A CA  1 
ATOM   591  C C   . ARG A 1 72  ? -7.351  -0.642  14.314  1.00 8.17  ?  94  ARG A C   1 
ATOM   592  O O   . ARG A 1 72  ? -7.184  0.327   15.075  1.00 8.35  ?  94  ARG A O   1 
ATOM   593  C CB  . ARG A 1 72  ? -5.478  -2.154  14.803  1.00 8.67  ?  94  ARG A CB  1 
ATOM   594  C CG  . ARG A 1 72  ? -4.409  -3.150  14.363  1.00 7.64  ?  94  ARG A CG  1 
ATOM   595  C CD  . ARG A 1 72  ? -4.935  -4.191  13.386  1.00 8.48  ?  94  ARG A CD  1 
ATOM   596  N NE  . ARG A 1 72  ? -6.099  -4.935  13.895  1.00 9.13  ?  94  ARG A NE  1 
ATOM   597  C CZ  . ARG A 1 72  ? -6.915  -5.639  13.143  1.00 10.81 ?  94  ARG A CZ  1 
ATOM   598  N NH1 . ARG A 1 72  ? -6.680  -5.739  11.840  1.00 11.07 ?  94  ARG A NH1 1 
ATOM   599  N NH2 . ARG A 1 72  ? -7.937  -6.302  13.706  1.00 12.58 ?  94  ARG A NH2 1 
ATOM   600  N N   . ILE A 1 73  ? -8.529  -1.113  13.959  1.00 8.07  ?  95  ILE A N   1 
ATOM   601  C CA  . ILE A 1 73  ? -9.756  -0.591  14.564  1.00 10.32 ?  95  ILE A CA  1 
ATOM   602  C C   . ILE A 1 73  ? -10.251 -1.555  15.625  1.00 11.17 ?  95  ILE A C   1 
ATOM   603  O O   . ILE A 1 73  ? -10.500 -1.137  16.750  1.00 11.58 ?  95  ILE A O   1 
ATOM   604  C CB  . ILE A 1 73  ? -10.821 -0.304  13.497  1.00 9.83  ?  95  ILE A CB  1 
ATOM   605  C CG1 . ILE A 1 73  ? -10.363 0.893   12.652  1.00 11.16 ?  95  ILE A CG1 1 
ATOM   606  C CG2 . ILE A 1 73  ? -12.223 -0.036  14.150  1.00 11.00 ?  95  ILE A CG2 1 
ATOM   607  C CD1 . ILE A 1 73  ? -11.167 1.135   11.406  1.00 12.63 ?  95  ILE A CD1 1 
ATOM   608  N N   . HIS A 1 74  ? -10.359 -2.828  15.273  1.00 12.12 ?  96  HIS A N   1 
ATOM   609  C CA  . HIS A 1 74  ? -10.877 -3.844  16.186  1.00 14.24 ?  96  HIS A CA  1 
ATOM   610  C C   . HIS A 1 74  ? -9.706  -4.635  16.768  1.00 15.13 ?  96  HIS A C   1 
ATOM   611  O O   . HIS A 1 74  ? -8.794  -5.000  16.039  1.00 16.70 ?  96  HIS A O   1 
ATOM   612  C CB  . HIS A 1 74  ? -11.840 -4.768  15.435  1.00 13.49 ?  96  HIS A CB  1 
ATOM   613  C CG  . HIS A 1 74  ? -12.933 -4.039  14.713  1.00 17.22 ?  96  HIS A CG  1 
ATOM   614  N ND1 . HIS A 1 74  ? -12.860 -3.726  13.372  1.00 18.94 ?  96  HIS A ND1 1 
ATOM   615  C CD2 . HIS A 1 74  ? -14.091 -3.494  15.162  1.00 18.67 ?  96  HIS A CD2 1 
ATOM   616  C CE1 . HIS A 1 74  ? -13.936 -3.041  13.019  1.00 20.51 ?  96  HIS A CE1 1 
ATOM   617  N NE2 . HIS A 1 74  ? -14.702 -2.890  14.088  1.00 19.04 ?  96  HIS A NE2 1 
ATOM   618  N N   . PRO A 1 75  ? -9.702  -4.873  18.091  1.00 14.91 ?  97  PRO A N   1 
ATOM   619  C CA  . PRO A 1 75  ? -8.660  -5.701  18.692  1.00 15.45 ?  97  PRO A CA  1 
ATOM   620  C C   . PRO A 1 75  ? -8.721  -7.136  18.158  1.00 16.35 ?  97  PRO A C   1 
ATOM   621  O O   . PRO A 1 75  ? -9.772  -7.771  18.179  1.00 17.05 ?  97  PRO A O   1 
ATOM   622  C CB  . PRO A 1 75  ? -9.025  -5.700  20.194  1.00 15.48 ?  97  PRO A CB  1 
ATOM   623  C CG  . PRO A 1 75  ? -9.971  -4.607  20.385  1.00 15.99 ?  97  PRO A CG  1 
ATOM   624  C CD  . PRO A 1 75  ? -10.650 -4.339  19.088  1.00 15.08 ?  97  PRO A CD  1 
ATOM   625  N N   . ASN A 1 76  ? -7.604  -7.616  17.626  1.00 16.54 ?  98  ASN A N   1 
ATOM   626  C CA  . ASN A 1 76  ? -7.469  -9.028  17.267  1.00 17.99 ?  98  ASN A CA  1 
ATOM   627  C C   . ASN A 1 76  ? -6.107  -9.503  17.775  1.00 18.40 ?  98  ASN A C   1 
ATOM   628  O O   . ASN A 1 76  ? -5.089  -8.852  17.532  1.00 18.24 ?  98  ASN A O   1 
ATOM   629  C CB  . ASN A 1 76  ? -7.634  -9.232  15.751  1.00 18.34 ?  98  ASN A CB  1 
ATOM   630  C CG  . ASN A 1 76  ? -7.506  -10.695 15.331  1.00 20.87 ?  98  ASN A CG  1 
ATOM   631  O OD1 . ASN A 1 76  ? -6.537  -11.369 15.663  1.00 24.32 ?  98  ASN A OD1 1 
ATOM   632  N ND2 . ASN A 1 76  ? -8.480  -11.179 14.573  1.00 24.64 ?  98  ASN A ND2 1 
ATOM   633  N N   . ALA A 1 77  ? -6.081  -10.622 18.494  1.00 18.78 ?  99  ALA A N   1 
ATOM   634  C CA  . ALA A 1 77  ? -4.834  -11.107 19.091  1.00 19.46 ?  99  ALA A CA  1 
ATOM   635  C C   . ALA A 1 77  ? -3.728  -11.481 18.096  1.00 19.65 ?  99  ALA A C   1 
ATOM   636  O O   . ALA A 1 77  ? -2.553  -11.433 18.453  1.00 20.14 ?  99  ALA A O   1 
ATOM   637  C CB  . ALA A 1 77  ? -5.097  -12.263 20.040  1.00 20.30 ?  99  ALA A CB  1 
ATOM   638  N N   . ILE A 1 78  ? -4.101  -11.841 16.870  1.00 19.95 ?  100 ILE A N   1 
ATOM   639  C CA  . ILE A 1 78  ? -3.119  -12.186 15.825  1.00 20.38 ?  100 ILE A CA  1 
ATOM   640  C C   . ILE A 1 78  ? -2.797  -11.019 14.855  1.00 19.17 ?  100 ILE A C   1 
ATOM   641  O O   . ILE A 1 78  ? -2.073  -11.200 13.871  1.00 19.35 ?  100 ILE A O   1 
ATOM   642  C CB  . ILE A 1 78  ? -3.537  -13.472 15.031  1.00 20.74 ?  100 ILE A CB  1 
ATOM   643  C CG1 . ILE A 1 78  ? -4.762  -13.217 14.146  1.00 21.36 ?  100 ILE A CG1 1 
ATOM   644  C CG2 . ILE A 1 78  ? -3.773  -14.653 16.003  1.00 22.45 ?  100 ILE A CG2 1 
ATOM   645  C CD1 . ILE A 1 78  ? -5.121  -14.366 13.207  1.00 24.59 ?  100 ILE A CD1 1 
ATOM   646  N N   . CYS A 1 79  ? -3.346  -9.835  15.134  1.00 17.60 ?  101 CYS A N   1 
ATOM   647  C CA  . CYS A 1 79  ? -3.046  -8.617  14.369  1.00 16.41 ?  101 CYS A CA  1 
ATOM   648  C C   . CYS A 1 79  ? -2.549  -7.535  15.308  1.00 16.53 ?  101 CYS A C   1 
ATOM   649  O O   . CYS A 1 79  ? -3.309  -6.984  16.101  1.00 15.93 ?  101 CYS A O   1 
ATOM   650  C CB  . CYS A 1 79  ? -4.278  -8.112  13.610  1.00 15.49 ?  101 CYS A CB  1 
ATOM   651  S SG  . CYS A 1 79  ? -5.023  -9.310  12.485  1.00 15.26 ?  101 CYS A SG  1 
ATOM   652  N N   . ALA A 1 80  ? -1.252  -7.258  15.246  1.00 16.02 ?  102 ALA A N   1 
ATOM   653  C CA  . ALA A 1 80  ? -0.629  -6.218  16.054  1.00 16.96 ?  102 ALA A CA  1 
ATOM   654  C C   . ALA A 1 80  ? -0.849  -6.462  17.553  1.00 18.25 ?  102 ALA A C   1 
ATOM   655  O O   . ALA A 1 80  ? -1.126  -5.528  18.307  1.00 19.00 ?  102 ALA A O   1 
ATOM   656  C CB  . ALA A 1 80  ? -1.153  -4.830  15.635  1.00 16.44 ?  102 ALA A CB  1 
ATOM   657  N N   . ALA A 1 81  ? -0.732  -7.726  17.964  1.00 19.04 ?  103 ALA A N   1 
ATOM   658  C CA  . ALA A 1 81  ? -0.796  -8.125  19.376  1.00 19.07 ?  103 ALA A CA  1 
ATOM   659  C C   . ALA A 1 81  ? -1.981  -7.475  20.120  1.00 18.42 ?  103 ALA A C   1 
ATOM   660  O O   . ALA A 1 81  ? -1.832  -6.958  21.233  1.00 19.35 ?  103 ALA A O   1 
ATOM   661  C CB  . ALA A 1 81  ? 0.541   -7.822  20.076  1.00 19.83 ?  103 ALA A CB  1 
ATOM   662  N N   . ASN A 1 82  ? -3.153  -7.499  19.485  1.00 17.73 ?  104 ASN A N   1 
ATOM   663  C CA  . ASN A 1 82  ? -4.410  -7.027  20.081  1.00 17.04 ?  104 ASN A CA  1 
ATOM   664  C C   . ASN A 1 82  ? -4.506  -5.506  20.287  1.00 16.49 ?  104 ASN A C   1 
ATOM   665  O O   . ASN A 1 82  ? -5.403  -5.014  20.977  1.00 17.40 ?  104 ASN A O   1 
ATOM   666  C CB  . ASN A 1 82  ? -4.740  -7.768  21.393  1.00 17.15 ?  104 ASN A CB  1 
ATOM   667  C CG  . ASN A 1 82  ? -6.209  -8.018  21.561  1.00 17.84 ?  104 ASN A CG  1 
ATOM   668  O OD1 . ASN A 1 82  ? -6.890  -8.474  20.640  1.00 20.29 ?  104 ASN A OD1 1 
ATOM   669  N ND2 . ASN A 1 82  ? -6.718  -7.763  22.769  1.00 22.87 ?  104 ASN A ND2 1 
ATOM   670  N N   . HIS A 1 83  ? -3.608  -4.763  19.657  1.00 15.69 ?  105 HIS A N   1 
ATOM   671  C CA  . HIS A 1 83  ? -3.612  -3.307  19.785  1.00 14.83 ?  105 HIS A CA  1 
ATOM   672  C C   . HIS A 1 83  ? -4.650  -2.687  18.854  1.00 13.08 ?  105 HIS A C   1 
ATOM   673  O O   . HIS A 1 83  ? -5.022  -3.278  17.837  1.00 12.96 ?  105 HIS A O   1 
ATOM   674  C CB  . HIS A 1 83  ? -2.236  -2.738  19.475  1.00 16.49 ?  105 HIS A CB  1 
ATOM   675  C CG  . HIS A 1 83  ? -1.245  -2.919  20.585  1.00 18.44 ?  105 HIS A CG  1 
ATOM   676  N ND1 . HIS A 1 83  ? -0.422  -4.020  20.678  1.00 21.89 ?  105 HIS A ND1 1 
ATOM   677  C CD2 . HIS A 1 83  ? -0.930  -2.124  21.635  1.00 22.80 ?  105 HIS A CD2 1 
ATOM   678  C CE1 . HIS A 1 83  ? 0.351   -3.902  21.745  1.00 23.46 ?  105 HIS A CE1 1 
ATOM   679  N NE2 . HIS A 1 83  ? 0.060   -2.762  22.344  1.00 24.52 ?  105 HIS A NE2 1 
ATOM   680  N N   . THR A 1 84  ? -5.130  -1.508  19.222  1.00 12.31 ?  106 THR A N   1 
ATOM   681  C CA  . THR A 1 84  ? -5.917  -0.650  18.314  1.00 12.48 ?  106 THR A CA  1 
ATOM   682  C C   . THR A 1 84  ? -5.139  0.655   18.066  1.00 11.10 ?  106 THR A C   1 
ATOM   683  O O   . THR A 1 84  ? -4.196  0.983   18.794  1.00 12.11 ?  106 THR A O   1 
ATOM   684  C CB  . THR A 1 84  ? -7.339  -0.329  18.859  1.00 13.54 ?  106 THR A CB  1 
ATOM   685  O OG1 . THR A 1 84  ? -7.215  0.446   20.051  1.00 15.82 ?  106 THR A OG1 1 
ATOM   686  C CG2 . THR A 1 84  ? -8.146  -1.594  19.156  1.00 13.72 ?  106 THR A CG2 1 
ATOM   687  N N   . GLY A 1 85  ? -5.516  1.407   17.032  1.00 9.64  ?  107 GLY A N   1 
ATOM   688  C CA  . GLY A 1 85  ? -4.840  2.646   16.665  1.00 8.39  ?  107 GLY A CA  1 
ATOM   689  C C   . GLY A 1 85  ? -3.848  2.350   15.564  1.00 6.78  ?  107 GLY A C   1 
ATOM   690  O O   . GLY A 1 85  ? -3.856  1.230   14.998  1.00 7.25  ?  107 GLY A O   1 
ATOM   691  N N   . VAL A 1 86  ? -3.005  3.317   15.250  1.00 7.72  ?  108 VAL A N   1 
ATOM   692  C CA  . VAL A 1 86  ? -1.938  3.034   14.328  1.00 8.70  ?  108 VAL A CA  1 
ATOM   693  C C   . VAL A 1 86  ? -0.798  2.398   15.105  1.00 8.05  ?  108 VAL A C   1 
ATOM   694  O O   . VAL A 1 86  ? -0.038  3.098   15.802  1.00 11.14 ?  108 VAL A O   1 
ATOM   695  C CB  . VAL A 1 86  ? -1.472  4.257   13.570  1.00 7.51  ?  108 VAL A CB  1 
ATOM   696  C CG1 . VAL A 1 86  ? -0.405  3.850   12.557  1.00 8.23  ?  108 VAL A CG1 1 
ATOM   697  C CG2 . VAL A 1 86  ? -2.636  4.922   12.864  1.00 9.16  ?  108 VAL A CG2 1 
ATOM   698  N N   . TYR A 1 87  ? -0.700  1.070   15.000  1.00 8.03  ?  109 TYR A N   1 
ATOM   699  C CA  . TYR A 1 87  ? 0.314   0.297   15.711  1.00 7.35  ?  109 TYR A CA  1 
ATOM   700  C C   . TYR A 1 87  ? 1.655   0.441   15.019  1.00 7.57  ?  109 TYR A C   1 
ATOM   701  O O   . TYR A 1 87  ? 1.781   0.165   13.833  1.00 7.07  ?  109 TYR A O   1 
ATOM   702  C CB  . TYR A 1 87  ? -0.108  -1.179  15.821  1.00 8.70  ?  109 TYR A CB  1 
ATOM   703  C CG  . TYR A 1 87  ? 0.940   -2.048  16.487  1.00 10.97 ?  109 TYR A CG  1 
ATOM   704  C CD1 . TYR A 1 87  ? 1.015   -2.151  17.882  1.00 13.02 ?  109 TYR A CD1 1 
ATOM   705  C CD2 . TYR A 1 87  ? 1.858   -2.754  15.725  1.00 13.95 ?  109 TYR A CD2 1 
ATOM   706  C CE1 . TYR A 1 87  ? 1.996   -2.963  18.494  1.00 17.94 ?  109 TYR A CE1 1 
ATOM   707  C CE2 . TYR A 1 87  ? 2.836   -3.563  16.322  1.00 18.32 ?  109 TYR A CE2 1 
ATOM   708  C CZ  . TYR A 1 87  ? 2.897   -3.661  17.705  1.00 19.07 ?  109 TYR A CZ  1 
ATOM   709  O OH  . TYR A 1 87  ? 3.872   -4.457  18.280  1.00 23.74 ?  109 TYR A OH  1 
ATOM   710  N N   . ILE A 1 88  ? 2.666   0.847   15.777  1.00 6.71  ?  110 ILE A N   1 
ATOM   711  C CA  . ILE A 1 88  ? 4.001   1.070   15.233  1.00 6.86  ?  110 ILE A CA  1 
ATOM   712  C C   . ILE A 1 88  ? 4.897   -0.107  15.566  1.00 7.47  ?  110 ILE A C   1 
ATOM   713  O O   . ILE A 1 88  ? 5.043   -0.489  16.740  1.00 8.40  ?  110 ILE A O   1 
ATOM   714  C CB  . ILE A 1 88  ? 4.607   2.392   15.754  1.00 6.93  ?  110 ILE A CB  1 
ATOM   715  C CG1 . ILE A 1 88  ? 3.726   3.591   15.371  1.00 7.96  ?  110 ILE A CG1 1 
ATOM   716  C CG2 . ILE A 1 88  ? 6.050   2.590   15.215  1.00 9.11  ?  110 ILE A CG2 1 
ATOM   717  C CD1 . ILE A 1 88  ? 4.052   4.872   16.181  1.00 12.03 ?  110 ILE A CD1 1 
ATOM   718  N N   . LEU A 1 89  ? 5.485   -0.683  14.518  1.00 6.87  ?  111 LEU A N   1 
ATOM   719  C CA  . LEU A 1 89  ? 6.479   -1.745  14.724  1.00 7.31  ?  111 LEU A CA  1 
ATOM   720  C C   . LEU A 1 89  ? 7.734   -1.141  15.340  1.00 7.69  ?  111 LEU A C   1 
ATOM   721  O O   . LEU A 1 89  ? 8.331   -0.245  14.791  1.00 8.56  ?  111 LEU A O   1 
ATOM   722  C CB  . LEU A 1 89  ? 6.817   -2.432  13.367  1.00 7.96  ?  111 LEU A CB  1 
ATOM   723  C CG  . LEU A 1 89  ? 7.880   -3.548  13.422  1.00 8.77  ?  111 LEU A CG  1 
ATOM   724  C CD1 . LEU A 1 89  ? 7.352   -4.650  14.266  1.00 10.34 ?  111 LEU A CD1 1 
ATOM   725  C CD2 . LEU A 1 89  ? 8.119   -4.073  11.980  1.00 11.63 ?  111 LEU A CD2 1 
ATOM   726  N N   . VAL A 1 90  ? 8.134   -1.656  16.492  1.00 7.27  ?  112 VAL A N   1 
ATOM   727  C CA  . VAL A 1 90  ? 9.319   -1.135  17.191  1.00 7.70  ?  112 VAL A CA  1 
ATOM   728  C C   . VAL A 1 90  ? 10.566  -1.987  16.901  1.00 7.40  ?  112 VAL A C   1 
ATOM   729  O O   . VAL A 1 90  ? 11.577  -1.464  16.485  1.00 8.52  ?  112 VAL A O   1 
ATOM   730  C CB  . VAL A 1 90  ? 9.068   -1.028  18.692  1.00 6.57  ?  112 VAL A CB  1 
ATOM   731  C CG1 . VAL A 1 90  ? 10.340  -0.595  19.443  1.00 8.71  ?  112 VAL A CG1 1 
ATOM   732  C CG2 . VAL A 1 90  ? 7.928   -0.049  18.952  1.00 8.38  ?  112 VAL A CG2 1 
ATOM   733  N N   . THR A 1 91  ? 10.469  -3.300  17.072  1.00 7.39  ?  113 THR A N   1 
ATOM   734  C CA  . THR A 1 91  ? 11.668  -4.155  17.055  1.00 7.46  ?  113 THR A CA  1 
ATOM   735  C C   . THR A 1 91  ? 11.497  -5.219  15.978  1.00 5.92  ?  113 THR A C   1 
ATOM   736  O O   . THR A 1 91  ? 10.604  -6.064  16.068  1.00 7.92  ?  113 THR A O   1 
ATOM   737  C CB  . THR A 1 91  ? 11.862  -4.826  18.430  1.00 7.89  ?  113 THR A CB  1 
ATOM   738  O OG1 . THR A 1 91  ? 11.942  -3.806  19.433  1.00 10.78 ?  113 THR A OG1 1 
ATOM   739  C CG2 . THR A 1 91  ? 13.151  -5.673  18.467  1.00 10.68 ?  113 THR A CG2 1 
ATOM   740  N N   . SER A 1 92  ? 12.352  -5.171  14.971  1.00 4.08  ?  114 SER A N   1 
ATOM   741  C CA  . SER A 1 92  ? 12.365  -6.225  13.944  1.00 4.46  ?  114 SER A CA  1 
ATOM   742  C C   . SER A 1 92  ? 13.778  -6.402  13.428  1.00 5.48  ?  114 SER A C   1 
ATOM   743  O O   . SER A 1 92  ? 14.520  -5.431  13.370  1.00 7.09  ?  114 SER A O   1 
ATOM   744  C CB  . SER A 1 92  ? 11.483  -5.792  12.784  1.00 5.45  ?  114 SER A CB  1 
ATOM   745  O OG  . SER A 1 92  ? 11.520  -6.803  11.751  1.00 5.86  ?  114 SER A OG  1 
ATOM   746  N N   . ASN A 1 93  ? 14.156  -7.622  13.044  1.00 4.60  ?  115 ASN A N   1 
ATOM   747  C CA  . ASN A 1 93  ? 15.455  -7.799  12.405  1.00 4.22  ?  115 ASN A CA  1 
ATOM   748  C C   . ASN A 1 93  ? 15.497  -7.388  10.952  1.00 3.74  ?  115 ASN A C   1 
ATOM   749  O O   . ASN A 1 93  ? 16.560  -7.205  10.372  1.00 5.37  ?  115 ASN A O   1 
ATOM   750  C CB  . ASN A 1 93  ? 15.823  -9.312  12.373  1.00 3.69  ?  115 ASN A CB  1 
ATOM   751  C CG  . ASN A 1 93  ? 16.345  -9.863  13.694  1.00 5.43  ?  115 ASN A CG  1 
ATOM   752  O OD1 . ASN A 1 93  ? 16.733  -9.108  14.607  1.00 6.44  ?  115 ASN A OD1 1 
ATOM   753  N ND2 . ASN A 1 93  ? 16.357  -11.194 13.797  1.00 5.95  ?  115 ASN A ND2 1 
ATOM   754  N N   . THR A 1 94  ? 14.306  -7.379  10.307  1.00 3.80  ?  116 THR A N   1 
ATOM   755  C CA  . THR A 1 94  ? 14.192  -7.487  8.831   1.00 5.28  ?  116 THR A CA  1 
ATOM   756  C C   . THR A 1 94  ? 13.646  -6.226  8.166   1.00 4.94  ?  116 THR A C   1 
ATOM   757  O O   . THR A 1 94  ? 13.143  -5.357  8.863   1.00 6.01  ?  116 THR A O   1 
ATOM   758  C CB  . THR A 1 94  ? 13.291  -8.674  8.463   1.00 4.27  ?  116 THR A CB  1 
ATOM   759  O OG1 . THR A 1 94  ? 12.027  -8.519  9.104   1.00 6.55  ?  116 THR A OG1 1 
ATOM   760  C CG2 . THR A 1 94  ? 13.930  -10.009 8.906   1.00 7.85  ?  116 THR A CG2 1 
ATOM   761  N N   . SER A 1 95  ? 13.860  -6.120  6.842   1.00 5.50  ?  117 SER A N   1 
ATOM   762  C CA  . SER A 1 95  ? 13.722  -4.854  6.125   1.00 5.54  ?  117 SER A CA  1 
ATOM   763  C C   . SER A 1 95  ? 12.597  -4.815  5.104   1.00 6.34  ?  117 SER A C   1 
ATOM   764  O O   . SER A 1 95  ? 12.391  -3.747  4.513   1.00 7.76  ?  117 SER A O   1 
ATOM   765  C CB  . SER A 1 95  ? 15.019  -4.538  5.379   1.00 6.03  ?  117 SER A CB  1 
ATOM   766  O OG  . SER A 1 95  ? 15.286  -5.604  4.491   1.00 8.73  ?  117 SER A OG  1 
ATOM   767  N N   . HIS A 1 96  ? 11.867  -5.919  4.904   1.00 4.79  ?  118 HIS A N   1 
ATOM   768  C CA  . HIS A 1 96  ? 10.912  -6.013  3.792   1.00 5.87  ?  118 HIS A CA  1 
ATOM   769  C C   . HIS A 1 96  ? 9.510   -6.231  4.322   1.00 5.57  ?  118 HIS A C   1 
ATOM   770  O O   . HIS A 1 96  ? 9.233   -7.151  5.058   1.00 6.89  ?  118 HIS A O   1 
ATOM   771  C CB  . HIS A 1 96  ? 11.330  -7.139  2.824   1.00 7.25  ?  118 HIS A CB  1 
ATOM   772  C CG  . HIS A 1 96  ? 12.452  -6.754  1.895   1.00 6.96  ?  118 HIS A CG  1 
ATOM   773  N ND1 . HIS A 1 96  ? 13.613  -6.139  2.332   1.00 8.82  ?  118 HIS A ND1 1 
ATOM   774  C CD2 . HIS A 1 96  ? 12.595  -6.896  0.554   1.00 12.17 ?  118 HIS A CD2 1 
ATOM   775  C CE1 . HIS A 1 96  ? 14.419  -5.930  1.304   1.00 10.19 ?  118 HIS A CE1 1 
ATOM   776  N NE2 . HIS A 1 96  ? 13.822  -6.371  0.215   1.00 11.57 ?  118 HIS A NE2 1 
ATOM   777  N N   . TYR A 1 97  ? 8.602   -5.329  3.926   1.00 4.82  ?  119 TYR A N   1 
ATOM   778  C CA  . TYR A 1 97  ? 7.231   -5.351  4.433   1.00 5.31  ?  119 TYR A CA  1 
ATOM   779  C C   . TYR A 1 97  ? 6.278   -5.180  3.245   1.00 4.75  ?  119 TYR A C   1 
ATOM   780  O O   . TYR A 1 97  ? 6.697   -5.367  2.075   1.00 5.61  ?  119 TYR A O   1 
ATOM   781  C CB  . TYR A 1 97  ? 7.017   -4.261  5.527   1.00 4.61  ?  119 TYR A CB  1 
ATOM   782  C CG  . TYR A 1 97  ? 7.938   -4.457  6.699   1.00 4.79  ?  119 TYR A CG  1 
ATOM   783  C CD1 . TYR A 1 97  ? 7.637   -5.403  7.688   1.00 6.26  ?  119 TYR A CD1 1 
ATOM   784  C CD2 . TYR A 1 97  ? 9.134   -3.721  6.802   1.00 5.39  ?  119 TYR A CD2 1 
ATOM   785  C CE1 . TYR A 1 97  ? 8.504   -5.607  8.775   1.00 4.51  ?  119 TYR A CE1 1 
ATOM   786  C CE2 . TYR A 1 97  ? 10.037  -3.925  7.857   1.00 5.86  ?  119 TYR A CE2 1 
ATOM   787  C CZ  . TYR A 1 97  ? 9.684   -4.851  8.843   1.00 4.65  ?  119 TYR A CZ  1 
ATOM   788  O OH  . TYR A 1 97  ? 10.509  -5.085  9.922   1.00 5.84  ?  119 TYR A OH  1 
ATOM   789  N N   . ASP A 1 98  ? 5.012   -4.835  3.515   1.00 4.32  ?  120 ASP A N   1 
ATOM   790  C CA  . ASP A 1 98  ? 4.130   -4.310  2.485   1.00 4.76  ?  120 ASP A CA  1 
ATOM   791  C C   . ASP A 1 98  ? 4.326   -2.800  2.450   1.00 4.27  ?  120 ASP A C   1 
ATOM   792  O O   . ASP A 1 98  ? 5.224   -2.267  3.097   1.00 4.24  ?  120 ASP A O   1 
ATOM   793  C CB  . ASP A 1 98  ? 2.680   -4.640  2.830   1.00 5.49  ?  120 ASP A CB  1 
ATOM   794  C CG  . ASP A 1 98  ? 2.363   -6.152  2.852   1.00 5.60  ?  120 ASP A CG  1 
ATOM   795  O OD1 . ASP A 1 98  ? 3.141   -6.980  2.290   1.00 6.91  ?  120 ASP A OD1 1 
ATOM   796  O OD2 . ASP A 1 98  ? 1.292   -6.490  3.442   1.00 6.13  -1 120 ASP A OD2 1 
ATOM   797  N N   . THR A 1 99  ? 3.482   -2.090  1.702   1.00 4.25  ?  121 THR A N   1 
ATOM   798  C CA  . THR A 1 99  ? 3.517   -0.617  1.820   1.00 4.01  ?  121 THR A CA  1 
ATOM   799  C C   . THR A 1 99  ? 2.125   -0.053  1.912   1.00 3.90  ?  121 THR A C   1 
ATOM   800  O O   . THR A 1 99  ? 1.141   -0.649  1.431   1.00 5.20  ?  121 THR A O   1 
ATOM   801  C CB  . THR A 1 99  ? 4.334   0.079   0.647   1.00 4.68  ?  121 THR A CB  1 
ATOM   802  O OG1 . THR A 1 99  ? 4.614   1.426   1.032   1.00 6.03  ?  121 THR A OG1 1 
ATOM   803  C CG2 . THR A 1 99  ? 3.619   0.029   -0.702  1.00 7.86  ?  121 THR A CG2 1 
ATOM   804  N N   . TYR A 1 100 ? 2.042   1.111   2.531   1.00 3.49  ?  122 TYR A N   1 
ATOM   805  C CA  . TYR A 1 100 ? 0.859   1.957   2.368   1.00 3.97  ?  122 TYR A CA  1 
ATOM   806  C C   . TYR A 1 100 ? 1.223   3.052   1.378   1.00 4.35  ?  122 TYR A C   1 
ATOM   807  O O   . TYR A 1 100 ? 2.379   3.414   1.206   1.00 5.38  ?  122 TYR A O   1 
ATOM   808  C CB  . TYR A 1 100 ? 0.405   2.552   3.723   1.00 3.94  ?  122 TYR A CB  1 
ATOM   809  C CG  . TYR A 1 100 ? 0.053   1.443   4.663   1.00 4.04  ?  122 TYR A CG  1 
ATOM   810  C CD1 . TYR A 1 100 ? -1.203  0.823   4.592   1.00 4.78  ?  122 TYR A CD1 1 
ATOM   811  C CD2 . TYR A 1 100 ? 0.986   0.956   5.578   1.00 3.35  ?  122 TYR A CD2 1 
ATOM   812  C CE1 . TYR A 1 100 ? -1.549  -0.239  5.440   1.00 4.35  ?  122 TYR A CE1 1 
ATOM   813  C CE2 . TYR A 1 100 ? 0.638   -0.144  6.430   1.00 3.77  ?  122 TYR A CE2 1 
ATOM   814  C CZ  . TYR A 1 100 ? -0.600  -0.729  6.332   1.00 3.63  ?  122 TYR A CZ  1 
ATOM   815  O OH  . TYR A 1 100 ? -0.986  -1.817  7.066   1.00 5.70  ?  122 TYR A OH  1 
ATOM   816  N N   . CYS A 1 101 ? 0.189   3.572   0.714   1.00 4.27  ?  123 CYS A N   1 
ATOM   817  C CA  . CYS A 1 101 ? 0.304   4.666   -0.255  1.00 5.10  ?  123 CYS A CA  1 
ATOM   818  C C   . CYS A 1 101 ? -0.841  5.639   -0.042  1.00 4.98  ?  123 CYS A C   1 
ATOM   819  O O   . CYS A 1 101 ? -1.910  5.249   0.469   1.00 4.76  ?  123 CYS A O   1 
ATOM   820  C CB  . CYS A 1 101 ? 0.208   4.137   -1.677  1.00 4.35  ?  123 CYS A CB  1 
ATOM   821  S SG  . CYS A 1 101 ? 1.620   3.071   -2.184  1.00 8.25  ?  123 CYS A SG  1 
ATOM   822  N N   . PHE A 1 102 ? -0.578  6.908   -0.325  1.00 4.17  ?  124 PHE A N   1 
ATOM   823  C CA  . PHE A 1 102 ? -1.574  7.963   -0.206  1.00 4.35  ?  124 PHE A CA  1 
ATOM   824  C C   . PHE A 1 102 ? -1.749  8.674   -1.518  1.00 4.73  ?  124 PHE A C   1 
ATOM   825  O O   . PHE A 1 102 ? -0.794  9.165   -2.076  1.00 4.90  ?  124 PHE A O   1 
ATOM   826  C CB  . PHE A 1 102 ? -1.148  8.954   0.868   1.00 4.69  ?  124 PHE A CB  1 
ATOM   827  C CG  . PHE A 1 102 ? -1.949  10.206  0.839   1.00 5.61  ?  124 PHE A CG  1 
ATOM   828  C CD1 . PHE A 1 102 ? -3.309  10.168  1.150   1.00 5.12  ?  124 PHE A CD1 1 
ATOM   829  C CD2 . PHE A 1 102 ? -1.388  11.406  0.444   1.00 7.24  ?  124 PHE A CD2 1 
ATOM   830  C CE1 . PHE A 1 102 ? -4.121  11.337  1.070   1.00 5.53  ?  124 PHE A CE1 1 
ATOM   831  C CE2 . PHE A 1 102 ? -2.170  12.561  0.367   1.00 7.75  ?  124 PHE A CE2 1 
ATOM   832  C CZ  . PHE A 1 102 ? -3.524  12.529  0.674   1.00 7.88  ?  124 PHE A CZ  1 
ATOM   833  N N   A ASN A 1 103 ? -2.999  8.729   -1.977  0.50 5.18  ?  125 ASN A N   1 
ATOM   834  N N   B ASN A 1 103 ? -2.982  8.704   -2.008  0.50 5.05  ?  125 ASN A N   1 
ATOM   835  C CA  A ASN A 1 103 ? -3.396  9.365   -3.231  0.50 6.40  ?  125 ASN A CA  1 
ATOM   836  C CA  B ASN A 1 103 ? -3.289  9.427   -3.226  0.50 5.99  ?  125 ASN A CA  1 
ATOM   837  C C   A ASN A 1 103 ? -4.297  10.546  -2.881  0.50 6.61  ?  125 ASN A C   1 
ATOM   838  C C   B ASN A 1 103 ? -4.263  10.542  -2.894  0.50 6.44  ?  125 ASN A C   1 
ATOM   839  O O   A ASN A 1 103 ? -5.458  10.339  -2.489  0.50 6.30  ?  125 ASN A O   1 
ATOM   840  O O   B ASN A 1 103 ? -5.427  10.291  -2.531  0.50 6.11  ?  125 ASN A O   1 
ATOM   841  C CB  A ASN A 1 103 ? -4.175  8.348   -4.089  0.50 5.99  ?  125 ASN A CB  1 
ATOM   842  C CB  B ASN A 1 103 ? -3.876  8.506   -4.296  0.50 5.77  ?  125 ASN A CB  1 
ATOM   843  C CG  A ASN A 1 103 ? -4.878  8.987   -5.286  0.50 9.24  ?  125 ASN A CG  1 
ATOM   844  C CG  B ASN A 1 103 ? -3.995  9.198   -5.643  0.50 6.98  ?  125 ASN A CG  1 
ATOM   845  O OD1 A ASN A 1 103 ? -4.580  10.117  -5.654  0.50 9.40  ?  125 ASN A OD1 1 
ATOM   846  O OD1 B ASN A 1 103 ? -4.141  10.419  -5.711  0.50 9.54  ?  125 ASN A OD1 1 
ATOM   847  N ND2 A ASN A 1 103 ? -5.825  8.265   -5.887  0.50 11.86 ?  125 ASN A ND2 1 
ATOM   848  N ND2 B ASN A 1 103 ? -3.958  8.422   -6.718  0.50 9.89  ?  125 ASN A ND2 1 
ATOM   849  N N   . ALA A 1 104 ? -3.767  11.775  -2.991  1.00 6.60  ?  126 ALA A N   1 
ATOM   850  C CA  . ALA A 1 104 ? -4.555  12.967  -2.663  1.00 8.51  ?  126 ALA A CA  1 
ATOM   851  C C   . ALA A 1 104 ? -5.837  13.155  -3.458  1.00 9.00  ?  126 ALA A C   1 
ATOM   852  O O   . ALA A 1 104 ? -6.769  13.810  -2.979  1.00 10.85 ?  126 ALA A O   1 
ATOM   853  C CB  . ALA A 1 104 ? -3.679  14.228  -2.796  1.00 9.28  ?  126 ALA A CB  1 
ATOM   854  N N   A SER A 1 105 ? -5.890  12.587  -4.660  0.50 8.64  ?  127 SER A N   1 
ATOM   855  N N   B SER A 1 105 ? -5.905  12.600  -4.663  0.50 8.57  ?  127 SER A N   1 
ATOM   856  C CA  A SER A 1 105 ? -7.031  12.766  -5.565  0.50 9.08  ?  127 SER A CA  1 
ATOM   857  C CA  B SER A 1 105 ? -7.071  12.807  -5.530  0.50 8.92  ?  127 SER A CA  1 
ATOM   858  C C   A SER A 1 105 ? -8.128  11.719  -5.373  0.50 8.91  ?  127 SER A C   1 
ATOM   859  C C   B SER A 1 105 ? -8.205  11.818  -5.265  0.50 8.88  ?  127 SER A C   1 
ATOM   860  O O   A SER A 1 105 ? -9.095  11.694  -6.116  0.50 9.77  ?  127 SER A O   1 
ATOM   861  O O   B SER A 1 105 ? -9.273  11.935  -5.848  0.50 8.89  ?  127 SER A O   1 
ATOM   862  C CB  A SER A 1 105 ? -6.558  12.783  -7.020  0.50 9.68  ?  127 SER A CB  1 
ATOM   863  C CB  B SER A 1 105 ? -6.664  12.765  -7.000  0.50 9.60  ?  127 SER A CB  1 
ATOM   864  O OG  A SER A 1 105 ? -5.573  13.780  -7.229  0.50 11.60 ?  127 SER A OG  1 
ATOM   865  O OG  B SER A 1 105 ? -6.225  11.468  -7.347  0.50 11.40 ?  127 SER A OG  1 
ATOM   866  N N   . ALA A 1 106 ? -7.992  10.878  -4.354  1.00 9.07  ?  128 ALA A N   1 
ATOM   867  C CA  . ALA A 1 106 ? -9.014  9.881   -4.030  1.00 8.03  ?  128 ALA A CA  1 
ATOM   868  C C   . ALA A 1 106 ? -10.179 10.536  -3.264  1.00 8.63  ?  128 ALA A C   1 
ATOM   869  O O   . ALA A 1 106 ? -10.045 11.645  -2.778  1.00 8.25  ?  128 ALA A O   1 
ATOM   870  C CB  . ALA A 1 106 ? -8.382  8.747   -3.188  1.00 9.38  ?  128 ALA A CB  1 
ATOM   871  N N   . PRO A 1 107 ? -11.326 9.868   -3.130  1.00 8.16  ?  129 PRO A N   1 
ATOM   872  C CA  . PRO A 1 107 ? -12.437 10.430  -2.311  1.00 8.18  ?  129 PRO A CA  1 
ATOM   873  C C   . PRO A 1 107 ? -12.070 10.631  -0.825  1.00 7.79  ?  129 PRO A C   1 
ATOM   874  O O   . PRO A 1 107 ? -11.109 10.052  -0.346  1.00 6.74  ?  129 PRO A O   1 
ATOM   875  C CB  . PRO A 1 107 ? -13.550 9.388   -2.481  1.00 8.68  ?  129 PRO A CB  1 
ATOM   876  C CG  . PRO A 1 107 ? -13.244 8.762   -3.830  1.00 9.41  ?  129 PRO A CG  1 
ATOM   877  C CD  . PRO A 1 107 ? -11.730 8.635   -3.820  1.00 9.41  ?  129 PRO A CD  1 
ATOM   878  N N   . PRO A 1 108 ? -12.811 11.475  -0.080  1.00 7.09  ?  130 PRO A N   1 
ATOM   879  C CA  . PRO A 1 108 ? -12.379 11.806  1.284   1.00 6.69  ?  130 PRO A CA  1 
ATOM   880  C C   . PRO A 1 108 ? -12.577 10.748  2.330   1.00 7.21  ?  130 PRO A C   1 
ATOM   881  O O   . PRO A 1 108 ? -11.890 10.781  3.340   1.00 6.72  ?  130 PRO A O   1 
ATOM   882  C CB  . PRO A 1 108 ? -13.190 13.081  1.632   1.00 6.58  ?  130 PRO A CB  1 
ATOM   883  C CG  . PRO A 1 108 ? -14.453 12.916  0.754   1.00 6.34  ?  130 PRO A CG  1 
ATOM   884  C CD  . PRO A 1 108 ? -13.871 12.391  -0.555  1.00 7.90  ?  130 PRO A CD  1 
ATOM   885  N N   . GLU A 1 109 ? -13.464 9.797   2.081   1.00 8.17  ?  131 GLU A N   1 
ATOM   886  C CA  . GLU A 1 109 ? -13.797 8.832   3.093   1.00 7.86  ?  131 GLU A CA  1 
ATOM   887  C C   . GLU A 1 109 ? -13.528 7.429   2.536   1.00 8.33  ?  131 GLU A C   1 
ATOM   888  O O   . GLU A 1 109 ? -12.459 7.223   1.975   1.00 7.66  ?  131 GLU A O   1 
ATOM   889  C CB  . GLU A 1 109 ? -15.226 9.087   3.622   1.00 9.56  ?  131 GLU A CB  1 
ATOM   890  C CG  . GLU A 1 109 ? -15.323 10.519  4.155   1.00 12.29 ?  131 GLU A CG  1 
ATOM   891  C CD  . GLU A 1 109 ? -16.505 10.761  5.028   1.00 18.86 ?  131 GLU A CD  1 
ATOM   892  O OE1 . GLU A 1 109 ? -17.631 10.776  4.479   1.00 19.89 ?  131 GLU A OE1 1 
ATOM   893  O OE2 . GLU A 1 109 ? -16.287 10.967  6.251   1.00 22.12 -1 131 GLU A OE2 1 
ATOM   894  N N   . GLU A 1 110 ? -14.462 6.492   2.653   1.00 8.87  ?  132 GLU A N   1 
ATOM   895  C CA  . GLU A 1 110 ? -14.201 5.152   2.161   1.00 9.41  ?  132 GLU A CA  1 
ATOM   896  C C   . GLU A 1 110 ? -14.450 5.060   0.675   1.00 8.78  ?  132 GLU A C   1 
ATOM   897  O O   . GLU A 1 110 ? -15.510 5.486   0.199   1.00 8.30  ?  132 GLU A O   1 
ATOM   898  C CB  . GLU A 1 110 ? -15.081 4.153   2.907   1.00 11.45 ?  132 GLU A CB  1 
ATOM   899  C CG  . GLU A 1 110 ? -14.933 2.730   2.368   1.00 13.43 ?  132 GLU A CG  1 
ATOM   900  C CD  . GLU A 1 110 ? -15.884 1.797   3.075   1.00 17.63 ?  132 GLU A CD  1 
ATOM   901  O OE1 . GLU A 1 110 ? -17.071 1.772   2.695   1.00 21.75 ?  132 GLU A OE1 1 
ATOM   902  O OE2 . GLU A 1 110 ? -15.443 1.109   4.014   1.00 20.67 -1 132 GLU A OE2 1 
ATOM   903  N N   . ASP A 1 111 ? -13.482 4.540   -0.064  1.00 7.65  ?  133 ASP A N   1 
ATOM   904  C CA  . ASP A 1 111 ? -13.636 4.294   -1.488  1.00 8.30  ?  133 ASP A CA  1 
ATOM   905  C C   . ASP A 1 111 ? -13.315 2.843   -1.753  1.00 8.67  ?  133 ASP A C   1 
ATOM   906  O O   . ASP A 1 111 ? -12.138 2.434   -1.855  1.00 8.21  ?  133 ASP A O   1 
ATOM   907  C CB  . ASP A 1 111 ? -12.747 5.210   -2.339  1.00 7.92  ?  133 ASP A CB  1 
ATOM   908  C CG  . ASP A 1 111 ? -12.875 4.937   -3.838  1.00 9.66  ?  133 ASP A CG  1 
ATOM   909  O OD1 . ASP A 1 111 ? -13.839 4.235   -4.217  1.00 10.98 ?  133 ASP A OD1 1 
ATOM   910  O OD2 . ASP A 1 111 ? -12.022 5.417   -4.635  1.00 10.43 -1 133 ASP A OD2 1 
ATOM   911  N N   . CYS A 1 112 ? -14.358 2.026   -1.828  1.00 9.85  ?  134 CYS A N   1 
ATOM   912  C CA  . CYS A 1 112 ? -14.142 0.593   -2.026  1.00 11.13 ?  134 CYS A CA  1 
ATOM   913  C C   . CYS A 1 112 ? -14.416 0.201   -3.451  1.00 11.42 ?  134 CYS A C   1 
ATOM   914  O O   . CYS A 1 112 ? -14.828 -0.937  -3.713  1.00 13.13 ?  134 CYS A O   1 
ATOM   915  C CB  . CYS A 1 112 ? -14.941 -0.244  -1.016  1.00 11.81 ?  134 CYS A CB  1 
ATOM   916  S SG  . CYS A 1 112 ? -14.096 -0.354  0.604   1.00 13.94 ?  134 CYS A SG  1 
ATOM   917  N N   . THR A 1 113 ? -14.214 1.121   -4.382  1.00 10.43 ?  135 THR A N   1 
ATOM   918  C CA  . THR A 1 113 ? -14.234 0.780   -5.789  1.00 10.05 ?  135 THR A CA  1 
ATOM   919  C C   . THR A 1 113 ? -12.902 0.123   -6.142  1.00 10.22 ?  135 THR A C   1 
ATOM   920  O O   . THR A 1 113 ? -11.916 0.265   -5.389  1.00 11.15 ?  135 THR A O   1 
ATOM   921  C CB  . THR A 1 113 ? -14.543 1.977   -6.692  1.00 10.60 ?  135 THR A CB  1 
ATOM   922  O OG1 . THR A 1 113 ? -13.515 2.957   -6.515  1.00 9.48  ?  135 THR A OG1 1 
ATOM   923  C CG2 . THR A 1 113 ? -15.938 2.591   -6.342  1.00 12.28 ?  135 THR A CG2 1 
ATOM   924  N N   A SER A 1 114 ? -12.885 -0.625  -7.245  0.50 9.54  ?  136 SER A N   1 
ATOM   925  N N   B SER A 1 114 ? -12.877 -0.576  -7.276  0.50 9.03  ?  136 SER A N   1 
ATOM   926  C CA  A SER A 1 114 ? -11.649 -1.242  -7.720  0.50 10.30 ?  136 SER A CA  1 
ATOM   927  C CA  B SER A 1 114 ? -11.663 -1.242  -7.737  0.50 9.30  ?  136 SER A CA  1 
ATOM   928  C C   A SER A 1 114 ? -10.683 -0.192  -8.222  0.50 10.45 ?  136 SER A C   1 
ATOM   929  C C   B SER A 1 114 ? -10.706 -0.300  -8.452  0.50 10.09 ?  136 SER A C   1 
ATOM   930  O O   A SER A 1 114 ? -11.080 0.924   -8.555  0.50 10.80 ?  136 SER A O   1 
ATOM   931  O O   B SER A 1 114 ? -11.125 0.645   -9.157  0.50 9.90  ?  136 SER A O   1 
ATOM   932  C CB  A SER A 1 114 ? -11.921 -2.263  -8.832  0.50 10.54 ?  136 SER A CB  1 
ATOM   933  C CB  B SER A 1 114 ? -12.016 -2.437  -8.628  0.50 9.03  ?  136 SER A CB  1 
ATOM   934  O OG  A SER A 1 114 ? -12.418 -3.484  -8.315  0.50 11.09 ?  136 SER A OG  1 
ATOM   935  O OG  B SER A 1 114 ? -12.974 -2.058  -9.601  0.50 6.83  ?  136 SER A OG  1 
ATOM   936  N N   . VAL A 1 115 ? -9.415  -0.584  -8.268  1.00 10.32 ?  137 VAL A N   1 
ATOM   937  C CA  . VAL A 1 115 ? -8.337  0.163   -8.920  1.00 11.34 ?  137 VAL A CA  1 
ATOM   938  C C   . VAL A 1 115 ? -8.135  -0.482  -10.304 1.00 13.12 ?  137 VAL A C   1 
ATOM   939  O O   . VAL A 1 115 ? -7.949  -1.696  -10.418 1.00 12.46 ?  137 VAL A O   1 
ATOM   940  C CB  . VAL A 1 115 ? -7.049  0.081   -8.071  1.00 11.92 ?  137 VAL A CB  1 
ATOM   941  C CG1 . VAL A 1 115 ? -5.886  0.813   -8.749  1.00 10.67 ?  137 VAL A CG1 1 
ATOM   942  C CG2 . VAL A 1 115 ? -7.280  0.667   -6.690  1.00 11.79 ?  137 VAL A CG2 1 
ATOM   943  N N   . THR A 1 116 ? -8.185  0.343   -11.349 1.00 16.74 ?  138 THR A N   1 
ATOM   944  C CA  . THR A 1 116 ? -8.211  -0.118  -12.727 1.00 19.58 ?  138 THR A CA  1 
ATOM   945  C C   . THR A 1 116 ? -7.055  0.445   -13.559 1.00 19.75 ?  138 THR A C   1 
ATOM   946  O O   . THR A 1 116 ? -7.090  0.374   -14.793 1.00 20.54 ?  138 THR A O   1 
ATOM   947  C CB  . THR A 1 116 ? -9.512  0.366   -13.406 1.00 20.43 ?  138 THR A CB  1 
ATOM   948  O OG1 . THR A 1 116 ? -9.608  1.784   -13.234 1.00 24.06 ?  138 THR A OG1 1 
ATOM   949  C CG2 . THR A 1 116 ? -10.721 -0.276  -12.770 1.00 23.34 ?  138 THR A CG2 1 
ATOM   950  N N   . ASP A 1 117 ? -6.048  1.020   -12.901 1.00 20.05 ?  139 ASP A N   1 
ATOM   951  C CA  . ASP A 1 117 ? -4.950  1.688   -13.612 1.00 20.65 ?  139 ASP A CA  1 
ATOM   952  C C   . ASP A 1 117 ? -3.737  1.797   -12.704 1.00 19.82 ?  139 ASP A C   1 
ATOM   953  O O   . ASP A 1 117 ? -3.859  1.872   -11.480 1.00 19.35 ?  139 ASP A O   1 
ATOM   954  C CB  . ASP A 1 117 ? -5.387  3.088   -14.109 1.00 21.69 ?  139 ASP A CB  1 
ATOM   955  C CG  . ASP A 1 117 ? -4.388  3.728   -15.114 1.00 24.89 ?  139 ASP A CG  1 
ATOM   956  O OD1 . ASP A 1 117 ? -3.621  3.013   -15.813 1.00 29.36 ?  139 ASP A OD1 1 
ATOM   957  O OD2 . ASP A 1 117 ? -4.397  4.976   -15.213 1.00 30.12 -1 139 ASP A OD2 1 
ATOM   958  N N   . LEU A 1 118 ? -2.561  1.784   -13.323 1.00 18.85 ?  140 LEU A N   1 
ATOM   959  C CA  . LEU A 1 118 ? -1.307  2.026   -12.642 1.00 17.95 ?  140 LEU A CA  1 
ATOM   960  C C   . LEU A 1 118 ? -0.711  3.168   -13.438 1.00 17.53 ?  140 LEU A C   1 
ATOM   961  O O   . LEU A 1 118 ? 0.155   2.960   -14.308 1.00 18.09 ?  140 LEU A O   1 
ATOM   962  C CB  . LEU A 1 118 ? -0.424  0.791   -12.701 1.00 17.25 ?  140 LEU A CB  1 
ATOM   963  C CG  . LEU A 1 118 ? 0.923   0.885   -11.993 1.00 17.03 ?  140 LEU A CG  1 
ATOM   964  C CD1 . LEU A 1 118 ? 0.729   1.086   -10.477 1.00 20.03 ?  140 LEU A CD1 1 
ATOM   965  C CD2 . LEU A 1 118 ? 1.779   -0.330  -12.274 1.00 19.94 ?  140 LEU A CD2 1 
ATOM   966  N N   . PRO A 1 119 ? -1.183  4.386   -13.150 1.00 15.95 ?  141 PRO A N   1 
ATOM   967  C CA  . PRO A 1 119 ? -1.073  5.486   -14.104 1.00 16.45 ?  141 PRO A CA  1 
ATOM   968  C C   . PRO A 1 119 ? 0.357   5.952   -14.376 1.00 15.43 ?  141 PRO A C   1 
ATOM   969  O O   . PRO A 1 119 ? 0.634   6.478   -15.461 1.00 17.47 ?  141 PRO A O   1 
ATOM   970  C CB  . PRO A 1 119 ? -1.885  6.607   -13.441 1.00 16.67 ?  141 PRO A CB  1 
ATOM   971  C CG  . PRO A 1 119 ? -1.925  6.248   -11.987 1.00 17.21 ?  141 PRO A CG  1 
ATOM   972  C CD  . PRO A 1 119 ? -1.926  4.770   -11.924 1.00 16.54 ?  141 PRO A CD  1 
ATOM   973  N N   . ASN A 1 120 ? 1.264   5.765   -13.420 1.00 14.12 ?  142 ASN A N   1 
ATOM   974  C CA  . ASN A 1 120 ? 2.596   6.371   -13.509 1.00 14.30 ?  142 ASN A CA  1 
ATOM   975  C C   . ASN A 1 120 ? 3.718   5.352   -13.565 1.00 13.21 ?  142 ASN A C   1 
ATOM   976  O O   . ASN A 1 120 ? 4.867   5.656   -13.248 1.00 14.29 ?  142 ASN A O   1 
ATOM   977  C CB  . ASN A 1 120 ? 2.808   7.333   -12.344 1.00 15.05 ?  142 ASN A CB  1 
ATOM   978  C CG  . ASN A 1 120 ? 3.877   8.352   -12.602 1.00 16.92 ?  142 ASN A CG  1 
ATOM   979  O OD1 . ASN A 1 120 ? 4.025   8.859   -13.725 1.00 19.14 ?  142 ASN A OD1 1 
ATOM   980  N ND2 . ASN A 1 120 ? 4.636   8.673   -11.566 1.00 17.24 ?  142 ASN A ND2 1 
ATOM   981  N N   . SER A 1 121 ? 3.363   4.133   -13.965 1.00 12.89 ?  143 SER A N   1 
ATOM   982  C CA  . SER A 1 121 ? 4.350   3.110   -14.290 1.00 12.98 ?  143 SER A CA  1 
ATOM   983  C C   . SER A 1 121 ? 5.169   3.582   -15.501 1.00 12.38 ?  143 SER A C   1 
ATOM   984  O O   . SER A 1 121 ? 4.678   4.349   -16.335 1.00 11.24 ?  143 SER A O   1 
ATOM   985  C CB  . SER A 1 121 ? 3.634   1.785   -14.593 1.00 12.57 ?  143 SER A CB  1 
ATOM   986  O OG  . SER A 1 121 ? 2.882   1.867   -15.770 1.00 15.42 ?  143 SER A OG  1 
ATOM   987  N N   . PHE A 1 122 ? 6.397   3.116   -15.595 1.00 10.84 ?  144 PHE A N   1 
ATOM   988  C CA  . PHE A 1 122 ? 7.209   3.475   -16.766 1.00 10.96 ?  144 PHE A CA  1 
ATOM   989  C C   . PHE A 1 122 ? 7.434   2.289   -17.669 1.00 11.33 ?  144 PHE A C   1 
ATOM   990  O O   . PHE A 1 122 ? 7.048   1.161   -17.353 1.00 11.61 ?  144 PHE A O   1 
ATOM   991  C CB  . PHE A 1 122 ? 8.494   4.269   -16.420 1.00 13.20 ?  144 PHE A CB  1 
ATOM   992  C CG  . PHE A 1 122 ? 9.377   3.640   -15.385 1.00 15.21 ?  144 PHE A CG  1 
ATOM   993  C CD1 . PHE A 1 122 ? 10.318  2.666   -15.743 1.00 18.55 ?  144 PHE A CD1 1 
ATOM   994  C CD2 . PHE A 1 122 ? 9.319   4.058   -14.057 1.00 16.08 ?  144 PHE A CD2 1 
ATOM   995  C CE1 . PHE A 1 122 ? 11.164  2.095   -14.776 1.00 17.79 ?  144 PHE A CE1 1 
ATOM   996  C CE2 . PHE A 1 122 ? 10.155  3.505   -13.102 1.00 17.64 ?  144 PHE A CE2 1 
ATOM   997  C CZ  . PHE A 1 122 ? 11.070  2.514   -13.455 1.00 18.27 ?  144 PHE A CZ  1 
ATOM   998  N N   . ASP A 1 123 ? 7.998   2.552   -18.839 1.00 10.54 ?  145 ASP A N   1 
ATOM   999  C CA  . ASP A 1 123 ? 8.211   1.487   -19.815 1.00 10.03 ?  145 ASP A CA  1 
ATOM   1000 C C   . ASP A 1 123 ? 9.065   0.396   -19.176 1.00 9.51  ?  145 ASP A C   1 
ATOM   1001 O O   . ASP A 1 123 ? 10.013  0.684   -18.463 1.00 10.34 ?  145 ASP A O   1 
ATOM   1002 C CB  . ASP A 1 123 ? 8.954   2.044   -21.048 1.00 11.26 ?  145 ASP A CB  1 
ATOM   1003 C CG  . ASP A 1 123 ? 9.157   1.019   -22.112 1.00 14.94 ?  145 ASP A CG  1 
ATOM   1004 O OD1 . ASP A 1 123 ? 8.224   0.792   -22.909 1.00 15.62 ?  145 ASP A OD1 1 
ATOM   1005 O OD2 . ASP A 1 123 ? 10.275  0.459   -22.186 1.00 18.14 -1 145 ASP A OD2 1 
ATOM   1006 N N   . GLY A 1 124 ? 8.745   -0.849  -19.480 1.00 9.89  ?  146 GLY A N   1 
ATOM   1007 C CA  . GLY A 1 124 ? 9.524   -1.943  -18.958 1.00 11.35 ?  146 GLY A CA  1 
ATOM   1008 C C   . GLY A 1 124 ? 8.993   -3.288  -19.358 1.00 12.14 ?  146 GLY A C   1 
ATOM   1009 O O   . GLY A 1 124 ? 7.949   -3.384  -20.018 1.00 11.82 ?  146 GLY A O   1 
ATOM   1010 N N   . PRO A 1 125 ? 9.705   -4.331  -18.933 1.00 13.02 ?  147 PRO A N   1 
ATOM   1011 C CA  . PRO A 1 125 ? 9.463   -5.685  -19.390 1.00 13.68 ?  147 PRO A CA  1 
ATOM   1012 C C   . PRO A 1 125 ? 8.502   -6.518  -18.537 1.00 13.04 ?  147 PRO A C   1 
ATOM   1013 O O   . PRO A 1 125 ? 8.167   -7.641  -18.933 1.00 14.26 ?  147 PRO A O   1 
ATOM   1014 C CB  . PRO A 1 125 ? 10.850  -6.325  -19.291 1.00 14.08 ?  147 PRO A CB  1 
ATOM   1015 C CG  . PRO A 1 125 ? 11.478  -5.665  -18.162 1.00 14.39 ?  147 PRO A CG  1 
ATOM   1016 C CD  . PRO A 1 125 ? 10.975  -4.228  -18.190 1.00 13.41 ?  147 PRO A CD  1 
ATOM   1017 N N   . VAL A 1 126 ? 8.092   -6.012  -17.378 1.00 12.24 ?  148 VAL A N   1 
ATOM   1018 C CA  . VAL A 1 126 ? 7.353   -6.818  -16.402 1.00 11.72 ?  148 VAL A CA  1 
ATOM   1019 C C   . VAL A 1 126 ? 5.872   -6.730  -16.638 1.00 10.44 ?  148 VAL A C   1 
ATOM   1020 O O   . VAL A 1 126 ? 5.343   -5.640  -16.819 1.00 9.94  ?  148 VAL A O   1 
ATOM   1021 C CB  . VAL A 1 126 ? 7.659   -6.321  -14.976 1.00 11.97 ?  148 VAL A CB  1 
ATOM   1022 C CG1 . VAL A 1 126 ? 6.980   -7.208  -13.922 1.00 12.93 ?  148 VAL A CG1 1 
ATOM   1023 C CG2 . VAL A 1 126 ? 9.164   -6.254  -14.744 1.00 13.10 ?  148 VAL A CG2 1 
ATOM   1024 N N   . THR A 1 127 ? 5.170   -7.855  -16.594 1.00 10.99 ?  149 THR A N   1 
ATOM   1025 C CA  . THR A 1 127 ? 3.713   -7.827  -16.591 1.00 11.80 ?  149 THR A CA  1 
ATOM   1026 C C   . THR A 1 127 ? 3.282   -7.549  -15.153 1.00 10.68 ?  149 THR A C   1 
ATOM   1027 O O   . THR A 1 127 ? 3.499   -8.356  -14.245 1.00 11.43 ?  149 THR A O   1 
ATOM   1028 C CB  . THR A 1 127 ? 3.107   -9.150  -17.084 1.00 12.42 ?  149 THR A CB  1 
ATOM   1029 O OG1 . THR A 1 127 ? 3.482   -9.343  -18.453 1.00 15.02 ?  149 THR A OG1 1 
ATOM   1030 C CG2 . THR A 1 127 ? 1.575   -9.123  -17.025 1.00 13.62 ?  149 THR A CG2 1 
ATOM   1031 N N   . ILE A 1 128 ? 2.739   -6.369  -14.942 1.00 9.25  ?  150 ILE A N   1 
ATOM   1032 C CA  . ILE A 1 128 ? 2.294   -5.986  -13.600 1.00 9.28  ?  150 ILE A CA  1 
ATOM   1033 C C   . ILE A 1 128 ? 0.794   -6.101  -13.550 1.00 9.70  ?  150 ILE A C   1 
ATOM   1034 O O   . ILE A 1 128 ? 0.103   -5.481  -14.345 1.00 8.92  ?  150 ILE A O   1 
ATOM   1035 C CB  . ILE A 1 128 ? 2.707   -4.542  -13.287 1.00 9.91  ?  150 ILE A CB  1 
ATOM   1036 C CG1 . ILE A 1 128 ? 4.215   -4.401  -13.438 1.00 11.07 ?  150 ILE A CG1 1 
ATOM   1037 C CG2 . ILE A 1 128 ? 2.222   -4.104  -11.887 1.00 10.96 ?  150 ILE A CG2 1 
ATOM   1038 C CD1 . ILE A 1 128 ? 4.671   -2.943  -13.593 1.00 14.25 ?  150 ILE A CD1 1 
ATOM   1039 N N   . THR A 1 129 ? 0.283   -6.870  -12.588 1.00 7.51  ?  151 THR A N   1 
ATOM   1040 C CA  . THR A 1 129 ? -1.158  -7.047  -12.428 1.00 7.79  ?  151 THR A CA  1 
ATOM   1041 C C   . THR A 1 129 ? -1.641  -6.431  -11.113 1.00 7.50  ?  151 THR A C   1 
ATOM   1042 O O   . THR A 1 129 ? -1.177  -6.808  -10.037 1.00 8.69  ?  151 THR A O   1 
ATOM   1043 C CB  . THR A 1 129 ? -1.523  -8.554  -12.501 1.00 8.24  ?  151 THR A CB  1 
ATOM   1044 O OG1 . THR A 1 129 ? -1.084  -9.050  -13.771 1.00 11.63 ?  151 THR A OG1 1 
ATOM   1045 C CG2 . THR A 1 129 ? -3.000  -8.744  -12.425 1.00 8.70  ?  151 THR A CG2 1 
ATOM   1046 N N   A ILE A 1 130 ? -2.548  -5.462  -11.216 0.50 7.35  ?  152 ILE A N   1 
ATOM   1047 N N   B ILE A 1 130 ? -2.572  -5.482  -11.212 0.50 7.53  ?  152 ILE A N   1 
ATOM   1048 C CA  A ILE A 1 130 ? -3.266  -4.959  -10.054 0.50 6.70  ?  152 ILE A CA  1 
ATOM   1049 C CA  B ILE A 1 130 ? -3.281  -4.950  -10.047 0.50 7.10  ?  152 ILE A CA  1 
ATOM   1050 C C   A ILE A 1 130 ? -4.351  -5.969  -9.763  0.50 6.71  ?  152 ILE A C   1 
ATOM   1051 C C   B ILE A 1 130 ? -4.435  -5.869  -9.719  0.50 7.06  ?  152 ILE A C   1 
ATOM   1052 O O   A ILE A 1 130 ? -5.093  -6.351  -10.678 0.50 5.55  ?  152 ILE A O   1 
ATOM   1053 O O   B ILE A 1 130 ? -5.327  -6.069  -10.557 0.50 6.80  ?  152 ILE A O   1 
ATOM   1054 C CB  A ILE A 1 130 ? -3.898  -3.576  -10.305 0.50 7.49  ?  152 ILE A CB  1 
ATOM   1055 C CB  B ILE A 1 130 ? -3.840  -3.540  -10.290 0.50 7.88  ?  152 ILE A CB  1 
ATOM   1056 C CG1 A ILE A 1 130 ? -2.849  -2.650  -10.951 0.50 7.91  ?  152 ILE A CG1 1 
ATOM   1057 C CG1 B ILE A 1 130 ? -2.692  -2.522  -10.267 0.50 9.19  ?  152 ILE A CG1 1 
ATOM   1058 C CG2 A ILE A 1 130 ? -4.477  -3.035  -9.001  0.50 8.09  ?  152 ILE A CG2 1 
ATOM   1059 C CG2 B ILE A 1 130 ? -4.932  -3.226  -9.271  0.50 7.93  ?  152 ILE A CG2 1 
ATOM   1060 C CD1 A ILE A 1 130 ? -1.496  -2.682  -10.247 0.50 9.02  ?  152 ILE A CD1 1 
ATOM   1061 C CD1 B ILE A 1 130 ? -3.080  -1.227  -10.842 0.50 9.29  ?  152 ILE A CD1 1 
ATOM   1062 N N   . VAL A 1 131 ? -4.399  -6.431  -8.514  1.00 6.09  ?  153 VAL A N   1 
ATOM   1063 C CA  . VAL A 1 131 ? -5.413  -7.388  -8.068  1.00 6.26  ?  153 VAL A CA  1 
ATOM   1064 C C   . VAL A 1 131 ? -6.240  -6.744  -6.954  1.00 6.60  ?  153 VAL A C   1 
ATOM   1065 O O   . VAL A 1 131 ? -5.690  -6.416  -5.893  1.00 6.72  ?  153 VAL A O   1 
ATOM   1066 C CB  . VAL A 1 131 ? -4.774  -8.705  -7.579  1.00 5.28  ?  153 VAL A CB  1 
ATOM   1067 C CG1 . VAL A 1 131 ? -5.877  -9.715  -7.299  1.00 7.85  ?  153 VAL A CG1 1 
ATOM   1068 C CG2 . VAL A 1 131 ? -3.770  -9.246  -8.582  1.00 7.73  ?  153 VAL A CG2 1 
ATOM   1069 N N   . ASN A 1 132 ? -7.537  -6.528  -7.211  1.00 5.33  ?  154 ASN A N   1 
ATOM   1070 C CA  . ASN A 1 132 ? -8.427  -6.019  -6.203  1.00 5.12  ?  154 ASN A CA  1 
ATOM   1071 C C   . ASN A 1 132 ? -8.963  -7.116  -5.327  1.00 5.19  ?  154 ASN A C   1 
ATOM   1072 O O   . ASN A 1 132 ? -8.920  -8.299  -5.715  1.00 5.42  ?  154 ASN A O   1 
ATOM   1073 C CB  . ASN A 1 132 ? -9.563  -5.270  -6.916  1.00 6.08  ?  154 ASN A CB  1 
ATOM   1074 C CG  . ASN A 1 132 ? -9.057  -4.021  -7.591  1.00 5.85  ?  154 ASN A CG  1 
ATOM   1075 O OD1 . ASN A 1 132 ? -8.866  -2.972  -6.914  1.00 7.40  ?  154 ASN A OD1 1 
ATOM   1076 N ND2 . ASN A 1 132 ? -8.783  -4.089  -8.891  1.00 7.02  ?  154 ASN A ND2 1 
ATOM   1077 N N   . ARG A 1 133 ? -9.491  -6.795  -4.149  1.00 4.00  ?  155 ARG A N   1 
ATOM   1078 C CA  . ARG A 1 133 ? -9.974  -7.805  -3.239  1.00 5.98  ?  155 ARG A CA  1 
ATOM   1079 C C   . ARG A 1 133 ? -11.178 -8.537  -3.796  1.00 5.39  ?  155 ARG A C   1 
ATOM   1080 O O   . ARG A 1 133 ? -11.355 -9.721  -3.480  1.00 5.82  ?  155 ARG A O   1 
ATOM   1081 C CB  . ARG A 1 133 ? -10.192 -7.182  -1.840  1.00 5.49  ?  155 ARG A CB  1 
ATOM   1082 C CG  . ARG A 1 133 ? -10.651 -8.102  -0.725  1.00 6.68  ?  155 ARG A CG  1 
ATOM   1083 C CD  . ARG A 1 133 ? -9.667  -9.204  -0.342  1.00 10.32 ?  155 ARG A CD  1 
ATOM   1084 N NE  . ARG A 1 133 ? -9.626  -10.305 -1.328  1.00 11.15 ?  155 ARG A NE  1 
ATOM   1085 C CZ  . ARG A 1 133 ? -9.064  -11.495 -1.119  1.00 10.53 ?  155 ARG A CZ  1 
ATOM   1086 N NH1 . ARG A 1 133 ? -8.512  -11.786 0.058   1.00 10.80 ?  155 ARG A NH1 1 
ATOM   1087 N NH2 . ARG A 1 133 ? -9.089  -12.388 -2.090  1.00 12.09 ?  155 ARG A NH2 1 
ATOM   1088 N N   . ASP A 1 134 ? -11.960 -7.881  -4.665  1.00 5.85  ?  156 ASP A N   1 
ATOM   1089 C CA  . ASP A 1 134 ? -13.067 -8.567  -5.340  1.00 6.27  ?  156 ASP A CA  1 
ATOM   1090 C C   . ASP A 1 134 ? -12.629 -9.383  -6.538  1.00 6.84  ?  156 ASP A C   1 
ATOM   1091 O O   . ASP A 1 134 ? -13.472 -9.923  -7.233  1.00 7.36  ?  156 ASP A O   1 
ATOM   1092 C CB  . ASP A 1 134 ? -14.214 -7.606  -5.730  1.00 7.88  ?  156 ASP A CB  1 
ATOM   1093 C CG  . ASP A 1 134 ? -13.863 -6.648  -6.866  1.00 8.36  ?  156 ASP A CG  1 
ATOM   1094 O OD1 . ASP A 1 134 ? -12.760 -6.697  -7.434  1.00 8.67  ?  156 ASP A OD1 1 
ATOM   1095 O OD2 . ASP A 1 134 ? -14.727 -5.784  -7.166  1.00 9.08  -1 156 ASP A OD2 1 
ATOM   1096 N N   . GLY A 1 135 ? -11.334 -9.461  -6.776  1.00 6.17  ?  157 GLY A N   1 
ATOM   1097 C CA  . GLY A 1 135 ? -10.803 -10.290 -7.837  1.00 5.51  ?  157 GLY A CA  1 
ATOM   1098 C C   . GLY A 1 135 ? -10.570 -9.583  -9.150  1.00 6.21  ?  157 GLY A C   1 
ATOM   1099 O O   . GLY A 1 135 ? -9.872  -10.090 -9.998  1.00 7.10  ?  157 GLY A O   1 
ATOM   1100 N N   A THR A 1 136 ? -11.148 -8.381  -9.299  0.50 5.69  ?  158 THR A N   1 
ATOM   1101 N N   B THR A 1 136 ? -11.158 -8.403  -9.331  0.50 6.24  ?  158 THR A N   1 
ATOM   1102 C CA  A THR A 1 136 ? -10.983 -7.589  -10.521 0.50 6.34  ?  158 THR A CA  1 
ATOM   1103 C CA  B THR A 1 136 ? -11.003 -7.740  -10.614 0.50 7.42  ?  158 THR A CA  1 
ATOM   1104 C C   A THR A 1 136 ? -9.489  -7.364  -10.779 0.50 6.49  ?  158 THR A C   1 
ATOM   1105 C C   B THR A 1 136 ? -9.537  -7.370  -10.801 0.50 6.92  ?  158 THR A C   1 
ATOM   1106 O O   A THR A 1 136 ? -8.759  -6.981  -9.848  0.50 6.01  ?  158 THR A O   1 
ATOM   1107 O O   B THR A 1 136 ? -8.885  -6.904  -9.849  0.50 6.13  ?  158 THR A O   1 
ATOM   1108 C CB  A THR A 1 136 ? -11.697 -6.208  -10.421 0.50 6.13  ?  158 THR A CB  1 
ATOM   1109 C CB  B THR A 1 136 ? -11.907 -6.518  -10.726 0.50 7.33  ?  158 THR A CB  1 
ATOM   1110 O OG1 A THR A 1 136 ? -13.051 -6.368  -10.012 0.50 5.33  ?  158 THR A OG1 1 
ATOM   1111 O OG1 B THR A 1 136 ? -11.552 -5.584  -9.710  0.50 9.70  ?  158 THR A OG1 1 
ATOM   1112 C CG2 A THR A 1 136 ? -11.683 -5.493  -11.767 0.50 5.76  ?  158 THR A CG2 1 
ATOM   1113 C CG2 B THR A 1 136 ? -13.347 -6.920  -10.574 0.50 8.34  ?  158 THR A CG2 1 
ATOM   1114 N N   . ARG A 1 137 ? -9.041  -7.551  -12.023 1.00 7.00  ?  159 ARG A N   1 
ATOM   1115 C CA  . ARG A 1 137 ? -7.639  -7.393  -12.354 1.00 8.35  ?  159 ARG A CA  1 
ATOM   1116 C C   . ARG A 1 137 ? -7.467  -6.439  -13.497 1.00 9.05  ?  159 ARG A C   1 
ATOM   1117 O O   . ARG A 1 137 ? -8.328  -6.329  -14.393 1.00 10.13 ?  159 ARG A O   1 
ATOM   1118 C CB  . ARG A 1 137 ? -6.978  -8.728  -12.711 1.00 8.78  ?  159 ARG A CB  1 
ATOM   1119 C CG  . ARG A 1 137 ? -6.694  -9.565  -11.493 1.00 8.57  ?  159 ARG A CG  1 
ATOM   1120 C CD  . ARG A 1 137 ? -6.324  -11.025 -11.892 1.00 8.89  ?  159 ARG A CD  1 
ATOM   1121 N NE  . ARG A 1 137 ? -5.821  -11.821 -10.768 1.00 10.51 ?  159 ARG A NE  1 
ATOM   1122 C CZ  . ARG A 1 137 ? -6.574  -12.367 -9.812  1.00 14.37 ?  159 ARG A CZ  1 
ATOM   1123 N NH1 . ARG A 1 137 ? -7.923  -12.231 -9.778  1.00 12.64 ?  159 ARG A NH1 1 
ATOM   1124 N NH2 . ARG A 1 137 ? -5.944  -13.099 -8.866  1.00 15.82 ?  159 ARG A NH2 1 
ATOM   1125 N N   . TYR A 1 138 ? -6.330  -5.754  -13.455 1.00 9.47  ?  160 TYR A N   1 
ATOM   1126 C CA  . TYR A 1 138 ? -5.851  -4.917  -14.546 1.00 10.46 ?  160 TYR A CA  1 
ATOM   1127 C C   . TYR A 1 138 ? -4.369  -5.188  -14.709 1.00 11.39 ?  160 TYR A C   1 
ATOM   1128 O O   . TYR A 1 138 ? -3.613  -5.109  -13.740 1.00 11.19 ?  160 TYR A O   1 
ATOM   1129 C CB  . TYR A 1 138 ? -6.090  -3.447  -14.201 1.00 11.30 ?  160 TYR A CB  1 
ATOM   1130 C CG  . TYR A 1 138 ? -5.381  -2.488  -15.126 1.00 16.27 ?  160 TYR A CG  1 
ATOM   1131 C CD1 . TYR A 1 138 ? -5.949  -2.144  -16.348 1.00 17.87 ?  160 TYR A CD1 1 
ATOM   1132 C CD2 . TYR A 1 138 ? -4.145  -1.922  -14.783 1.00 18.76 ?  160 TYR A CD2 1 
ATOM   1133 C CE1 . TYR A 1 138 ? -5.298  -1.260  -17.228 1.00 19.26 ?  160 TYR A CE1 1 
ATOM   1134 C CE2 . TYR A 1 138 ? -3.480  -1.042  -15.658 1.00 19.64 ?  160 TYR A CE2 1 
ATOM   1135 C CZ  . TYR A 1 138 ? -4.070  -0.707  -16.874 1.00 20.18 ?  160 TYR A CZ  1 
ATOM   1136 O OH  . TYR A 1 138 ? -3.428  0.159   -17.749 1.00 23.22 ?  160 TYR A OH  1 
ATOM   1137 N N   . SER A 1 139 ? -3.953  -5.481  -15.931 1.00 12.39 ?  161 SER A N   1 
ATOM   1138 C CA  . SER A 1 139 ? -2.563  -5.762  -16.218 1.00 13.08 ?  161 SER A CA  1 
ATOM   1139 C C   . SER A 1 139 ? -1.967  -4.799  -17.235 1.00 14.18 ?  161 SER A C   1 
ATOM   1140 O O   . SER A 1 139 ? -2.667  -4.314  -18.131 1.00 13.67 ?  161 SER A O   1 
ATOM   1141 C CB  . SER A 1 139 ? -2.403  -7.196  -16.727 1.00 13.87 ?  161 SER A CB  1 
ATOM   1142 O OG  . SER A 1 139 ? -2.844  -8.106  -15.739 1.00 16.84 ?  161 SER A OG  1 
ATOM   1143 N N   . LYS A 1 140 ? -0.685  -4.526  -17.073 1.00 13.15 ?  162 LYS A N   1 
ATOM   1144 C CA  . LYS A 1 140 ? 0.045   -3.768  -18.076 1.00 14.34 ?  162 LYS A CA  1 
ATOM   1145 C C   . LYS A 1 140 ? 1.505   -4.159  -18.011 1.00 13.87 ?  162 LYS A C   1 
ATOM   1146 O O   . LYS A 1 140 ? 2.002   -4.611  -16.966 1.00 13.97 ?  162 LYS A O   1 
ATOM   1147 C CB  . LYS A 1 140 ? -0.107  -2.276  -17.834 1.00 14.84 ?  162 LYS A CB  1 
ATOM   1148 C CG  . LYS A 1 140 ? 0.581   -1.767  -16.593 1.00 16.11 ?  162 LYS A CG  1 
ATOM   1149 C CD  . LYS A 1 140 ? 0.164   -0.332  -16.292 1.00 19.35 ?  162 LYS A CD  1 
ATOM   1150 C CE  . LYS A 1 140 ? 0.651   0.651   -17.361 1.00 20.91 ?  162 LYS A CE  1 
ATOM   1151 N NZ  . LYS A 1 140 ? 0.420   2.080   -17.001 1.00 24.16 ?  162 LYS A NZ  1 
ATOM   1152 N N   . LYS A 1 141 ? 2.208   -3.974  -19.120 1.00 13.42 ?  163 LYS A N   1 
ATOM   1153 C CA  . LYS A 1 141 ? 3.633   -4.201  -19.162 1.00 13.38 ?  163 LYS A CA  1 
ATOM   1154 C C   . LYS A 1 141 ? 4.324   -2.908  -18.763 1.00 12.24 ?  163 LYS A C   1 
ATOM   1155 O O   . LYS A 1 141 ? 3.951   -1.815  -19.214 1.00 14.38 ?  163 LYS A O   1 
ATOM   1156 C CB  . LYS A 1 141 ? 4.060   -4.638  -20.567 1.00 13.82 ?  163 LYS A CB  1 
ATOM   1157 C CG  . LYS A 1 141 ? 5.458   -5.165  -20.689 1.00 19.28 ?  163 LYS A CG  1 
ATOM   1158 C CD  . LYS A 1 141 ? 5.878   -5.347  -22.168 1.00 23.71 ?  163 LYS A CD  1 
ATOM   1159 C CE  . LYS A 1 141 ? 5.836   -4.033  -23.002 1.00 25.71 ?  163 LYS A CE  1 
ATOM   1160 N NZ  . LYS A 1 141 ? 6.974   -3.074  -22.794 1.00 27.30 ?  163 LYS A NZ  1 
ATOM   1161 N N   . GLY A 1 142 ? 5.283   -3.023  -17.863 1.00 11.04 ?  164 GLY A N   1 
ATOM   1162 C CA  . GLY A 1 142 ? 5.975   -1.845  -17.380 1.00 10.22 ?  164 GLY A CA  1 
ATOM   1163 C C   . GLY A 1 142 ? 7.025   -2.145  -16.341 1.00 9.47  ?  164 GLY A C   1 
ATOM   1164 O O   . GLY A 1 142 ? 7.520   -3.267  -16.224 1.00 10.44 ?  164 GLY A O   1 
ATOM   1165 N N   . GLU A 1 143 ? 7.376   -1.100  -15.598 1.00 8.89  ?  165 GLU A N   1 
ATOM   1166 C CA  . GLU A 1 143 ? 8.344   -1.193  -14.508 1.00 9.12  ?  165 GLU A CA  1 
ATOM   1167 C C   . GLU A 1 143 ? 8.051   -0.011  -13.588 1.00 9.78  ?  165 GLU A C   1 
ATOM   1168 O O   . GLU A 1 143 ? 7.435   0.984   -14.006 1.00 10.25 ?  165 GLU A O   1 
ATOM   1169 C CB  . GLU A 1 143 ? 9.766   -1.162  -15.075 1.00 9.41  ?  165 GLU A CB  1 
ATOM   1170 C CG  . GLU A 1 143 ? 10.879  -1.269  -14.007 1.00 11.09 ?  165 GLU A CG  1 
ATOM   1171 C CD  . GLU A 1 143 ? 10.773  -2.479  -13.080 1.00 13.91 ?  165 GLU A CD  1 
ATOM   1172 O OE1 . GLU A 1 143 ? 11.295  -3.557  -13.431 1.00 15.16 ?  165 GLU A OE1 1 
ATOM   1173 O OE2 . GLU A 1 143 ? 10.189  -2.357  -11.953 1.00 12.66 -1 165 GLU A OE2 1 
ATOM   1174 N N   . TYR A 1 144 ? 8.419   -0.137  -12.323 1.00 9.48  ?  166 TYR A N   1 
ATOM   1175 C CA  . TYR A 1 144 ? 8.260   0.982   -11.382 1.00 9.86  ?  166 TYR A CA  1 
ATOM   1176 C C   . TYR A 1 144 ? 9.496   1.138   -10.504 1.00 10.84 ?  166 TYR A C   1 
ATOM   1177 O O   . TYR A 1 144 ? 9.664   2.154   -9.845  1.00 10.21 ?  166 TYR A O   1 
ATOM   1178 C CB  . TYR A 1 144 ? 7.002   0.825   -10.485 1.00 9.74  ?  166 TYR A CB  1 
ATOM   1179 C CG  . TYR A 1 144 ? 7.017   -0.427  -9.616  1.00 10.60 ?  166 TYR A CG  1 
ATOM   1180 C CD1 . TYR A 1 144 ? 7.596   -0.417  -8.330  1.00 12.12 ?  166 TYR A CD1 1 
ATOM   1181 C CD2 . TYR A 1 144 ? 6.439   -1.603  -10.062 1.00 11.71 ?  166 TYR A CD2 1 
ATOM   1182 C CE1 . TYR A 1 144 ? 7.629   -1.581  -7.541  1.00 12.61 ?  166 TYR A CE1 1 
ATOM   1183 C CE2 . TYR A 1 144 ? 6.465   -2.760  -9.272  1.00 14.01 ?  166 TYR A CE2 1 
ATOM   1184 C CZ  . TYR A 1 144 ? 7.059   -2.730  -8.022  1.00 12.28 ?  166 TYR A CZ  1 
ATOM   1185 O OH  . TYR A 1 144 ? 7.076   -3.887  -7.265  1.00 14.64 ?  166 TYR A OH  1 
ATOM   1186 N N   . ARG A 1 145 ? 10.368  0.138   -10.494 1.00 12.78 ?  167 ARG A N   1 
ATOM   1187 C CA  . ARG A 1 145 ? 11.521  0.159   -9.593  1.00 13.69 ?  167 ARG A CA  1 
ATOM   1188 C C   . ARG A 1 145 ? 12.636  0.975   -10.228 1.00 15.24 ?  167 ARG A C   1 
ATOM   1189 O O   . ARG A 1 145 ? 12.993  0.753   -11.392 1.00 17.06 ?  167 ARG A O   1 
ATOM   1190 C CB  . ARG A 1 145 ? 11.996  -1.265  -9.281  1.00 14.22 ?  167 ARG A CB  1 
ATOM   1191 C CG  . ARG A 1 145 ? 10.953  -2.109  -8.562  1.00 12.46 ?  167 ARG A CG  1 
ATOM   1192 C CD  . ARG A 1 145 ? 11.222  -3.601  -8.614  1.00 14.80 ?  167 ARG A CD  1 
ATOM   1193 N NE  . ARG A 1 145 ? 11.114  -4.119  -9.981  1.00 16.37 ?  167 ARG A NE  1 
ATOM   1194 C CZ  . ARG A 1 145 ? 11.290  -5.389  -10.335 1.00 18.08 ?  167 ARG A CZ  1 
ATOM   1195 N NH1 . ARG A 1 145 ? 11.560  -6.326  -9.416  1.00 19.76 ?  167 ARG A NH1 1 
ATOM   1196 N NH2 . ARG A 1 145 ? 11.170  -5.728  -11.613 1.00 17.74 ?  167 ARG A NH2 1 
ATOM   1197 N N   . THR A 1 146 ? 13.152  1.941   -9.479  1.00 16.17 ?  168 THR A N   1 
ATOM   1198 C CA  . THR A 1 146 ? 14.225  2.816   -9.953  1.00 18.13 ?  168 THR A CA  1 
ATOM   1199 C C   . THR A 1 146 ? 15.577  2.414   -9.379  1.00 19.82 ?  168 THR A C   1 
ATOM   1200 O O   . THR A 1 146 ? 16.613  2.836   -9.906  1.00 20.69 ?  168 THR A O   1 
ATOM   1201 C CB  . THR A 1 146 ? 13.949  4.323   -9.673  1.00 18.50 ?  168 THR A CB  1 
ATOM   1202 O OG1 . THR A 1 146 ? 14.050  4.590   -8.270  1.00 18.72 ?  168 THR A OG1 1 
ATOM   1203 C CG2 . THR A 1 146 ? 12.577  4.744   -10.197 1.00 18.36 ?  168 THR A CG2 1 
ATOM   1204 N N   . HIS A 1 147 ? 15.583  1.590   -8.330  1.00 20.76 ?  169 HIS A N   1 
ATOM   1205 C CA  . HIS A 1 147 ? 16.824  1.202   -7.636  1.00 23.05 ?  169 HIS A CA  1 
ATOM   1206 C C   . HIS A 1 147 ? 17.256  -0.211  -8.010  1.00 24.07 ?  169 HIS A C   1 
ATOM   1207 O O   . HIS A 1 147 ? 16.464  -1.153  -7.915  1.00 24.30 ?  169 HIS A O   1 
ATOM   1208 C CB  . HIS A 1 147 ? 16.636  1.291   -6.121  1.00 22.78 ?  169 HIS A CB  1 
ATOM   1209 C CG  . HIS A 1 147 ? 16.431  2.683   -5.611  1.00 24.48 ?  169 HIS A CG  1 
ATOM   1210 N ND1 . HIS A 1 147 ? 15.189  3.283   -5.549  1.00 25.86 ?  169 HIS A ND1 1 
ATOM   1211 C CD2 . HIS A 1 147 ? 17.312  3.592   -5.126  1.00 26.24 ?  169 HIS A CD2 1 
ATOM   1212 C CE1 . HIS A 1 147 ? 15.314  4.499   -5.046  1.00 26.49 ?  169 HIS A CE1 1 
ATOM   1213 N NE2 . HIS A 1 147 ? 16.590  4.709   -4.779  1.00 28.07 ?  169 HIS A NE2 1 
ATOM   1214 N N   . GLN A 1 148 ? 18.516  -0.363  -8.426  1.00 26.33 ?  170 GLN A N   1 
ATOM   1215 C CA  . GLN A 1 148 ? 19.032  -1.661  -8.892  1.00 27.48 ?  170 GLN A CA  1 
ATOM   1216 C C   . GLN A 1 148 ? 18.973  -2.776  -7.841  1.00 27.86 ?  170 GLN A C   1 
ATOM   1217 O O   . GLN A 1 148 ? 18.645  -3.921  -8.167  1.00 28.33 ?  170 GLN A O   1 
ATOM   1218 C CB  . GLN A 1 148 ? 20.460  -1.529  -9.449  1.00 27.91 ?  170 GLN A CB  1 
ATOM   1219 C CG  . GLN A 1 148 ? 20.914  -2.752  -10.267 1.00 29.32 ?  170 GLN A CG  1 
ATOM   1220 C CD  . GLN A 1 148 ? 19.945  -3.098  -11.393 1.00 32.44 ?  170 GLN A CD  1 
ATOM   1221 O OE1 . GLN A 1 148 ? 19.536  -2.229  -12.167 1.00 35.11 ?  170 GLN A OE1 1 
ATOM   1222 N NE2 . GLN A 1 148 ? 19.566  -4.368  -11.480 1.00 33.91 ?  170 GLN A NE2 1 
ATOM   1223 N N   . GLU A 1 149 ? 19.276  -2.434  -6.590  1.00 28.50 ?  171 GLU A N   1 
ATOM   1224 C CA  . GLU A 1 149 ? 19.184  -3.394  -5.477  1.00 29.10 ?  171 GLU A CA  1 
ATOM   1225 C C   . GLU A 1 149 ? 17.792  -4.037  -5.342  1.00 28.66 ?  171 GLU A C   1 
ATOM   1226 O O   . GLU A 1 149 ? 17.658  -5.138  -4.792  1.00 28.86 ?  171 GLU A O   1 
ATOM   1227 C CB  . GLU A 1 149 ? 19.597  -2.753  -4.153  1.00 29.39 ?  171 GLU A CB  1 
ATOM   1228 C CG  . GLU A 1 149 ? 18.784  -1.516  -3.754  1.00 32.35 ?  171 GLU A CG  1 
ATOM   1229 C CD  . GLU A 1 149 ? 19.413  -0.205  -4.212  1.00 34.51 ?  171 GLU A CD  1 
ATOM   1230 O OE1 . GLU A 1 149 ? 19.715  -0.055  -5.420  1.00 36.01 ?  171 GLU A OE1 1 
ATOM   1231 O OE2 . GLU A 1 149 ? 19.600  0.683   -3.351  1.00 35.70 -1 171 GLU A OE2 1 
ATOM   1232 N N   . ASP A 1 150 ? 16.771  -3.350  -5.856  1.00 27.55 ?  172 ASP A N   1 
ATOM   1233 C CA  . ASP A 1 150 ? 15.394  -3.842  -5.791  1.00 27.04 ?  172 ASP A CA  1 
ATOM   1234 C C   . ASP A 1 150 ? 14.995  -4.771  -6.949  1.00 28.20 ?  172 ASP A C   1 
ATOM   1235 O O   . ASP A 1 150 ? 13.925  -5.388  -6.912  1.00 29.35 ?  172 ASP A O   1 
ATOM   1236 C CB  . ASP A 1 150 ? 14.411  -2.671  -5.679  1.00 25.36 ?  172 ASP A CB  1 
ATOM   1237 C CG  . ASP A 1 150 ? 14.542  -1.928  -4.368  1.00 20.79 ?  172 ASP A CG  1 
ATOM   1238 O OD1 . ASP A 1 150 ? 14.865  -2.580  -3.352  1.00 19.11 ?  172 ASP A OD1 1 
ATOM   1239 O OD2 . ASP A 1 150 ? 14.316  -0.696  -4.354  1.00 15.67 -1 172 ASP A OD2 1 
ATOM   1240 N N   . ILE A 1 151 ? 15.846  -4.868  -7.967  1.00 29.19 ?  173 ILE A N   1 
ATOM   1241 C CA  . ILE A 1 151 ? 15.583  -5.787  -9.080  1.00 29.88 ?  173 ILE A CA  1 
ATOM   1242 C C   . ILE A 1 151 ? 16.648  -6.876  -9.164  1.00 30.62 ?  173 ILE A C   1 
ATOM   1243 O O   . ILE A 1 151 ? 16.367  -8.046  -8.914  1.00 31.29 ?  173 ILE A O   1 
ATOM   1244 C CB  . ILE A 1 151 ? 15.490  -5.057  -10.440 1.00 30.13 ?  173 ILE A CB  1 
ATOM   1245 C CG1 . ILE A 1 151 ? 14.688  -3.753  -10.313 1.00 28.93 ?  173 ILE A CG1 1 
ATOM   1246 C CG2 . ILE A 1 151 ? 14.897  -5.997  -11.507 1.00 30.03 ?  173 ILE A CG2 1 
ATOM   1247 C CD1 . ILE A 1 151 ? 14.926  -2.765  -11.443 1.00 29.30 ?  173 ILE A CD1 1 
HETATM 1248 S S   . DMS B 2 .   ? -12.190 -3.621  -4.657  1.00 13.25 ?  201 DMS A S   1 
HETATM 1249 O O   . DMS B 2 .   ? -12.144 -5.264  -4.151  1.00 12.11 ?  201 DMS A O   1 
HETATM 1250 C C1  . DMS B 2 .   ? -13.914 -3.382  -5.169  1.00 13.45 ?  201 DMS A C1  1 
HETATM 1251 C C2  . DMS B 2 .   ? -12.228 -2.607  -3.151  1.00 12.74 ?  201 DMS A C2  1 
HETATM 1252 S S   . SO4 C 3 .   ? -5.252  4.781   -6.313  1.00 46.67 ?  202 SO4 A S   1 
HETATM 1253 O O1  . SO4 C 3 .   ? -5.809  4.957   -7.657  1.00 47.65 ?  202 SO4 A O1  1 
HETATM 1254 O O2  . SO4 C 3 .   ? -6.180  5.324   -5.322  1.00 46.61 ?  202 SO4 A O2  1 
HETATM 1255 O O3  . SO4 C 3 .   ? -5.023  3.356   -6.078  1.00 47.82 ?  202 SO4 A O3  1 
HETATM 1256 O O4  . SO4 C 3 .   ? -3.981  5.507   -6.242  1.00 46.44 ?  202 SO4 A O4  1 
HETATM 1257 S S   . SO4 D 3 .   ? -8.290  -10.060 3.363   1.00 51.70 ?  203 SO4 A S   1 
HETATM 1258 O O1  . SO4 D 3 .   ? -9.682  -10.440 3.128   1.00 51.40 ?  203 SO4 A O1  1 
HETATM 1259 O O2  . SO4 D 3 .   ? -8.231  -8.619  3.616   1.00 53.02 ?  203 SO4 A O2  1 
HETATM 1260 O O3  . SO4 D 3 .   ? -7.741  -10.795 4.501   1.00 51.52 ?  203 SO4 A O3  1 
HETATM 1261 O O4  . SO4 D 3 .   ? -7.503  -10.358 2.170   1.00 52.10 ?  203 SO4 A O4  1 
HETATM 1262 C CAJ . 4WN E 4 .   ? -4.335  -10.692 0.943   1.00 14.50 ?  204 4WN A CAJ 1 
HETATM 1263 C CAH . 4WN E 4 .   ? -5.060  -11.059 -0.344  1.00 13.08 ?  204 4WN A CAH 1 
HETATM 1264 C CAO . 4WN E 4 .   ? -5.516  -9.936  -1.073  1.00 10.32 ?  204 4WN A CAO 1 
HETATM 1265 C CAF . 4WN E 4 .   ? -5.925  -10.149 -2.400  1.00 13.05 ?  204 4WN A CAF 1 
HETATM 1266 C CAC . 4WN E 4 .   ? -6.384  -9.084  -3.175  1.00 10.38 ?  204 4WN A CAC 1 
HETATM 1267 C CAE . 4WN E 4 .   ? -6.472  -7.789  -2.651  1.00 8.53  ?  204 4WN A CAE 1 
HETATM 1268 C CAN . 4WN E 4 .   ? -6.099  -7.608  -1.329  1.00 8.96  ?  204 4WN A CAN 1 
HETATM 1269 N NAB . 4WN E 4 .   ? -6.158  -6.368  -0.817  1.00 11.48 ?  204 4WN A NAB 1 
HETATM 1270 C CAP . 4WN E 4 .   ? -5.590  -8.646  -0.509  1.00 9.91  ?  204 4WN A CAP 1 
HETATM 1271 C CAL . 4WN E 4 .   ? -5.185  -8.397  0.846   1.00 10.21 ?  204 4WN A CAL 1 
HETATM 1272 N NAR . 4WN E 4 .   ? -4.963  -9.588  1.680   1.00 13.16 ?  204 4WN A NAR 1 
HETATM 1273 C CAK . 4WN E 4 .   ? -4.292  -9.182  2.937   1.00 14.67 ?  204 4WN A CAK 1 
HETATM 1274 C CAI . 4WN E 4 .   ? -4.155  -10.267 4.010   1.00 11.99 ?  204 4WN A CAI 1 
HETATM 1275 C CAQ . 4WN E 4 .   ? -2.888  -11.126 3.818   1.00 11.62 ?  204 4WN A CAQ 1 
HETATM 1276 N NAM . 4WN E 4 .   ? -1.860  -10.772 3.081   1.00 12.90 ?  204 4WN A NAM 1 
HETATM 1277 C CAD . 4WN E 4 .   ? -0.946  -11.749 3.122   1.00 12.87 ?  204 4WN A CAD 1 
HETATM 1278 C CAG . 4WN E 4 .   ? -1.432  -12.700 3.920   1.00 14.96 ?  204 4WN A CAG 1 
HETATM 1279 N NAS . 4WN E 4 .   ? -2.640  -12.331 4.349   1.00 15.88 ?  204 4WN A NAS 1 
HETATM 1280 C CAA . 4WN E 4 .   ? -3.540  -13.113 5.273   1.00 15.12 ?  204 4WN A CAA 1 
HETATM 1281 O O   . HOH F 5 .   ? -6.490  -14.127 -6.858  1.00 22.85 ?  301 HOH A O   1 
HETATM 1282 O O   . HOH F 5 .   ? -3.008  -13.168 -8.134  1.00 23.66 ?  302 HOH A O   1 
HETATM 1283 O O   . HOH F 5 .   ? -4.334  14.304  7.960   1.00 17.11 ?  303 HOH A O   1 
HETATM 1284 O O   . HOH F 5 .   ? 3.341   -15.329 -3.458  1.00 20.81 ?  304 HOH A O   1 
HETATM 1285 O O   . HOH F 5 .   ? 12.821  -4.127  -15.411 1.00 23.26 ?  305 HOH A O   1 
HETATM 1286 O O   . HOH F 5 .   ? 10.941  -8.132  6.715   1.00 9.54  ?  306 HOH A O   1 
HETATM 1287 O O   . HOH F 5 .   ? 2.015   -10.333 9.608   1.00 16.49 ?  307 HOH A O   1 
HETATM 1288 O O   . HOH F 5 .   ? 11.846  -4.838  -2.427  1.00 21.74 ?  308 HOH A O   1 
HETATM 1289 O O   . HOH F 5 .   ? -8.722  -4.889  -16.532 1.00 22.58 ?  309 HOH A O   1 
HETATM 1290 O O   . HOH F 5 .   ? 8.627   1.555   12.894  1.00 14.00 ?  310 HOH A O   1 
HETATM 1291 O O   . HOH F 5 .   ? -5.526  -5.746  16.812  1.00 10.54 ?  311 HOH A O   1 
HETATM 1292 O O   . HOH F 5 .   ? -9.440  5.919   -4.869  1.00 11.93 ?  312 HOH A O   1 
HETATM 1293 O O   . HOH F 5 .   ? -13.575 -5.716  -1.977  1.00 9.61  ?  313 HOH A O   1 
HETATM 1294 O O   . HOH F 5 .   ? 2.180   11.565  1.980   1.00 9.77  ?  314 HOH A O   1 
HETATM 1295 O O   . HOH F 5 .   ? 4.582   -7.100  -0.031  1.00 6.81  ?  315 HOH A O   1 
HETATM 1296 O O   . HOH F 5 .   ? 5.855   8.025   11.107  1.00 14.98 ?  316 HOH A O   1 
HETATM 1297 O O   . HOH F 5 .   ? 13.359  0.447   -6.560  1.00 15.89 ?  317 HOH A O   1 
HETATM 1298 O O   . HOH F 5 .   ? -5.056  4.101   -10.074 1.00 27.35 ?  318 HOH A O   1 
HETATM 1299 O O   . HOH F 5 .   ? -10.253 12.803  3.996   1.00 9.05  ?  319 HOH A O   1 
HETATM 1300 O O   . HOH F 5 .   ? -14.871 -4.273  -9.389  1.00 11.58 ?  320 HOH A O   1 
HETATM 1301 O O   . HOH F 5 .   ? 4.110   0.969   -17.997 1.00 18.43 ?  321 HOH A O   1 
HETATM 1302 O O   . HOH F 5 .   ? -15.643 6.417   6.161   1.00 21.56 ?  322 HOH A O   1 
HETATM 1303 O O   . HOH F 5 .   ? 5.813   10.928  2.273   1.00 17.45 ?  323 HOH A O   1 
HETATM 1304 O O   . HOH F 5 .   ? -5.374  -8.986  -16.123 1.00 22.79 ?  324 HOH A O   1 
HETATM 1305 O O   . HOH F 5 .   ? 4.590   0.637   19.164  1.00 17.48 ?  325 HOH A O   1 
HETATM 1306 O O   . HOH F 5 .   ? -3.144  -12.236 -10.994 1.00 17.57 ?  326 HOH A O   1 
HETATM 1307 O O   . HOH F 5 .   ? 1.724   15.883  9.805   1.00 20.16 ?  327 HOH A O   1 
HETATM 1308 O O   . HOH F 5 .   ? 17.689  -5.871  3.234   1.00 21.22 ?  328 HOH A O   1 
HETATM 1309 O O   . HOH F 5 .   ? -10.340 7.437   -0.238  1.00 6.81  ?  329 HOH A O   1 
HETATM 1310 O O   . HOH F 5 .   ? -9.302  -3.846  -3.821  1.00 11.61 ?  330 HOH A O   1 
HETATM 1311 O O   . HOH F 5 .   ? -7.055  3.101   19.429  1.00 19.46 ?  331 HOH A O   1 
HETATM 1312 O O   . HOH F 5 .   ? -1.260  11.968  -5.061  1.00 23.97 ?  332 HOH A O   1 
HETATM 1313 O O   . HOH F 5 .   ? 16.908  -4.101  13.309  1.00 11.53 ?  333 HOH A O   1 
HETATM 1314 O O   . HOH F 5 .   ? 8.104   4.398   -9.768  1.00 13.66 ?  334 HOH A O   1 
HETATM 1315 O O   . HOH F 5 .   ? -7.161  8.256   14.140  1.00 15.86 ?  335 HOH A O   1 
HETATM 1316 O O   . HOH F 5 .   ? -3.413  -12.008 -5.720  1.00 16.10 ?  336 HOH A O   1 
HETATM 1317 O O   . HOH F 5 .   ? 2.256   4.355   -17.641 1.00 22.73 ?  337 HOH A O   1 
HETATM 1318 O O   . HOH F 5 .   ? 0.702   15.154  7.371   1.00 11.64 ?  338 HOH A O   1 
HETATM 1319 O O   . HOH F 5 .   ? 6.383   7.840   -3.365  1.00 21.91 ?  339 HOH A O   1 
HETATM 1320 O O   . HOH F 5 .   ? -3.500  -5.472  -0.036  1.00 8.09  ?  340 HOH A O   1 
HETATM 1321 O O   . HOH F 5 .   ? 13.890  -1.444  4.078   1.00 12.69 ?  341 HOH A O   1 
HETATM 1322 O O   . HOH F 5 .   ? 2.370   -14.273 2.767   1.00 19.25 ?  342 HOH A O   1 
HETATM 1323 O O   . HOH F 5 .   ? -17.051 2.788   -2.082  1.00 17.12 ?  343 HOH A O   1 
HETATM 1324 O O   . HOH F 5 .   ? -4.570  -7.288  5.991   1.00 11.71 ?  344 HOH A O   1 
HETATM 1325 O O   . HOH F 5 .   ? -12.998 6.554   -7.016  1.00 22.39 ?  345 HOH A O   1 
HETATM 1326 O O   . HOH F 5 .   ? -3.335  5.797   16.544  1.00 19.46 ?  346 HOH A O   1 
HETATM 1327 O O   . HOH F 5 .   ? -10.617 -1.421  6.432   1.00 15.24 ?  347 HOH A O   1 
HETATM 1328 O O   . HOH F 5 .   ? -7.882  -2.689  4.388   1.00 20.89 ?  348 HOH A O   1 
HETATM 1329 O O   . HOH F 5 .   ? 7.430   -10.799 -4.077  1.00 17.98 ?  349 HOH A O   1 
HETATM 1330 O O   . HOH F 5 .   ? 9.466   -8.284  14.663  1.00 16.35 ?  350 HOH A O   1 
HETATM 1331 O O   . HOH F 5 .   ? 7.164   7.560   15.143  1.00 20.98 ?  351 HOH A O   1 
HETATM 1332 O O   . HOH F 5 .   ? 2.242   13.153  10.533  1.00 17.21 ?  352 HOH A O   1 
HETATM 1333 O O   . HOH F 5 .   ? 5.992   -0.963  -21.052 1.00 15.31 ?  353 HOH A O   1 
HETATM 1334 O O   . HOH F 5 .   ? -2.328  -10.953 7.670   1.00 20.48 ?  354 HOH A O   1 
HETATM 1335 O O   . HOH F 5 .   ? 6.749   8.899   -0.906  1.00 13.47 ?  355 HOH A O   1 
HETATM 1336 O O   . HOH F 5 .   ? -11.715 4.210   13.653  1.00 17.92 ?  356 HOH A O   1 
HETATM 1337 O O   . HOH F 5 .   ? 4.925   10.883  9.314   1.00 23.06 ?  357 HOH A O   1 
HETATM 1338 O O   . HOH F 5 .   ? 0.519   -13.387 -5.931  1.00 20.41 ?  358 HOH A O   1 
HETATM 1339 O O   . HOH F 5 .   ? -15.648 9.655   0.130   1.00 12.85 ?  359 HOH A O   1 
HETATM 1340 O O   . HOH F 5 .   ? 9.532   3.963   6.654   1.00 10.56 ?  360 HOH A O   1 
HETATM 1341 O O   . HOH F 5 .   ? 0.521   -8.791  13.437  1.00 22.95 ?  361 HOH A O   1 
HETATM 1342 O O   . HOH F 5 .   ? -8.359  -6.040  1.136   1.00 11.65 ?  362 HOH A O   1 
HETATM 1343 O O   . HOH F 5 .   ? -0.412  11.988  -2.941  1.00 21.29 ?  363 HOH A O   1 
HETATM 1344 O O   . HOH F 5 .   ? -4.780  -5.814  3.700   1.00 16.56 ?  364 HOH A O   1 
HETATM 1345 O O   . HOH F 5 .   ? 4.215   -12.593 4.059   1.00 18.99 ?  365 HOH A O   1 
HETATM 1346 O O   . HOH F 5 .   ? 2.187   1.588   18.646  1.00 15.18 ?  366 HOH A O   1 
HETATM 1347 O O   . HOH F 5 .   ? -0.032  -12.170 7.266   1.00 22.99 ?  367 HOH A O   1 
HETATM 1348 O O   . HOH F 5 .   ? -9.951  -3.738  0.705   1.00 11.73 ?  368 HOH A O   1 
HETATM 1349 O O   . HOH F 5 .   ? -1.401  -12.753 -4.063  1.00 13.10 ?  369 HOH A O   1 
HETATM 1350 O O   . HOH F 5 .   ? 9.466   2.358   15.929  1.00 15.54 ?  370 HOH A O   1 
HETATM 1351 O O   . HOH F 5 .   ? 1.062   13.676  -1.400  1.00 26.03 ?  371 HOH A O   1 
HETATM 1352 O O   . HOH F 5 .   ? -9.435  -8.869  -15.732 1.00 23.83 ?  372 HOH A O   1 
HETATM 1353 O O   . HOH F 5 .   ? -17.883 10.330  1.441   1.00 23.29 ?  373 HOH A O   1 
HETATM 1354 O O   . HOH F 5 .   ? -3.865  -0.469  21.847  1.00 24.51 ?  374 HOH A O   1 
HETATM 1355 O O   . HOH F 5 .   ? -1.935  15.349  6.914   1.00 14.06 ?  375 HOH A O   1 
HETATM 1356 O O   . HOH F 5 .   ? -2.734  16.523  4.611   1.00 19.10 ?  376 HOH A O   1 
HETATM 1357 O O   . HOH F 5 .   ? 2.436   -15.681 -5.969  1.00 20.73 ?  377 HOH A O   1 
HETATM 1358 O O   . HOH F 5 .   ? -10.118 -2.342  3.134   1.00 17.48 ?  378 HOH A O   1 
HETATM 1359 O O   . HOH F 5 .   ? -12.115 -6.611  2.631   1.00 18.87 ?  379 HOH A O   1 
HETATM 1360 O O   . HOH F 5 .   ? 12.947  2.071   18.899  1.00 9.97  ?  380 HOH A O   1 
HETATM 1361 O O   . HOH F 5 .   ? -17.038 -3.160  -0.438  1.00 18.97 ?  381 HOH A O   1 
HETATM 1362 O O   . HOH F 5 .   ? 6.131   2.802   19.731  1.00 24.36 ?  382 HOH A O   1 
HETATM 1363 O O   . HOH F 5 .   ? -15.023 -3.611  1.694   1.00 24.58 ?  383 HOH A O   1 
# 
